data_1UJX
#
_entry.id   1UJX
#
_entity_poly.entity_id   1
_entity_poly.type   'polypeptide(L)'
_entity_poly.pdbx_seq_one_letter_code
;GSSGSSGMSQLGSRGRLWLQSPTGGPPPIFLPSDGQALVLGRGPLTQVTDRKCSRNQVELIADPESRTVAVKQLGVNPST
VGVQELKPGLSGSLSLGDVLYLVNGLYPLTLRWSGPSSG
;
_entity_poly.pdbx_strand_id   A
#
# COMPACT_ATOMS: atom_id res chain seq x y z
N GLY A 1 -27.33 -28.06 17.34
CA GLY A 1 -26.28 -28.94 17.82
C GLY A 1 -25.19 -28.15 18.53
N SER A 2 -24.01 -28.75 18.58
CA SER A 2 -22.87 -28.11 19.23
C SER A 2 -21.70 -28.01 18.25
N SER A 3 -21.43 -26.79 17.81
CA SER A 3 -20.34 -26.55 16.89
C SER A 3 -19.01 -26.93 17.53
N GLY A 4 -18.72 -26.28 18.65
CA GLY A 4 -17.48 -26.54 19.37
C GLY A 4 -16.27 -26.07 18.56
N SER A 5 -15.17 -26.79 18.71
CA SER A 5 -13.94 -26.46 18.01
C SER A 5 -13.43 -25.10 18.48
N SER A 6 -12.19 -25.11 18.95
CA SER A 6 -11.57 -23.89 19.44
C SER A 6 -12.33 -23.36 20.65
N GLY A 7 -11.66 -22.50 21.40
CA GLY A 7 -12.26 -21.91 22.59
C GLY A 7 -12.10 -20.40 22.59
N MET A 8 -10.87 -19.97 22.86
CA MET A 8 -10.57 -18.54 22.90
C MET A 8 -9.06 -18.30 22.94
N SER A 9 -8.67 -17.11 22.50
CA SER A 9 -7.27 -16.75 22.47
C SER A 9 -7.09 -15.38 21.80
N GLN A 10 -6.26 -14.55 22.43
CA GLN A 10 -6.00 -13.22 21.90
C GLN A 10 -4.82 -12.59 22.64
N LEU A 11 -3.84 -12.17 21.86
CA LEU A 11 -2.65 -11.55 22.43
C LEU A 11 -2.91 -10.05 22.60
N GLY A 12 -3.09 -9.37 21.48
CA GLY A 12 -3.33 -7.94 21.48
C GLY A 12 -4.54 -7.59 20.61
N SER A 13 -4.61 -6.32 20.25
CA SER A 13 -5.69 -5.84 19.41
C SER A 13 -5.36 -6.06 17.93
N ARG A 14 -4.06 -6.01 17.64
CA ARG A 14 -3.60 -6.21 16.28
C ARG A 14 -4.44 -5.37 15.30
N GLY A 15 -4.19 -5.59 14.02
CA GLY A 15 -4.92 -4.87 12.99
C GLY A 15 -4.50 -5.34 11.59
N ARG A 16 -4.80 -4.51 10.61
CA ARG A 16 -4.46 -4.84 9.23
C ARG A 16 -4.09 -3.57 8.47
N LEU A 17 -3.14 -3.71 7.55
CA LEU A 17 -2.69 -2.59 6.75
C LEU A 17 -3.61 -2.43 5.54
N TRP A 18 -3.73 -1.19 5.10
CA TRP A 18 -4.59 -0.87 3.96
C TRP A 18 -4.27 0.55 3.50
N LEU A 19 -4.80 0.89 2.34
CA LEU A 19 -4.57 2.22 1.78
C LEU A 19 -5.88 2.99 1.77
N GLN A 20 -5.78 4.28 2.06
CA GLN A 20 -6.95 5.14 2.09
C GLN A 20 -6.94 6.07 0.88
N SER A 21 -8.09 6.13 0.21
CA SER A 21 -8.24 6.98 -0.96
C SER A 21 -9.23 8.10 -0.67
N PRO A 22 -8.99 9.26 -1.32
CA PRO A 22 -9.85 10.42 -1.14
C PRO A 22 -11.17 10.24 -1.89
N THR A 23 -12.11 11.12 -1.59
CA THR A 23 -13.42 11.07 -2.22
C THR A 23 -13.27 10.72 -3.71
N GLY A 24 -14.36 10.25 -4.29
CA GLY A 24 -14.38 9.88 -5.69
C GLY A 24 -13.20 8.97 -6.02
N GLY A 25 -12.92 8.06 -5.11
CA GLY A 25 -11.83 7.12 -5.29
C GLY A 25 -12.29 5.68 -5.04
N PRO A 26 -11.33 4.73 -5.19
CA PRO A 26 -11.62 3.32 -4.98
C PRO A 26 -11.76 3.01 -3.49
N PRO A 27 -12.17 1.74 -3.20
CA PRO A 27 -12.34 1.30 -1.83
C PRO A 27 -10.99 1.05 -1.17
N PRO A 28 -11.04 0.76 0.16
CA PRO A 28 -9.83 0.49 0.92
C PRO A 28 -9.28 -0.91 0.61
N ILE A 29 -8.18 -0.93 -0.13
CA ILE A 29 -7.55 -2.18 -0.50
C ILE A 29 -6.71 -2.70 0.68
N PHE A 30 -6.86 -3.98 0.95
CA PHE A 30 -6.13 -4.61 2.03
C PHE A 30 -4.87 -5.29 1.52
N LEU A 31 -3.74 -4.64 1.77
CA LEU A 31 -2.45 -5.17 1.34
C LEU A 31 -2.30 -6.60 1.86
N PRO A 32 -1.48 -7.40 1.11
CA PRO A 32 -1.24 -8.78 1.49
C PRO A 32 -0.30 -8.87 2.69
N SER A 33 -0.78 -9.54 3.72
CA SER A 33 0.00 -9.71 4.94
C SER A 33 1.03 -10.83 4.75
N ASP A 34 0.65 -11.80 3.93
CA ASP A 34 1.52 -12.93 3.66
C ASP A 34 2.94 -12.42 3.38
N GLY A 35 3.00 -11.19 2.90
CA GLY A 35 4.28 -10.57 2.59
C GLY A 35 4.40 -10.29 1.09
N GLN A 36 3.40 -10.74 0.36
CA GLN A 36 3.39 -10.55 -1.08
C GLN A 36 3.57 -9.07 -1.42
N ALA A 37 3.65 -8.80 -2.72
CA ALA A 37 3.83 -7.43 -3.18
C ALA A 37 2.64 -7.05 -4.07
N LEU A 38 1.94 -6.01 -3.65
CA LEU A 38 0.79 -5.53 -4.39
C LEU A 38 1.22 -4.42 -5.34
N VAL A 39 1.37 -4.78 -6.60
CA VAL A 39 1.78 -3.83 -7.62
C VAL A 39 0.62 -2.87 -7.91
N LEU A 40 0.91 -1.58 -7.81
CA LEU A 40 -0.10 -0.56 -8.07
C LEU A 40 0.21 0.13 -9.40
N GLY A 41 -0.83 0.68 -9.99
CA GLY A 41 -0.69 1.36 -11.27
C GLY A 41 -2.05 1.53 -11.95
N ARG A 42 -2.01 1.62 -13.27
CA ARG A 42 -3.22 1.79 -14.05
C ARG A 42 -4.12 0.55 -13.91
N GLY A 43 -5.40 0.80 -13.80
CA GLY A 43 -6.37 -0.27 -13.65
C GLY A 43 -7.42 0.07 -12.59
N PRO A 44 -8.26 -0.94 -12.27
CA PRO A 44 -9.31 -0.76 -11.28
C PRO A 44 -8.72 -0.76 -9.86
N LEU A 45 -7.45 -1.11 -9.78
CA LEU A 45 -6.77 -1.16 -8.50
C LEU A 45 -6.95 0.18 -7.79
N THR A 46 -6.45 1.23 -8.44
CA THR A 46 -6.55 2.57 -7.88
C THR A 46 -7.44 3.45 -8.75
N GLN A 47 -8.07 2.81 -9.73
CA GLN A 47 -8.95 3.52 -10.65
C GLN A 47 -8.15 4.52 -11.48
N VAL A 48 -6.85 4.28 -11.55
CA VAL A 48 -5.97 5.16 -12.31
C VAL A 48 -6.01 4.74 -13.79
N THR A 49 -6.22 5.74 -14.64
CA THR A 49 -6.28 5.49 -16.08
C THR A 49 -5.36 6.46 -16.82
N ASP A 50 -4.31 6.89 -16.13
CA ASP A 50 -3.36 7.82 -16.71
C ASP A 50 -2.21 7.03 -17.35
N ARG A 51 -1.99 7.32 -18.63
CA ARG A 51 -0.93 6.65 -19.37
C ARG A 51 0.40 6.78 -18.64
N LYS A 52 0.53 7.89 -17.91
CA LYS A 52 1.74 8.15 -17.15
C LYS A 52 1.93 7.06 -16.11
N CYS A 53 0.83 6.41 -15.77
CA CYS A 53 0.87 5.34 -14.78
C CYS A 53 1.10 4.02 -15.51
N SER A 54 1.93 3.18 -14.90
CA SER A 54 2.25 1.88 -15.47
C SER A 54 1.67 0.76 -14.60
N ARG A 55 1.10 -0.23 -15.28
CA ARG A 55 0.52 -1.37 -14.58
C ARG A 55 1.36 -1.73 -13.36
N ASN A 56 2.67 -1.60 -13.52
CA ASN A 56 3.59 -1.92 -12.45
C ASN A 56 4.47 -0.70 -12.16
N GLN A 57 3.82 0.39 -11.80
CA GLN A 57 4.52 1.63 -11.50
C GLN A 57 5.43 1.44 -10.28
N VAL A 58 4.84 0.83 -9.24
CA VAL A 58 5.58 0.59 -8.02
C VAL A 58 5.10 -0.72 -7.39
N GLU A 59 5.85 -1.19 -6.41
CA GLU A 59 5.52 -2.42 -5.73
C GLU A 59 5.33 -2.17 -4.22
N LEU A 60 4.08 -2.25 -3.79
CA LEU A 60 3.76 -2.04 -2.39
C LEU A 60 3.75 -3.37 -1.66
N ILE A 61 4.25 -3.34 -0.44
CA ILE A 61 4.32 -4.55 0.37
C ILE A 61 3.93 -4.21 1.81
N ALA A 62 2.87 -4.86 2.29
CA ALA A 62 2.40 -4.63 3.63
C ALA A 62 3.34 -5.31 4.63
N ASP A 63 3.94 -4.50 5.47
CA ASP A 63 4.87 -5.02 6.48
C ASP A 63 4.29 -4.75 7.88
N PRO A 64 3.47 -5.73 8.35
CA PRO A 64 2.87 -5.61 9.66
C PRO A 64 3.89 -5.88 10.78
N GLU A 65 5.11 -6.16 10.35
CA GLU A 65 6.18 -6.44 11.29
C GLU A 65 6.47 -5.20 12.14
N SER A 66 6.40 -4.04 11.49
CA SER A 66 6.65 -2.78 12.18
C SER A 66 5.73 -1.69 11.63
N ARG A 67 4.56 -2.13 11.18
CA ARG A 67 3.59 -1.21 10.63
C ARG A 67 4.24 -0.31 9.57
N THR A 68 4.83 -0.97 8.58
CA THR A 68 5.50 -0.24 7.50
C THR A 68 5.12 -0.86 6.14
N VAL A 69 5.59 -0.21 5.09
CA VAL A 69 5.32 -0.67 3.74
C VAL A 69 6.50 -0.33 2.84
N ALA A 70 6.93 -1.32 2.07
CA ALA A 70 8.04 -1.14 1.16
C ALA A 70 7.51 -0.75 -0.22
N VAL A 71 8.22 0.17 -0.86
CA VAL A 71 7.83 0.63 -2.18
C VAL A 71 9.03 0.53 -3.12
N LYS A 72 8.78 -0.07 -4.28
CA LYS A 72 9.83 -0.24 -5.27
C LYS A 72 9.29 0.17 -6.65
N GLN A 73 9.99 1.11 -7.26
CA GLN A 73 9.60 1.59 -8.58
C GLN A 73 10.04 0.61 -9.66
N LEU A 74 9.06 0.11 -10.40
CA LEU A 74 9.32 -0.85 -11.46
C LEU A 74 8.88 -0.24 -12.80
N GLY A 75 8.41 0.99 -12.72
CA GLY A 75 7.95 1.70 -13.91
C GLY A 75 9.05 2.62 -14.46
N VAL A 76 8.60 3.72 -15.05
CA VAL A 76 9.53 4.68 -15.62
C VAL A 76 9.35 6.03 -14.91
N ASN A 77 8.09 6.42 -14.75
CA ASN A 77 7.77 7.67 -14.09
C ASN A 77 8.29 7.63 -12.64
N PRO A 78 8.87 8.77 -12.21
CA PRO A 78 9.40 8.88 -10.86
C PRO A 78 8.28 9.02 -9.84
N SER A 79 8.25 8.10 -8.90
CA SER A 79 7.24 8.12 -7.85
C SER A 79 7.76 8.87 -6.63
N THR A 80 6.81 9.32 -5.81
CA THR A 80 7.16 10.05 -4.60
C THR A 80 6.62 9.34 -3.37
N VAL A 81 7.53 9.03 -2.46
CA VAL A 81 7.16 8.34 -1.24
C VAL A 81 7.15 9.34 -0.08
N GLY A 82 6.08 10.11 -0.02
CA GLY A 82 5.93 11.11 1.02
C GLY A 82 6.29 12.51 0.50
N VAL A 83 7.55 12.88 0.71
CA VAL A 83 8.03 14.17 0.27
C VAL A 83 9.39 14.00 -0.43
N GLN A 84 9.66 12.75 -0.81
CA GLN A 84 10.91 12.44 -1.49
C GLN A 84 10.63 11.73 -2.82
N GLU A 85 11.36 12.15 -3.84
CA GLU A 85 11.20 11.56 -5.15
C GLU A 85 12.00 10.27 -5.26
N LEU A 86 11.41 9.30 -5.97
CA LEU A 86 12.06 8.01 -6.15
C LEU A 86 12.69 7.95 -7.54
N LYS A 87 13.20 6.78 -7.87
CA LYS A 87 13.83 6.58 -9.16
C LYS A 87 13.46 5.19 -9.70
N PRO A 88 13.84 4.95 -10.98
CA PRO A 88 13.56 3.68 -11.62
C PRO A 88 14.49 2.58 -11.10
N GLY A 89 13.89 1.62 -10.41
CA GLY A 89 14.65 0.51 -9.86
C GLY A 89 15.01 0.78 -8.39
N LEU A 90 14.55 1.91 -7.90
CA LEU A 90 14.82 2.30 -6.53
C LEU A 90 13.79 1.64 -5.60
N SER A 91 13.92 1.93 -4.32
CA SER A 91 13.01 1.37 -3.33
C SER A 91 13.05 2.21 -2.05
N GLY A 92 11.88 2.38 -1.46
CA GLY A 92 11.75 3.16 -0.23
C GLY A 92 10.78 2.51 0.74
N SER A 93 10.42 3.27 1.76
CA SER A 93 9.49 2.77 2.77
C SER A 93 8.40 3.82 3.03
N LEU A 94 7.24 3.33 3.43
CA LEU A 94 6.11 4.20 3.71
C LEU A 94 5.60 3.92 5.12
N SER A 95 5.43 4.98 5.89
CA SER A 95 4.94 4.87 7.25
C SER A 95 3.43 5.07 7.29
N LEU A 96 2.84 4.69 8.40
CA LEU A 96 1.40 4.82 8.58
C LEU A 96 1.01 6.29 8.48
N GLY A 97 0.37 6.63 7.37
CA GLY A 97 -0.05 8.00 7.13
C GLY A 97 0.66 8.61 5.92
N ASP A 98 1.86 8.10 5.69
CA ASP A 98 2.67 8.58 4.57
C ASP A 98 1.88 8.41 3.27
N VAL A 99 2.21 9.24 2.30
CA VAL A 99 1.55 9.20 1.01
C VAL A 99 2.47 8.55 -0.02
N LEU A 100 1.87 8.07 -1.10
CA LEU A 100 2.63 7.43 -2.17
C LEU A 100 2.05 7.85 -3.52
N TYR A 101 2.51 9.00 -3.99
CA TYR A 101 2.03 9.52 -5.27
C TYR A 101 2.41 8.57 -6.41
N LEU A 102 1.43 7.78 -6.82
CA LEU A 102 1.65 6.82 -7.90
C LEU A 102 2.57 7.44 -8.95
N VAL A 103 2.13 8.56 -9.50
CA VAL A 103 2.91 9.27 -10.51
C VAL A 103 2.39 10.69 -10.65
N ASN A 104 3.16 11.50 -11.35
CA ASN A 104 2.79 12.89 -11.57
C ASN A 104 2.42 13.54 -10.23
N GLY A 105 3.06 13.05 -9.18
CA GLY A 105 2.82 13.56 -7.84
C GLY A 105 1.32 13.58 -7.54
N LEU A 106 0.58 12.78 -8.28
CA LEU A 106 -0.85 12.70 -8.11
C LEU A 106 -1.23 11.31 -7.62
N TYR A 107 -2.53 11.05 -7.57
CA TYR A 107 -3.03 9.77 -7.12
C TYR A 107 -2.28 9.29 -5.87
N PRO A 108 -2.41 10.10 -4.79
CA PRO A 108 -1.76 9.77 -3.53
C PRO A 108 -2.48 8.64 -2.81
N LEU A 109 -1.69 7.74 -2.23
CA LEU A 109 -2.24 6.61 -1.51
C LEU A 109 -1.84 6.69 -0.04
N THR A 110 -2.79 7.10 0.78
CA THR A 110 -2.55 7.23 2.21
C THR A 110 -2.56 5.86 2.87
N LEU A 111 -1.48 5.57 3.58
CA LEU A 111 -1.35 4.30 4.27
C LEU A 111 -2.08 4.37 5.61
N ARG A 112 -2.94 3.39 5.82
CA ARG A 112 -3.71 3.32 7.05
C ARG A 112 -3.66 1.91 7.65
N TRP A 113 -3.88 1.84 8.95
CA TRP A 113 -3.86 0.57 9.65
C TRP A 113 -5.14 0.46 10.48
N SER A 114 -5.78 -0.69 10.39
CA SER A 114 -7.01 -0.93 11.11
C SER A 114 -6.70 -1.15 12.61
N GLY A 115 -7.56 -0.59 13.44
CA GLY A 115 -7.38 -0.72 14.88
C GLY A 115 -8.69 -0.40 15.62
N PRO A 116 -9.37 -1.47 16.08
CA PRO A 116 -10.63 -1.32 16.80
C PRO A 116 -10.38 -0.83 18.23
N SER A 117 -11.42 -0.27 18.81
CA SER A 117 -11.34 0.24 20.17
C SER A 117 -12.10 -0.68 21.13
N SER A 118 -11.92 -0.42 22.41
CA SER A 118 -12.58 -1.21 23.44
C SER A 118 -12.00 -2.64 23.45
N GLY A 119 -11.53 -3.04 24.61
CA GLY A 119 -10.96 -4.36 24.76
C GLY A 119 -9.54 -4.29 25.35
N GLY A 1 -8.32 -15.83 5.24
CA GLY A 1 -9.19 -15.26 4.22
C GLY A 1 -9.38 -16.23 3.06
N SER A 2 -8.39 -16.25 2.17
CA SER A 2 -8.44 -17.13 1.01
C SER A 2 -7.14 -17.92 0.90
N SER A 3 -7.28 -19.23 1.00
CA SER A 3 -6.13 -20.12 0.92
C SER A 3 -6.58 -21.58 0.92
N GLY A 4 -6.32 -22.25 -0.19
CA GLY A 4 -6.70 -23.64 -0.33
C GLY A 4 -7.99 -23.79 -1.15
N SER A 5 -8.97 -24.43 -0.53
CA SER A 5 -10.25 -24.64 -1.19
C SER A 5 -11.34 -23.82 -0.49
N SER A 6 -11.50 -24.09 0.79
CA SER A 6 -12.50 -23.39 1.59
C SER A 6 -12.33 -23.75 3.07
N GLY A 7 -12.05 -22.72 3.87
CA GLY A 7 -11.87 -22.92 5.29
C GLY A 7 -11.14 -21.73 5.92
N MET A 8 -11.86 -21.00 6.77
CA MET A 8 -11.29 -19.84 7.43
C MET A 8 -10.94 -20.16 8.89
N SER A 9 -9.68 -20.50 9.11
CA SER A 9 -9.22 -20.82 10.44
C SER A 9 -7.72 -20.54 10.56
N GLN A 10 -7.41 -19.31 10.91
CA GLN A 10 -6.01 -18.91 11.06
C GLN A 10 -5.92 -17.63 11.89
N LEU A 11 -5.09 -17.70 12.92
CA LEU A 11 -4.90 -16.56 13.80
C LEU A 11 -3.49 -16.00 13.61
N GLY A 12 -3.38 -14.68 13.79
CA GLY A 12 -2.10 -14.02 13.64
C GLY A 12 -2.25 -12.70 12.87
N SER A 13 -3.05 -11.82 13.46
CA SER A 13 -3.29 -10.51 12.85
C SER A 13 -3.90 -9.56 13.88
N ARG A 14 -3.17 -8.51 14.18
CA ARG A 14 -3.62 -7.52 15.13
C ARG A 14 -3.77 -6.15 14.46
N GLY A 15 -3.89 -6.19 13.15
CA GLY A 15 -4.04 -4.97 12.37
C GLY A 15 -3.44 -5.13 10.97
N ARG A 16 -4.32 -5.06 9.99
CA ARG A 16 -3.89 -5.19 8.60
C ARG A 16 -3.72 -3.81 7.96
N LEU A 17 -2.68 -3.69 7.14
CA LEU A 17 -2.40 -2.45 6.46
C LEU A 17 -3.27 -2.34 5.20
N TRP A 18 -3.50 -1.10 4.79
CA TRP A 18 -4.31 -0.86 3.60
C TRP A 18 -4.11 0.61 3.20
N LEU A 19 -4.66 0.94 2.04
CA LEU A 19 -4.54 2.31 1.53
C LEU A 19 -5.93 2.96 1.57
N GLN A 20 -5.93 4.25 1.85
CA GLN A 20 -7.16 5.01 1.92
C GLN A 20 -7.22 6.06 0.81
N SER A 21 -8.12 5.82 -0.14
CA SER A 21 -8.27 6.74 -1.26
C SER A 21 -9.22 7.88 -0.88
N PRO A 22 -8.96 9.07 -1.48
CA PRO A 22 -9.79 10.23 -1.21
C PRO A 22 -11.13 10.13 -1.92
N THR A 23 -12.03 11.03 -1.56
CA THR A 23 -13.35 11.06 -2.16
C THR A 23 -13.27 10.74 -3.66
N GLY A 24 -14.35 10.17 -4.16
CA GLY A 24 -14.42 9.82 -5.58
C GLY A 24 -13.19 8.99 -5.99
N GLY A 25 -12.98 7.90 -5.26
CA GLY A 25 -11.86 7.02 -5.54
C GLY A 25 -12.26 5.56 -5.36
N PRO A 26 -11.23 4.67 -5.47
CA PRO A 26 -11.46 3.23 -5.32
C PRO A 26 -11.66 2.87 -3.86
N PRO A 27 -12.02 1.58 -3.63
CA PRO A 27 -12.25 1.08 -2.28
C PRO A 27 -10.92 0.88 -1.54
N PRO A 28 -11.04 0.55 -0.23
CA PRO A 28 -9.87 0.33 0.60
C PRO A 28 -9.22 -1.02 0.28
N ILE A 29 -8.10 -0.96 -0.43
CA ILE A 29 -7.38 -2.16 -0.81
C ILE A 29 -6.56 -2.66 0.39
N PHE A 30 -6.72 -3.93 0.68
CA PHE A 30 -6.01 -4.55 1.80
C PHE A 30 -4.78 -5.31 1.30
N LEU A 31 -3.62 -4.81 1.73
CA LEU A 31 -2.36 -5.42 1.34
C LEU A 31 -2.24 -6.80 2.01
N PRO A 32 -1.28 -7.61 1.49
CA PRO A 32 -1.06 -8.94 2.03
C PRO A 32 -0.32 -8.87 3.37
N SER A 33 -0.19 -10.03 3.99
CA SER A 33 0.48 -10.12 5.28
C SER A 33 1.68 -11.08 5.17
N ASP A 34 1.48 -12.14 4.42
CA ASP A 34 2.53 -13.13 4.23
C ASP A 34 3.83 -12.42 3.87
N GLY A 35 3.69 -11.28 3.20
CA GLY A 35 4.84 -10.50 2.79
C GLY A 35 4.79 -10.20 1.29
N GLN A 36 3.76 -10.71 0.65
CA GLN A 36 3.59 -10.51 -0.77
C GLN A 36 3.74 -9.02 -1.12
N ALA A 37 3.74 -8.74 -2.41
CA ALA A 37 3.87 -7.38 -2.88
C ALA A 37 2.69 -7.05 -3.80
N LEU A 38 1.92 -6.05 -3.39
CA LEU A 38 0.77 -5.62 -4.16
C LEU A 38 1.19 -4.51 -5.14
N VAL A 39 1.21 -4.87 -6.41
CA VAL A 39 1.59 -3.93 -7.45
C VAL A 39 0.40 -3.03 -7.76
N LEU A 40 0.68 -1.72 -7.83
CA LEU A 40 -0.37 -0.76 -8.13
C LEU A 40 -0.04 -0.06 -9.45
N GLY A 41 -1.08 0.47 -10.08
CA GLY A 41 -0.92 1.17 -11.35
C GLY A 41 -2.26 1.31 -12.07
N ARG A 42 -2.16 1.55 -13.37
CA ARG A 42 -3.35 1.70 -14.18
C ARG A 42 -4.28 0.49 -14.01
N GLY A 43 -5.57 0.77 -14.05
CA GLY A 43 -6.56 -0.29 -13.89
C GLY A 43 -7.55 0.06 -12.78
N PRO A 44 -8.41 -0.95 -12.45
CA PRO A 44 -9.41 -0.76 -11.40
C PRO A 44 -8.77 -0.79 -10.01
N LEU A 45 -7.47 -1.05 -10.01
CA LEU A 45 -6.73 -1.10 -8.75
C LEU A 45 -6.87 0.23 -8.02
N THR A 46 -6.37 1.28 -8.68
CA THR A 46 -6.44 2.62 -8.11
C THR A 46 -7.34 3.51 -8.95
N GLN A 47 -8.00 2.90 -9.92
CA GLN A 47 -8.90 3.64 -10.80
C GLN A 47 -8.11 4.64 -11.64
N VAL A 48 -6.81 4.39 -11.74
CA VAL A 48 -5.93 5.25 -12.51
C VAL A 48 -6.01 4.86 -13.98
N THR A 49 -6.14 5.89 -14.82
CA THR A 49 -6.23 5.67 -16.26
C THR A 49 -5.05 6.33 -16.97
N ASP A 50 -4.33 7.15 -16.22
CA ASP A 50 -3.17 7.84 -16.76
C ASP A 50 -2.22 6.82 -17.39
N ARG A 51 -1.86 7.09 -18.64
CA ARG A 51 -0.96 6.20 -19.36
C ARG A 51 0.37 6.09 -18.63
N LYS A 52 0.90 7.23 -18.23
CA LYS A 52 2.17 7.27 -17.52
C LYS A 52 2.15 6.22 -16.40
N CYS A 53 0.94 5.93 -15.93
CA CYS A 53 0.77 4.95 -14.87
C CYS A 53 0.84 3.56 -15.49
N SER A 54 1.89 2.82 -15.12
CA SER A 54 2.08 1.48 -15.62
C SER A 54 1.47 0.46 -14.67
N ARG A 55 0.82 -0.54 -15.25
CA ARG A 55 0.18 -1.58 -14.46
C ARG A 55 1.05 -1.93 -13.25
N ASN A 56 2.35 -1.85 -13.45
CA ASN A 56 3.30 -2.16 -12.39
C ASN A 56 4.23 -0.97 -12.19
N GLN A 57 3.63 0.17 -11.87
CA GLN A 57 4.40 1.38 -11.65
C GLN A 57 5.29 1.23 -10.41
N VAL A 58 4.66 0.76 -9.33
CA VAL A 58 5.37 0.57 -8.08
C VAL A 58 4.93 -0.75 -7.45
N GLU A 59 5.65 -1.14 -6.40
CA GLU A 59 5.35 -2.38 -5.71
C GLU A 59 5.23 -2.12 -4.20
N LEU A 60 3.99 -2.18 -3.73
CA LEU A 60 3.73 -1.96 -2.31
C LEU A 60 3.74 -3.31 -1.58
N ILE A 61 4.33 -3.29 -0.39
CA ILE A 61 4.41 -4.49 0.43
C ILE A 61 4.01 -4.16 1.86
N ALA A 62 3.04 -4.92 2.37
CA ALA A 62 2.57 -4.71 3.73
C ALA A 62 3.58 -5.28 4.71
N ASP A 63 4.00 -4.43 5.64
CA ASP A 63 4.98 -4.83 6.64
C ASP A 63 4.40 -4.59 8.04
N PRO A 64 3.64 -5.61 8.53
CA PRO A 64 3.02 -5.53 9.84
C PRO A 64 4.07 -5.71 10.95
N GLU A 65 5.29 -5.98 10.52
CA GLU A 65 6.38 -6.18 11.47
C GLU A 65 6.66 -4.89 12.24
N SER A 66 6.82 -3.81 11.48
CA SER A 66 7.10 -2.51 12.08
C SER A 66 6.14 -1.47 11.51
N ARG A 67 4.90 -1.90 11.28
CA ARG A 67 3.88 -1.01 10.76
C ARG A 67 4.47 -0.14 9.65
N THR A 68 5.05 -0.80 8.66
CA THR A 68 5.65 -0.10 7.54
C THR A 68 5.22 -0.73 6.21
N VAL A 69 5.68 -0.13 5.14
CA VAL A 69 5.36 -0.62 3.80
C VAL A 69 6.50 -0.29 2.84
N ALA A 70 6.99 -1.33 2.17
CA ALA A 70 8.08 -1.15 1.23
C ALA A 70 7.51 -0.77 -0.14
N VAL A 71 8.25 0.06 -0.84
CA VAL A 71 7.83 0.51 -2.16
C VAL A 71 8.99 0.34 -3.15
N LYS A 72 8.64 -0.13 -4.34
CA LYS A 72 9.64 -0.34 -5.38
C LYS A 72 9.07 0.11 -6.72
N GLN A 73 9.75 1.07 -7.34
CA GLN A 73 9.33 1.59 -8.62
C GLN A 73 9.72 0.63 -9.74
N LEU A 74 8.72 0.05 -10.36
CA LEU A 74 8.94 -0.88 -11.46
C LEU A 74 8.55 -0.23 -12.78
N GLY A 75 8.17 1.04 -12.69
CA GLY A 75 7.77 1.79 -13.86
C GLY A 75 8.94 2.62 -14.41
N VAL A 76 8.59 3.77 -14.97
CA VAL A 76 9.60 4.65 -15.52
C VAL A 76 9.53 6.01 -14.81
N ASN A 77 8.31 6.52 -14.69
CA ASN A 77 8.09 7.80 -14.04
C ASN A 77 8.53 7.69 -12.57
N PRO A 78 9.18 8.78 -12.09
CA PRO A 78 9.66 8.82 -10.71
C PRO A 78 8.50 9.04 -9.74
N SER A 79 8.38 8.13 -8.79
CA SER A 79 7.32 8.21 -7.79
C SER A 79 7.83 8.96 -6.55
N THR A 80 6.88 9.47 -5.79
CA THR A 80 7.22 10.21 -4.58
C THR A 80 6.66 9.50 -3.35
N VAL A 81 7.56 9.17 -2.43
CA VAL A 81 7.17 8.48 -1.21
C VAL A 81 7.15 9.47 -0.05
N GLY A 82 6.00 10.11 0.13
CA GLY A 82 5.83 11.08 1.20
C GLY A 82 6.33 12.46 0.75
N VAL A 83 7.60 12.72 1.05
CA VAL A 83 8.19 14.00 0.69
C VAL A 83 9.54 13.74 0.01
N GLN A 84 9.70 12.52 -0.49
CA GLN A 84 10.92 12.14 -1.17
C GLN A 84 10.62 11.60 -2.57
N GLU A 85 11.53 11.87 -3.48
CA GLU A 85 11.37 11.42 -4.86
C GLU A 85 12.10 10.09 -5.07
N LEU A 86 11.45 9.21 -5.81
CA LEU A 86 12.03 7.91 -6.10
C LEU A 86 12.58 7.90 -7.52
N LYS A 87 13.00 6.72 -7.96
CA LYS A 87 13.55 6.56 -9.29
C LYS A 87 13.13 5.21 -9.85
N PRO A 88 13.41 5.02 -11.18
CA PRO A 88 13.06 3.78 -11.85
C PRO A 88 14.02 2.66 -11.45
N GLY A 89 13.59 1.88 -10.47
CA GLY A 89 14.39 0.76 -10.00
C GLY A 89 14.78 0.96 -8.53
N LEU A 90 14.34 2.08 -7.98
CA LEU A 90 14.63 2.40 -6.59
C LEU A 90 13.60 1.73 -5.69
N SER A 91 13.74 1.99 -4.40
CA SER A 91 12.83 1.42 -3.42
C SER A 91 12.88 2.23 -2.12
N GLY A 92 11.71 2.37 -1.50
CA GLY A 92 11.62 3.11 -0.26
C GLY A 92 10.61 2.46 0.69
N SER A 93 10.25 3.19 1.73
CA SER A 93 9.31 2.71 2.72
C SER A 93 8.24 3.77 2.99
N LEU A 94 7.07 3.30 3.40
CA LEU A 94 5.96 4.20 3.70
C LEU A 94 5.49 3.95 5.13
N SER A 95 5.38 5.04 5.88
CA SER A 95 4.94 4.96 7.27
C SER A 95 3.44 5.25 7.35
N LEU A 96 2.80 4.61 8.33
CA LEU A 96 1.38 4.79 8.52
C LEU A 96 1.03 6.28 8.41
N GLY A 97 0.33 6.61 7.33
CA GLY A 97 -0.06 7.99 7.09
C GLY A 97 0.65 8.56 5.87
N ASP A 98 1.93 8.21 5.76
CA ASP A 98 2.74 8.68 4.65
C ASP A 98 1.96 8.52 3.35
N VAL A 99 2.24 9.43 2.42
CA VAL A 99 1.57 9.39 1.13
C VAL A 99 2.47 8.69 0.11
N LEU A 100 1.85 8.24 -0.97
CA LEU A 100 2.59 7.55 -2.02
C LEU A 100 2.01 7.94 -3.37
N TYR A 101 2.49 9.07 -3.89
CA TYR A 101 2.02 9.55 -5.18
C TYR A 101 2.36 8.56 -6.30
N LEU A 102 1.37 7.78 -6.67
CA LEU A 102 1.54 6.79 -7.72
C LEU A 102 2.47 7.36 -8.81
N VAL A 103 2.01 8.47 -9.38
CA VAL A 103 2.78 9.12 -10.43
C VAL A 103 2.30 10.56 -10.58
N ASN A 104 2.94 11.29 -11.49
CA ASN A 104 2.59 12.67 -11.74
C ASN A 104 2.33 13.37 -10.41
N GLY A 105 3.07 12.94 -9.39
CA GLY A 105 2.92 13.52 -8.07
C GLY A 105 1.46 13.58 -7.65
N LEU A 106 0.65 12.76 -8.31
CA LEU A 106 -0.77 12.71 -8.00
C LEU A 106 -1.14 11.30 -7.55
N TYR A 107 -2.45 11.08 -7.43
CA TYR A 107 -2.95 9.78 -7.00
C TYR A 107 -2.21 9.30 -5.74
N PRO A 108 -2.32 10.11 -4.66
CA PRO A 108 -1.68 9.78 -3.40
C PRO A 108 -2.43 8.66 -2.68
N LEU A 109 -1.68 7.66 -2.26
CA LEU A 109 -2.25 6.52 -1.56
C LEU A 109 -1.85 6.58 -0.09
N THR A 110 -2.75 7.10 0.73
CA THR A 110 -2.51 7.21 2.15
C THR A 110 -2.49 5.84 2.81
N LEU A 111 -1.40 5.56 3.51
CA LEU A 111 -1.26 4.27 4.18
C LEU A 111 -1.98 4.32 5.53
N ARG A 112 -2.87 3.36 5.73
CA ARG A 112 -3.63 3.30 6.96
C ARG A 112 -3.44 1.92 7.63
N TRP A 113 -3.78 1.86 8.90
CA TRP A 113 -3.66 0.63 9.65
C TRP A 113 -5.03 0.28 10.22
N SER A 114 -5.36 -0.99 10.17
CA SER A 114 -6.64 -1.46 10.68
C SER A 114 -6.50 -1.84 12.15
N GLY A 115 -7.63 -1.74 12.86
CA GLY A 115 -7.64 -2.06 14.27
C GLY A 115 -8.53 -1.07 15.04
N PRO A 116 -8.15 -0.86 16.33
CA PRO A 116 -8.91 0.05 17.19
C PRO A 116 -8.61 1.50 16.83
N SER A 117 -9.60 2.35 17.08
CA SER A 117 -9.45 3.77 16.78
C SER A 117 -10.67 4.55 17.32
N SER A 118 -10.47 5.16 18.48
CA SER A 118 -11.52 5.94 19.11
C SER A 118 -11.36 7.42 18.78
N GLY A 119 -12.18 7.88 17.85
CA GLY A 119 -12.13 9.28 17.44
C GLY A 119 -12.10 9.40 15.91
N GLY A 1 -29.12 -17.59 -2.55
CA GLY A 1 -27.69 -17.61 -2.79
C GLY A 1 -27.01 -18.70 -1.95
N SER A 2 -25.73 -18.47 -1.67
CA SER A 2 -24.96 -19.41 -0.89
C SER A 2 -24.37 -18.72 0.35
N SER A 3 -23.59 -17.68 0.09
CA SER A 3 -22.97 -16.93 1.17
C SER A 3 -22.03 -17.83 1.96
N GLY A 4 -20.84 -18.03 1.39
CA GLY A 4 -19.84 -18.87 2.03
C GLY A 4 -18.43 -18.35 1.75
N SER A 5 -17.93 -17.55 2.67
CA SER A 5 -16.60 -16.98 2.53
C SER A 5 -15.72 -17.41 3.71
N SER A 6 -14.44 -17.60 3.41
CA SER A 6 -13.49 -18.01 4.43
C SER A 6 -13.88 -19.38 5.00
N GLY A 7 -12.87 -20.21 5.19
CA GLY A 7 -13.09 -21.54 5.71
C GLY A 7 -11.77 -22.19 6.14
N MET A 8 -11.10 -21.54 7.08
CA MET A 8 -9.83 -22.05 7.58
C MET A 8 -9.49 -21.44 8.94
N SER A 9 -8.77 -22.21 9.74
CA SER A 9 -8.37 -21.76 11.06
C SER A 9 -7.89 -20.31 11.00
N GLN A 10 -8.72 -19.42 11.53
CA GLN A 10 -8.39 -18.00 11.53
C GLN A 10 -9.39 -17.24 12.39
N LEU A 11 -9.04 -17.05 13.66
CA LEU A 11 -9.89 -16.33 14.59
C LEU A 11 -9.69 -14.83 14.40
N GLY A 12 -10.28 -14.33 13.32
CA GLY A 12 -10.19 -12.91 13.01
C GLY A 12 -8.75 -12.52 12.66
N SER A 13 -8.59 -12.07 11.43
CA SER A 13 -7.28 -11.66 10.94
C SER A 13 -6.79 -10.44 11.73
N ARG A 14 -5.53 -10.48 12.12
CA ARG A 14 -4.92 -9.39 12.87
C ARG A 14 -4.91 -8.12 12.03
N GLY A 15 -4.65 -7.00 12.70
CA GLY A 15 -4.60 -5.72 12.03
C GLY A 15 -3.85 -5.82 10.71
N ARG A 16 -4.46 -5.26 9.67
CA ARG A 16 -3.85 -5.28 8.35
C ARG A 16 -3.76 -3.86 7.79
N LEU A 17 -2.74 -3.64 6.97
CA LEU A 17 -2.53 -2.34 6.36
C LEU A 17 -3.47 -2.20 5.15
N TRP A 18 -3.73 -0.94 4.80
CA TRP A 18 -4.60 -0.66 3.68
C TRP A 18 -4.45 0.83 3.33
N LEU A 19 -4.78 1.15 2.09
CA LEU A 19 -4.69 2.53 1.62
C LEU A 19 -6.06 3.19 1.74
N GLN A 20 -6.03 4.47 2.10
CA GLN A 20 -7.25 5.23 2.25
C GLN A 20 -7.42 6.22 1.09
N SER A 21 -8.25 5.84 0.14
CA SER A 21 -8.50 6.68 -1.02
C SER A 21 -9.60 7.69 -0.70
N PRO A 22 -9.47 8.89 -1.35
CA PRO A 22 -10.43 9.96 -1.14
C PRO A 22 -11.75 9.65 -1.88
N THR A 23 -12.82 10.21 -1.33
CA THR A 23 -14.14 10.01 -1.93
C THR A 23 -14.05 10.06 -3.45
N GLY A 24 -14.95 9.32 -4.09
CA GLY A 24 -14.99 9.26 -5.54
C GLY A 24 -14.09 8.16 -6.07
N GLY A 25 -12.94 8.01 -5.42
CA GLY A 25 -11.98 6.98 -5.81
C GLY A 25 -12.45 5.60 -5.40
N PRO A 26 -11.52 4.61 -5.53
CA PRO A 26 -11.84 3.24 -5.17
C PRO A 26 -11.87 3.06 -3.64
N PRO A 27 -12.32 1.84 -3.21
CA PRO A 27 -12.40 1.54 -1.80
C PRO A 27 -11.01 1.28 -1.21
N PRO A 28 -10.98 1.12 0.14
CA PRO A 28 -9.73 0.88 0.84
C PRO A 28 -9.25 -0.57 0.62
N ILE A 29 -8.24 -0.70 -0.22
CA ILE A 29 -7.69 -2.02 -0.52
C ILE A 29 -6.78 -2.45 0.63
N PHE A 30 -6.85 -3.74 0.94
CA PHE A 30 -6.04 -4.30 2.01
C PHE A 30 -4.87 -5.11 1.45
N LEU A 31 -3.68 -4.60 1.71
CA LEU A 31 -2.47 -5.25 1.24
C LEU A 31 -2.34 -6.62 1.92
N PRO A 32 -1.52 -7.50 1.29
CA PRO A 32 -1.29 -8.84 1.82
C PRO A 32 -0.38 -8.80 3.04
N SER A 33 -0.88 -9.35 4.13
CA SER A 33 -0.11 -9.38 5.37
C SER A 33 0.94 -10.50 5.31
N ASP A 34 0.67 -11.48 4.44
CA ASP A 34 1.57 -12.60 4.29
C ASP A 34 2.97 -12.08 3.96
N GLY A 35 3.01 -10.97 3.23
CA GLY A 35 4.27 -10.35 2.87
C GLY A 35 4.33 -10.08 1.36
N GLN A 36 3.35 -10.64 0.66
CA GLN A 36 3.27 -10.46 -0.78
C GLN A 36 3.42 -8.98 -1.14
N ALA A 37 3.60 -8.73 -2.44
CA ALA A 37 3.76 -7.37 -2.92
C ALA A 37 2.60 -7.03 -3.86
N LEU A 38 1.88 -5.97 -3.51
CA LEU A 38 0.75 -5.53 -4.30
C LEU A 38 1.22 -4.49 -5.31
N VAL A 39 1.42 -4.95 -6.54
CA VAL A 39 1.88 -4.07 -7.60
C VAL A 39 0.74 -3.12 -7.99
N LEU A 40 0.99 -1.84 -7.78
CA LEU A 40 0.00 -0.82 -8.09
C LEU A 40 0.24 -0.29 -9.51
N GLY A 41 -0.67 0.55 -9.96
CA GLY A 41 -0.56 1.13 -11.29
C GLY A 41 -1.92 1.18 -11.99
N ARG A 42 -1.88 1.35 -13.30
CA ARG A 42 -3.09 1.42 -14.09
C ARG A 42 -3.97 0.20 -13.82
N GLY A 43 -5.27 0.43 -13.80
CA GLY A 43 -6.23 -0.64 -13.57
C GLY A 43 -7.32 -0.19 -12.59
N PRO A 44 -8.25 -1.15 -12.30
CA PRO A 44 -9.35 -0.85 -11.39
C PRO A 44 -8.87 -0.82 -9.94
N LEU A 45 -7.57 -1.05 -9.77
CA LEU A 45 -6.98 -1.05 -8.45
C LEU A 45 -7.18 0.32 -7.81
N THR A 46 -6.64 1.34 -8.47
CA THR A 46 -6.76 2.70 -7.97
C THR A 46 -7.60 3.54 -8.93
N GLN A 47 -8.18 2.87 -9.91
CA GLN A 47 -9.00 3.54 -10.90
C GLN A 47 -8.13 4.46 -11.77
N VAL A 48 -6.84 4.23 -11.71
CA VAL A 48 -5.90 5.02 -12.48
C VAL A 48 -5.97 4.59 -13.95
N THR A 49 -6.18 5.58 -14.81
CA THR A 49 -6.27 5.33 -16.24
C THR A 49 -5.31 6.24 -17.00
N ASP A 50 -4.19 6.53 -16.37
CA ASP A 50 -3.18 7.39 -16.98
C ASP A 50 -2.10 6.52 -17.62
N ARG A 51 -1.78 6.86 -18.86
CA ARG A 51 -0.76 6.12 -19.60
C ARG A 51 0.59 6.25 -18.91
N LYS A 52 0.79 7.38 -18.26
CA LYS A 52 2.03 7.64 -17.55
C LYS A 52 2.19 6.62 -16.42
N CYS A 53 1.08 5.95 -16.11
CA CYS A 53 1.09 4.96 -15.06
C CYS A 53 1.39 3.60 -15.68
N SER A 54 2.26 2.85 -15.01
CA SER A 54 2.63 1.53 -15.48
C SER A 54 2.01 0.45 -14.59
N ARG A 55 1.45 -0.56 -15.25
CA ARG A 55 0.82 -1.65 -14.54
C ARG A 55 1.63 -2.01 -13.29
N ASN A 56 2.93 -1.82 -13.40
CA ASN A 56 3.83 -2.11 -12.29
C ASN A 56 4.67 -0.87 -11.98
N GLN A 57 3.98 0.22 -11.71
CA GLN A 57 4.65 1.48 -11.39
C GLN A 57 5.50 1.32 -10.12
N VAL A 58 4.88 0.72 -9.12
CA VAL A 58 5.56 0.50 -7.85
C VAL A 58 5.09 -0.83 -7.25
N GLU A 59 5.93 -1.36 -6.37
CA GLU A 59 5.61 -2.62 -5.72
C GLU A 59 5.40 -2.41 -4.22
N LEU A 60 4.13 -2.34 -3.84
CA LEU A 60 3.77 -2.13 -2.44
C LEU A 60 3.86 -3.46 -1.70
N ILE A 61 4.34 -3.38 -0.47
CA ILE A 61 4.48 -4.57 0.36
C ILE A 61 4.08 -4.24 1.80
N ALA A 62 3.02 -4.88 2.24
CA ALA A 62 2.53 -4.67 3.59
C ALA A 62 3.46 -5.36 4.59
N ASP A 63 4.01 -4.56 5.49
CA ASP A 63 4.92 -5.07 6.50
C ASP A 63 4.37 -4.75 7.89
N PRO A 64 3.45 -5.62 8.38
CA PRO A 64 2.84 -5.43 9.68
C PRO A 64 3.83 -5.79 10.80
N GLU A 65 5.02 -6.20 10.38
CA GLU A 65 6.05 -6.57 11.33
C GLU A 65 6.47 -5.36 12.17
N SER A 66 6.61 -4.23 11.49
CA SER A 66 7.01 -2.99 12.15
C SER A 66 6.11 -1.85 11.69
N ARG A 67 4.98 -2.21 11.10
CA ARG A 67 4.04 -1.23 10.62
C ARG A 67 4.69 -0.33 9.56
N THR A 68 4.98 -0.93 8.42
CA THR A 68 5.59 -0.20 7.33
C THR A 68 5.14 -0.76 5.98
N VAL A 69 5.58 -0.09 4.92
CA VAL A 69 5.23 -0.51 3.57
C VAL A 69 6.38 -0.19 2.63
N ALA A 70 6.83 -1.21 1.92
CA ALA A 70 7.93 -1.06 0.97
C ALA A 70 7.36 -0.63 -0.39
N VAL A 71 8.13 0.19 -1.08
CA VAL A 71 7.73 0.67 -2.39
C VAL A 71 8.92 0.63 -3.34
N LYS A 72 8.84 -0.26 -4.32
CA LYS A 72 9.90 -0.42 -5.29
C LYS A 72 9.41 0.04 -6.66
N GLN A 73 10.09 1.03 -7.21
CA GLN A 73 9.72 1.57 -8.51
C GLN A 73 10.09 0.58 -9.61
N LEU A 74 9.08 0.10 -10.31
CA LEU A 74 9.29 -0.84 -11.39
C LEU A 74 8.76 -0.24 -12.70
N GLY A 75 8.42 1.03 -12.63
CA GLY A 75 7.91 1.74 -13.80
C GLY A 75 9.00 2.61 -14.43
N VAL A 76 8.57 3.74 -14.97
CA VAL A 76 9.49 4.67 -15.60
C VAL A 76 9.42 6.01 -14.88
N ASN A 77 8.20 6.51 -14.74
CA ASN A 77 7.97 7.79 -14.08
C ASN A 77 8.42 7.69 -12.62
N PRO A 78 9.04 8.80 -12.14
CA PRO A 78 9.52 8.83 -10.76
C PRO A 78 8.35 9.02 -9.79
N SER A 79 8.30 8.11 -8.81
CA SER A 79 7.24 8.17 -7.81
C SER A 79 7.76 8.86 -6.54
N THR A 80 6.80 9.34 -5.75
CA THR A 80 7.15 10.03 -4.52
C THR A 80 6.55 9.29 -3.31
N VAL A 81 7.45 8.66 -2.56
CA VAL A 81 7.02 7.92 -1.39
C VAL A 81 6.98 8.85 -0.19
N GLY A 82 5.96 9.70 -0.17
CA GLY A 82 5.79 10.65 0.91
C GLY A 82 6.18 12.06 0.46
N VAL A 83 7.42 12.42 0.77
CA VAL A 83 7.94 13.74 0.41
C VAL A 83 9.30 13.58 -0.24
N GLN A 84 9.60 12.36 -0.66
CA GLN A 84 10.86 12.06 -1.30
C GLN A 84 10.64 11.42 -2.66
N GLU A 85 11.29 11.98 -3.66
CA GLU A 85 11.17 11.46 -5.02
C GLU A 85 11.97 10.17 -5.18
N LEU A 86 11.39 9.23 -5.90
CA LEU A 86 12.04 7.95 -6.14
C LEU A 86 12.66 7.94 -7.54
N LYS A 87 13.17 6.77 -7.91
CA LYS A 87 13.78 6.62 -9.23
C LYS A 87 13.46 5.23 -9.77
N PRO A 88 13.88 5.00 -11.04
CA PRO A 88 13.64 3.72 -11.69
C PRO A 88 14.58 2.64 -11.15
N GLY A 89 14.00 1.73 -10.38
CA GLY A 89 14.78 0.65 -9.80
C GLY A 89 15.11 0.94 -8.33
N LEU A 90 14.62 2.08 -7.87
CA LEU A 90 14.86 2.49 -6.50
C LEU A 90 13.75 1.92 -5.60
N SER A 91 13.82 2.28 -4.32
CA SER A 91 12.84 1.82 -3.37
C SER A 91 12.77 2.78 -2.18
N GLY A 92 11.78 2.55 -1.32
CA GLY A 92 11.60 3.39 -0.16
C GLY A 92 10.73 2.68 0.90
N SER A 93 10.31 3.46 1.88
CA SER A 93 9.47 2.92 2.95
C SER A 93 8.35 3.90 3.29
N LEU A 94 7.14 3.38 3.33
CA LEU A 94 5.99 4.19 3.64
C LEU A 94 5.54 3.92 5.08
N SER A 95 5.38 4.99 5.83
CA SER A 95 4.95 4.88 7.22
C SER A 95 3.45 5.12 7.34
N LEU A 96 2.90 4.74 8.48
CA LEU A 96 1.48 4.93 8.73
C LEU A 96 1.13 6.41 8.62
N GLY A 97 0.49 6.75 7.51
CA GLY A 97 0.09 8.12 7.26
C GLY A 97 0.81 8.68 6.04
N ASP A 98 1.99 8.16 5.79
CA ASP A 98 2.79 8.60 4.65
C ASP A 98 1.98 8.42 3.37
N VAL A 99 2.23 9.31 2.41
CA VAL A 99 1.54 9.25 1.14
C VAL A 99 2.43 8.57 0.10
N LEU A 100 1.80 8.11 -0.97
CA LEU A 100 2.53 7.44 -2.03
C LEU A 100 1.94 7.86 -3.39
N TYR A 101 2.43 8.99 -3.86
CA TYR A 101 1.97 9.52 -5.14
C TYR A 101 2.26 8.53 -6.28
N LEU A 102 1.22 7.79 -6.65
CA LEU A 102 1.35 6.82 -7.72
C LEU A 102 2.27 7.37 -8.80
N VAL A 103 1.88 8.51 -9.34
CA VAL A 103 2.66 9.15 -10.38
C VAL A 103 2.22 10.62 -10.52
N ASN A 104 2.97 11.35 -11.34
CA ASN A 104 2.67 12.75 -11.57
C ASN A 104 2.34 13.42 -10.23
N GLY A 105 3.04 12.98 -9.19
CA GLY A 105 2.83 13.52 -7.86
C GLY A 105 1.35 13.60 -7.52
N LEU A 106 0.57 12.77 -8.21
CA LEU A 106 -0.86 12.73 -7.99
C LEU A 106 -1.26 11.33 -7.52
N TYR A 107 -2.57 11.11 -7.45
CA TYR A 107 -3.09 9.84 -7.01
C TYR A 107 -2.33 9.32 -5.79
N PRO A 108 -2.38 10.13 -4.70
CA PRO A 108 -1.70 9.76 -3.47
C PRO A 108 -2.46 8.65 -2.72
N LEU A 109 -1.69 7.72 -2.19
CA LEU A 109 -2.27 6.60 -1.46
C LEU A 109 -1.78 6.65 -0.01
N THR A 110 -2.67 7.12 0.85
CA THR A 110 -2.35 7.22 2.27
C THR A 110 -2.39 5.84 2.92
N LEU A 111 -1.33 5.54 3.66
CA LEU A 111 -1.22 4.26 4.33
C LEU A 111 -1.98 4.32 5.67
N ARG A 112 -2.75 3.28 5.92
CA ARG A 112 -3.53 3.22 7.14
C ARG A 112 -3.51 1.80 7.71
N TRP A 113 -3.65 1.72 9.03
CA TRP A 113 -3.64 0.43 9.71
C TRP A 113 -5.05 0.16 10.23
N SER A 114 -5.44 -1.10 10.14
CA SER A 114 -6.76 -1.51 10.59
C SER A 114 -6.68 -2.03 12.03
N GLY A 115 -7.72 -1.74 12.80
CA GLY A 115 -7.78 -2.17 14.18
C GLY A 115 -8.65 -1.24 15.02
N PRO A 116 -8.66 -1.49 16.35
CA PRO A 116 -9.45 -0.67 17.26
C PRO A 116 -8.79 0.69 17.49
N SER A 117 -8.99 1.58 16.53
CA SER A 117 -8.42 2.91 16.62
C SER A 117 -9.50 3.91 17.05
N SER A 118 -10.59 3.93 16.29
CA SER A 118 -11.69 4.82 16.56
C SER A 118 -11.21 6.27 16.56
N GLY A 119 -11.41 6.93 15.42
CA GLY A 119 -10.99 8.31 15.27
C GLY A 119 -10.64 8.63 13.83
N GLY A 1 -6.26 -30.56 -6.13
CA GLY A 1 -5.51 -29.88 -5.08
C GLY A 1 -6.37 -29.70 -3.83
N SER A 2 -5.79 -30.07 -2.70
CA SER A 2 -6.48 -29.95 -1.42
C SER A 2 -5.48 -29.89 -0.28
N SER A 3 -5.64 -28.86 0.56
CA SER A 3 -4.77 -28.68 1.69
C SER A 3 -3.34 -28.40 1.20
N GLY A 4 -2.65 -27.56 1.95
CA GLY A 4 -1.28 -27.20 1.61
C GLY A 4 -0.32 -28.36 1.90
N SER A 5 0.63 -28.10 2.78
CA SER A 5 1.60 -29.10 3.15
C SER A 5 2.27 -28.72 4.48
N SER A 6 2.89 -27.56 4.48
CA SER A 6 3.57 -27.06 5.67
C SER A 6 3.47 -25.54 5.73
N GLY A 7 3.63 -25.02 6.93
CA GLY A 7 3.57 -23.58 7.15
C GLY A 7 2.13 -23.11 7.33
N MET A 8 1.59 -23.43 8.51
CA MET A 8 0.23 -23.05 8.83
C MET A 8 0.09 -22.68 10.31
N SER A 9 -0.71 -21.66 10.56
CA SER A 9 -0.93 -21.20 11.92
C SER A 9 -1.96 -20.07 11.93
N GLN A 10 -2.84 -20.13 12.92
CA GLN A 10 -3.88 -19.12 13.06
C GLN A 10 -3.83 -18.49 14.46
N LEU A 11 -3.21 -17.32 14.53
CA LEU A 11 -3.09 -16.61 15.79
C LEU A 11 -4.40 -15.88 16.09
N GLY A 12 -4.72 -14.92 15.22
CA GLY A 12 -5.93 -14.15 15.38
C GLY A 12 -6.27 -13.38 14.10
N SER A 13 -6.82 -12.19 14.29
CA SER A 13 -7.18 -11.34 13.17
C SER A 13 -6.14 -10.25 12.98
N ARG A 14 -5.66 -9.72 14.10
CA ARG A 14 -4.66 -8.67 14.05
C ARG A 14 -5.11 -7.54 13.13
N GLY A 15 -4.28 -6.51 13.06
CA GLY A 15 -4.57 -5.37 12.21
C GLY A 15 -4.31 -5.69 10.74
N ARG A 16 -4.75 -4.79 9.88
CA ARG A 16 -4.56 -4.97 8.45
C ARG A 16 -4.25 -3.63 7.79
N LEU A 17 -3.18 -3.63 7.00
CA LEU A 17 -2.76 -2.43 6.30
C LEU A 17 -3.62 -2.24 5.04
N TRP A 18 -3.84 -0.97 4.70
CA TRP A 18 -4.64 -0.66 3.53
C TRP A 18 -4.43 0.83 3.21
N LEU A 19 -4.69 1.17 1.96
CA LEU A 19 -4.52 2.55 1.51
C LEU A 19 -5.87 3.26 1.61
N GLN A 20 -5.80 4.54 1.96
CA GLN A 20 -7.01 5.35 2.09
C GLN A 20 -7.10 6.34 0.93
N SER A 21 -7.81 5.93 -0.11
CA SER A 21 -7.98 6.77 -1.28
C SER A 21 -8.87 7.97 -0.93
N PRO A 22 -8.59 9.12 -1.62
CA PRO A 22 -9.36 10.33 -1.39
C PRO A 22 -10.73 10.24 -2.03
N THR A 23 -11.64 11.08 -1.55
CA THR A 23 -13.00 11.10 -2.06
C THR A 23 -12.99 10.95 -3.58
N GLY A 24 -14.09 10.42 -4.09
CA GLY A 24 -14.22 10.21 -5.53
C GLY A 24 -13.16 9.25 -6.04
N GLY A 25 -13.11 8.08 -5.42
CA GLY A 25 -12.14 7.07 -5.81
C GLY A 25 -12.63 5.67 -5.41
N PRO A 26 -11.72 4.68 -5.59
CA PRO A 26 -12.04 3.30 -5.26
C PRO A 26 -12.03 3.08 -3.75
N PRO A 27 -12.46 1.85 -3.34
CA PRO A 27 -12.50 1.51 -1.93
C PRO A 27 -11.09 1.24 -1.39
N PRO A 28 -11.03 1.04 -0.04
CA PRO A 28 -9.76 0.77 0.61
C PRO A 28 -9.30 -0.66 0.34
N ILE A 29 -8.14 -0.75 -0.31
CA ILE A 29 -7.57 -2.06 -0.63
C ILE A 29 -6.75 -2.56 0.55
N PHE A 30 -6.86 -3.85 0.80
CA PHE A 30 -6.13 -4.47 1.90
C PHE A 30 -4.93 -5.27 1.38
N LEU A 31 -3.75 -4.72 1.61
CA LEU A 31 -2.53 -5.37 1.17
C LEU A 31 -2.37 -6.70 1.90
N PRO A 32 -1.47 -7.57 1.36
CA PRO A 32 -1.23 -8.87 1.95
C PRO A 32 -0.38 -8.74 3.22
N SER A 33 -0.57 -9.70 4.12
CA SER A 33 0.16 -9.71 5.37
C SER A 33 1.31 -10.72 5.30
N ASP A 34 1.11 -11.74 4.47
CA ASP A 34 2.12 -12.78 4.30
C ASP A 34 3.47 -12.13 4.04
N GLY A 35 3.43 -11.03 3.29
CA GLY A 35 4.65 -10.32 2.96
C GLY A 35 4.72 -10.03 1.46
N GLN A 36 3.77 -10.59 0.73
CA GLN A 36 3.72 -10.41 -0.71
C GLN A 36 3.79 -8.92 -1.06
N ALA A 37 3.75 -8.64 -2.35
CA ALA A 37 3.81 -7.27 -2.83
C ALA A 37 2.66 -7.03 -3.81
N LEU A 38 1.85 -6.04 -3.50
CA LEU A 38 0.72 -5.70 -4.35
C LEU A 38 1.14 -4.62 -5.35
N VAL A 39 1.30 -5.02 -6.59
CA VAL A 39 1.71 -4.10 -7.64
C VAL A 39 0.54 -3.15 -7.95
N LEU A 40 0.82 -1.86 -7.79
CA LEU A 40 -0.19 -0.85 -8.04
C LEU A 40 -0.01 -0.30 -9.46
N GLY A 41 -0.95 0.54 -9.86
CA GLY A 41 -0.91 1.14 -11.18
C GLY A 41 -2.31 1.17 -11.81
N ARG A 42 -2.33 1.41 -13.12
CA ARG A 42 -3.59 1.47 -13.85
C ARG A 42 -4.48 0.29 -13.46
N GLY A 43 -5.79 0.54 -13.50
CA GLY A 43 -6.74 -0.50 -13.17
C GLY A 43 -7.80 0.04 -12.18
N PRO A 44 -8.77 -0.85 -11.85
CA PRO A 44 -9.83 -0.49 -10.93
C PRO A 44 -9.31 -0.43 -9.48
N LEU A 45 -8.07 -0.89 -9.31
CA LEU A 45 -7.46 -0.92 -8.00
C LEU A 45 -7.44 0.50 -7.43
N THR A 46 -6.77 1.39 -8.16
CA THR A 46 -6.67 2.78 -7.75
C THR A 46 -7.54 3.66 -8.63
N GLN A 47 -8.16 3.04 -9.61
CA GLN A 47 -9.04 3.76 -10.53
C GLN A 47 -8.22 4.74 -11.37
N VAL A 48 -6.97 4.38 -11.58
CA VAL A 48 -6.08 5.21 -12.38
C VAL A 48 -6.15 4.80 -13.84
N THR A 49 -6.29 5.80 -14.71
CA THR A 49 -6.37 5.54 -16.13
C THR A 49 -5.21 6.22 -16.86
N ASP A 50 -4.80 7.37 -16.33
CA ASP A 50 -3.71 8.11 -16.92
C ASP A 50 -2.63 7.14 -17.41
N ARG A 51 -2.32 7.25 -18.70
CA ARG A 51 -1.32 6.38 -19.29
C ARG A 51 0.02 6.54 -18.57
N LYS A 52 0.17 7.67 -17.91
CA LYS A 52 1.39 7.96 -17.16
C LYS A 52 1.58 6.91 -16.08
N CYS A 53 0.50 6.17 -15.81
CA CYS A 53 0.54 5.13 -14.81
C CYS A 53 0.79 3.79 -15.51
N SER A 54 1.60 2.96 -14.86
CA SER A 54 1.93 1.65 -15.41
C SER A 54 1.40 0.55 -14.49
N ARG A 55 0.85 -0.47 -15.12
CA ARG A 55 0.31 -1.60 -14.37
C ARG A 55 1.20 -1.92 -13.16
N ASN A 56 2.50 -1.85 -13.40
CA ASN A 56 3.48 -2.13 -12.36
C ASN A 56 4.31 -0.88 -12.10
N GLN A 57 3.62 0.19 -11.75
CA GLN A 57 4.29 1.46 -11.47
C GLN A 57 5.22 1.31 -10.26
N VAL A 58 4.66 0.77 -9.19
CA VAL A 58 5.43 0.57 -7.96
C VAL A 58 5.01 -0.74 -7.32
N GLU A 59 5.84 -1.20 -6.39
CA GLU A 59 5.57 -2.44 -5.69
C GLU A 59 5.35 -2.18 -4.20
N LEU A 60 4.09 -2.29 -3.80
CA LEU A 60 3.73 -2.06 -2.40
C LEU A 60 3.82 -3.39 -1.64
N ILE A 61 4.25 -3.28 -0.39
CA ILE A 61 4.38 -4.46 0.45
C ILE A 61 3.94 -4.12 1.87
N ALA A 62 2.94 -4.85 2.34
CA ALA A 62 2.41 -4.62 3.68
C ALA A 62 3.33 -5.28 4.70
N ASP A 63 3.88 -4.45 5.57
CA ASP A 63 4.78 -4.93 6.61
C ASP A 63 4.20 -4.63 7.98
N PRO A 64 3.34 -5.56 8.47
CA PRO A 64 2.70 -5.40 9.76
C PRO A 64 3.69 -5.69 10.89
N GLU A 65 4.91 -6.01 10.50
CA GLU A 65 5.95 -6.29 11.48
C GLU A 65 6.21 -5.07 12.36
N SER A 66 6.36 -3.93 11.70
CA SER A 66 6.60 -2.69 12.40
C SER A 66 5.76 -1.56 11.81
N ARG A 67 4.59 -1.94 11.31
CA ARG A 67 3.69 -0.97 10.70
C ARG A 67 4.43 -0.13 9.66
N THR A 68 4.83 -0.79 8.59
CA THR A 68 5.55 -0.12 7.51
C THR A 68 5.18 -0.74 6.16
N VAL A 69 5.74 -0.15 5.12
CA VAL A 69 5.48 -0.63 3.76
C VAL A 69 6.65 -0.23 2.86
N ALA A 70 6.99 -1.13 1.96
CA ALA A 70 8.08 -0.89 1.02
C ALA A 70 7.51 -0.54 -0.34
N VAL A 71 8.20 0.36 -1.03
CA VAL A 71 7.77 0.79 -2.35
C VAL A 71 8.97 0.76 -3.31
N LYS A 72 8.87 -0.12 -4.30
CA LYS A 72 9.94 -0.26 -5.27
C LYS A 72 9.39 0.11 -6.66
N GLN A 73 10.00 1.13 -7.24
CA GLN A 73 9.59 1.59 -8.56
C GLN A 73 10.09 0.63 -9.63
N LEU A 74 9.14 -0.05 -10.26
CA LEU A 74 9.47 -0.99 -11.31
C LEU A 74 9.01 -0.44 -12.66
N GLY A 75 8.33 0.70 -12.59
CA GLY A 75 7.83 1.34 -13.80
C GLY A 75 8.87 2.30 -14.38
N VAL A 76 8.38 3.43 -14.86
CA VAL A 76 9.25 4.44 -15.44
C VAL A 76 9.03 5.77 -14.72
N ASN A 77 7.77 6.17 -14.67
CA ASN A 77 7.41 7.42 -14.02
C ASN A 77 7.96 7.43 -12.60
N PRO A 78 8.53 8.61 -12.20
CA PRO A 78 9.10 8.75 -10.88
C PRO A 78 8.00 8.89 -9.83
N SER A 79 8.07 8.01 -8.83
CA SER A 79 7.09 8.03 -7.76
C SER A 79 7.62 8.83 -6.57
N THR A 80 6.69 9.27 -5.74
CA THR A 80 7.05 10.05 -4.56
C THR A 80 6.55 9.37 -3.29
N VAL A 81 7.49 8.82 -2.53
CA VAL A 81 7.14 8.15 -1.29
C VAL A 81 7.16 9.15 -0.14
N GLY A 82 6.04 9.85 0.00
CA GLY A 82 5.90 10.84 1.05
C GLY A 82 6.22 12.25 0.53
N VAL A 83 7.44 12.68 0.78
CA VAL A 83 7.88 13.99 0.34
C VAL A 83 9.23 13.86 -0.37
N GLN A 84 9.56 12.64 -0.74
CA GLN A 84 10.81 12.37 -1.42
C GLN A 84 10.56 11.65 -2.74
N GLU A 85 11.21 12.15 -3.78
CA GLU A 85 11.06 11.57 -5.11
C GLU A 85 11.86 10.27 -5.20
N LEU A 86 11.30 9.33 -5.96
CA LEU A 86 11.95 8.04 -6.15
C LEU A 86 12.59 7.99 -7.54
N LYS A 87 13.09 6.81 -7.87
CA LYS A 87 13.72 6.61 -9.17
C LYS A 87 13.40 5.21 -9.69
N PRO A 88 13.79 4.97 -10.97
CA PRO A 88 13.54 3.68 -11.60
C PRO A 88 14.50 2.62 -11.06
N GLY A 89 13.93 1.65 -10.37
CA GLY A 89 14.71 0.57 -9.80
C GLY A 89 15.06 0.85 -8.33
N LEU A 90 14.56 1.97 -7.85
CA LEU A 90 14.80 2.37 -6.48
C LEU A 90 13.79 1.67 -5.56
N SER A 91 13.91 1.96 -4.27
CA SER A 91 13.02 1.37 -3.28
C SER A 91 13.03 2.21 -2.00
N GLY A 92 11.83 2.48 -1.51
CA GLY A 92 11.68 3.27 -0.31
C GLY A 92 10.74 2.59 0.69
N SER A 93 10.37 3.34 1.72
CA SER A 93 9.47 2.82 2.73
C SER A 93 8.37 3.84 3.03
N LEU A 94 7.23 3.32 3.46
CA LEU A 94 6.09 4.16 3.79
C LEU A 94 5.63 3.86 5.21
N SER A 95 5.40 4.94 5.96
CA SER A 95 4.96 4.79 7.34
C SER A 95 3.44 5.00 7.41
N LEU A 96 2.90 4.70 8.59
CA LEU A 96 1.47 4.86 8.80
C LEU A 96 1.10 6.34 8.72
N GLY A 97 0.51 6.71 7.60
CA GLY A 97 0.10 8.08 7.37
C GLY A 97 0.81 8.68 6.16
N ASP A 98 1.96 8.09 5.83
CA ASP A 98 2.73 8.55 4.70
C ASP A 98 1.91 8.42 3.42
N VAL A 99 2.28 9.21 2.43
CA VAL A 99 1.59 9.18 1.16
C VAL A 99 2.46 8.50 0.11
N LEU A 100 1.82 8.04 -0.95
CA LEU A 100 2.54 7.38 -2.03
C LEU A 100 1.93 7.78 -3.37
N TYR A 101 2.40 8.93 -3.86
CA TYR A 101 1.92 9.44 -5.14
C TYR A 101 2.20 8.45 -6.27
N LEU A 102 1.16 7.70 -6.62
CA LEU A 102 1.28 6.72 -7.69
C LEU A 102 2.18 7.28 -8.80
N VAL A 103 1.76 8.42 -9.34
CA VAL A 103 2.52 9.06 -10.39
C VAL A 103 2.07 10.51 -10.53
N ASN A 104 2.79 11.25 -11.36
CA ASN A 104 2.47 12.65 -11.58
C ASN A 104 2.15 13.32 -10.24
N GLY A 105 2.91 12.93 -9.23
CA GLY A 105 2.71 13.49 -7.90
C GLY A 105 1.23 13.56 -7.54
N LEU A 106 0.46 12.70 -8.20
CA LEU A 106 -0.98 12.66 -7.95
C LEU A 106 -1.36 11.27 -7.45
N TYR A 107 -2.67 11.05 -7.36
CA TYR A 107 -3.18 9.77 -6.89
C TYR A 107 -2.38 9.27 -5.68
N PRO A 108 -2.40 10.09 -4.60
CA PRO A 108 -1.69 9.75 -3.38
C PRO A 108 -2.43 8.65 -2.61
N LEU A 109 -1.66 7.66 -2.19
CA LEU A 109 -2.22 6.54 -1.44
C LEU A 109 -1.70 6.58 0.00
N THR A 110 -2.57 7.03 0.89
CA THR A 110 -2.21 7.12 2.30
C THR A 110 -2.27 5.75 2.96
N LEU A 111 -1.19 5.40 3.63
CA LEU A 111 -1.11 4.11 4.31
C LEU A 111 -1.89 4.20 5.63
N ARG A 112 -2.64 3.13 5.90
CA ARG A 112 -3.43 3.08 7.12
C ARG A 112 -3.28 1.70 7.77
N TRP A 113 -3.90 1.57 8.95
CA TRP A 113 -3.85 0.31 9.68
C TRP A 113 -5.16 0.17 10.45
N SER A 114 -5.79 -0.98 10.26
CA SER A 114 -7.05 -1.26 10.94
C SER A 114 -6.80 -1.51 12.43
N GLY A 115 -7.84 -1.26 13.22
CA GLY A 115 -7.75 -1.46 14.65
C GLY A 115 -9.14 -1.52 15.29
N PRO A 116 -9.17 -1.96 16.58
CA PRO A 116 -10.41 -2.07 17.30
C PRO A 116 -10.92 -0.69 17.73
N SER A 117 -12.24 -0.53 17.68
CA SER A 117 -12.86 0.72 18.07
C SER A 117 -12.58 1.78 17.00
N SER A 118 -11.32 2.18 16.92
CA SER A 118 -10.92 3.19 15.94
C SER A 118 -11.40 4.57 16.39
N GLY A 119 -10.59 5.19 17.23
CA GLY A 119 -10.91 6.52 17.75
C GLY A 119 -9.99 6.90 18.90
N GLY A 1 0.62 -16.06 33.47
CA GLY A 1 -0.58 -15.50 32.85
C GLY A 1 -0.23 -14.25 32.05
N SER A 2 -0.06 -14.44 30.75
CA SER A 2 0.27 -13.33 29.86
C SER A 2 -0.23 -13.63 28.45
N SER A 3 0.26 -14.74 27.90
CA SER A 3 -0.13 -15.15 26.56
C SER A 3 -1.32 -16.12 26.63
N GLY A 4 -2.02 -16.23 25.51
CA GLY A 4 -3.17 -17.12 25.44
C GLY A 4 -2.96 -18.18 24.36
N SER A 5 -3.87 -19.14 24.35
CA SER A 5 -3.81 -20.22 23.36
C SER A 5 -4.84 -19.99 22.26
N SER A 6 -4.62 -20.66 21.14
CA SER A 6 -5.52 -20.55 20.01
C SER A 6 -6.94 -20.92 20.43
N GLY A 7 -7.79 -19.90 20.49
CA GLY A 7 -9.18 -20.10 20.88
C GLY A 7 -9.72 -18.89 21.62
N MET A 8 -9.60 -18.94 22.95
CA MET A 8 -10.08 -17.86 23.78
C MET A 8 -9.77 -16.49 23.15
N SER A 9 -10.83 -15.75 22.88
CA SER A 9 -10.70 -14.43 22.28
C SER A 9 -10.57 -13.37 23.37
N GLN A 10 -9.68 -12.41 23.11
CA GLN A 10 -9.46 -11.33 24.06
C GLN A 10 -8.81 -10.14 23.36
N LEU A 11 -9.60 -9.10 23.17
CA LEU A 11 -9.13 -7.89 22.51
C LEU A 11 -8.73 -8.22 21.08
N GLY A 12 -9.05 -7.31 20.18
CA GLY A 12 -8.73 -7.49 18.78
C GLY A 12 -7.33 -6.95 18.46
N SER A 13 -6.34 -7.58 19.06
CA SER A 13 -4.96 -7.18 18.85
C SER A 13 -4.59 -7.31 17.36
N ARG A 14 -3.42 -6.80 17.03
CA ARG A 14 -2.94 -6.84 15.67
C ARG A 14 -3.93 -6.15 14.73
N GLY A 15 -3.57 -6.10 13.45
CA GLY A 15 -4.41 -5.47 12.46
C GLY A 15 -3.90 -5.76 11.04
N ARG A 16 -4.34 -4.93 10.11
CA ARG A 16 -3.94 -5.08 8.72
C ARG A 16 -3.74 -3.72 8.07
N LEU A 17 -2.69 -3.61 7.28
CA LEU A 17 -2.39 -2.37 6.58
C LEU A 17 -3.22 -2.29 5.30
N TRP A 18 -3.45 -1.07 4.85
CA TRP A 18 -4.21 -0.84 3.64
C TRP A 18 -4.01 0.61 3.21
N LEU A 19 -4.57 0.94 2.05
CA LEU A 19 -4.45 2.29 1.52
C LEU A 19 -5.84 2.94 1.49
N GLN A 20 -5.86 4.23 1.77
CA GLN A 20 -7.11 4.98 1.77
C GLN A 20 -7.10 6.03 0.66
N SER A 21 -7.78 5.70 -0.43
CA SER A 21 -7.86 6.61 -1.57
C SER A 21 -8.73 7.81 -1.21
N PRO A 22 -8.37 8.97 -1.82
CA PRO A 22 -9.11 10.20 -1.58
C PRO A 22 -10.45 10.19 -2.31
N THR A 23 -11.26 11.19 -2.00
CA THR A 23 -12.58 11.30 -2.62
C THR A 23 -13.29 9.94 -2.62
N GLY A 24 -14.34 9.85 -3.42
CA GLY A 24 -15.11 8.63 -3.53
C GLY A 24 -14.46 7.67 -4.53
N GLY A 25 -13.14 7.68 -4.55
CA GLY A 25 -12.39 6.82 -5.45
C GLY A 25 -12.71 5.35 -5.19
N PRO A 26 -11.67 4.49 -5.36
CA PRO A 26 -11.83 3.06 -5.15
C PRO A 26 -11.90 2.73 -3.65
N PRO A 27 -12.22 1.44 -3.36
CA PRO A 27 -12.33 0.99 -1.99
C PRO A 27 -10.94 0.82 -1.36
N PRO A 28 -10.94 0.52 -0.04
CA PRO A 28 -9.69 0.33 0.69
C PRO A 28 -9.07 -1.03 0.36
N ILE A 29 -8.02 -0.97 -0.46
CA ILE A 29 -7.33 -2.19 -0.86
C ILE A 29 -6.43 -2.66 0.28
N PHE A 30 -6.64 -3.90 0.70
CA PHE A 30 -5.86 -4.48 1.77
C PHE A 30 -4.61 -5.17 1.23
N LEU A 31 -3.47 -4.57 1.53
CA LEU A 31 -2.19 -5.11 1.08
C LEU A 31 -2.00 -6.50 1.70
N PRO A 32 -1.06 -7.28 1.07
CA PRO A 32 -0.77 -8.62 1.54
C PRO A 32 0.07 -8.58 2.82
N SER A 33 -0.42 -9.26 3.84
CA SER A 33 0.27 -9.32 5.11
C SER A 33 1.31 -10.44 5.09
N ASP A 34 1.04 -11.45 4.29
CA ASP A 34 1.94 -12.59 4.17
C ASP A 34 3.35 -12.09 3.84
N GLY A 35 3.39 -11.06 2.99
CA GLY A 35 4.66 -10.49 2.58
C GLY A 35 4.67 -10.17 1.09
N GLN A 36 3.66 -10.69 0.40
CA GLN A 36 3.54 -10.48 -1.04
C GLN A 36 3.67 -8.99 -1.35
N ALA A 37 3.65 -8.68 -2.64
CA ALA A 37 3.77 -7.30 -3.09
C ALA A 37 2.58 -6.96 -4.00
N LEU A 38 1.89 -5.89 -3.64
CA LEU A 38 0.74 -5.46 -4.40
C LEU A 38 1.18 -4.43 -5.44
N VAL A 39 1.20 -4.86 -6.70
CA VAL A 39 1.60 -4.00 -7.79
C VAL A 39 0.46 -3.03 -8.11
N LEU A 40 0.71 -1.77 -7.81
CA LEU A 40 -0.28 -0.73 -8.07
C LEU A 40 0.00 -0.08 -9.41
N GLY A 41 -1.03 0.55 -9.97
CA GLY A 41 -0.90 1.22 -11.25
C GLY A 41 -2.26 1.31 -11.96
N ARG A 42 -2.19 1.42 -13.27
CA ARG A 42 -3.39 1.51 -14.08
C ARG A 42 -4.25 0.26 -13.91
N GLY A 43 -5.55 0.47 -13.90
CA GLY A 43 -6.49 -0.63 -13.75
C GLY A 43 -7.50 -0.35 -12.64
N PRO A 44 -8.28 -1.40 -12.28
CA PRO A 44 -9.29 -1.27 -11.24
C PRO A 44 -8.64 -1.24 -9.85
N LEU A 45 -7.32 -1.37 -9.85
CA LEU A 45 -6.57 -1.35 -8.61
C LEU A 45 -6.81 -0.03 -7.88
N THR A 46 -6.43 1.06 -8.54
CA THR A 46 -6.60 2.38 -7.96
C THR A 46 -7.53 3.22 -8.84
N GLN A 47 -8.15 2.55 -9.80
CA GLN A 47 -9.06 3.22 -10.72
C GLN A 47 -8.31 4.24 -11.57
N VAL A 48 -7.00 4.06 -11.62
CA VAL A 48 -6.15 4.95 -12.39
C VAL A 48 -6.19 4.53 -13.86
N THR A 49 -6.34 5.53 -14.73
CA THR A 49 -6.39 5.26 -16.16
C THR A 49 -5.43 6.20 -16.89
N ASP A 50 -4.38 6.59 -16.19
CA ASP A 50 -3.39 7.49 -16.77
C ASP A 50 -2.30 6.65 -17.46
N ARG A 51 -2.05 6.99 -18.72
CA ARG A 51 -1.04 6.29 -19.49
C ARG A 51 0.29 6.28 -18.76
N LYS A 52 0.64 7.44 -18.21
CA LYS A 52 1.89 7.58 -17.48
C LYS A 52 1.95 6.50 -16.39
N CYS A 53 0.78 6.10 -15.93
CA CYS A 53 0.69 5.10 -14.89
C CYS A 53 0.88 3.72 -15.54
N SER A 54 1.87 2.99 -15.03
CA SER A 54 2.17 1.67 -15.55
C SER A 54 1.60 0.59 -14.61
N ARG A 55 1.07 -0.46 -15.21
CA ARG A 55 0.49 -1.56 -14.45
C ARG A 55 1.34 -1.82 -13.20
N ASN A 56 2.64 -1.71 -13.37
CA ASN A 56 3.56 -1.93 -12.26
C ASN A 56 4.41 -0.68 -12.05
N GLN A 57 3.73 0.40 -11.71
CA GLN A 57 4.40 1.67 -11.48
C GLN A 57 5.22 1.60 -10.18
N VAL A 58 4.67 0.87 -9.22
CA VAL A 58 5.33 0.72 -7.93
C VAL A 58 4.95 -0.63 -7.33
N GLU A 59 5.65 -0.98 -6.26
CA GLU A 59 5.39 -2.24 -5.57
C GLU A 59 5.21 -2.01 -4.08
N LEU A 60 3.96 -2.09 -3.65
CA LEU A 60 3.64 -1.89 -2.24
C LEU A 60 3.69 -3.23 -1.51
N ILE A 61 4.21 -3.19 -0.29
CA ILE A 61 4.32 -4.39 0.51
C ILE A 61 3.99 -4.04 1.97
N ALA A 62 2.92 -4.66 2.46
CA ALA A 62 2.48 -4.43 3.83
C ALA A 62 3.44 -5.17 4.79
N ASP A 63 3.95 -4.41 5.74
CA ASP A 63 4.85 -4.97 6.73
C ASP A 63 4.34 -4.68 8.14
N PRO A 64 3.45 -5.59 8.63
CA PRO A 64 2.87 -5.45 9.95
C PRO A 64 3.90 -5.78 11.04
N GLU A 65 5.09 -6.13 10.59
CA GLU A 65 6.16 -6.48 11.51
C GLU A 65 6.63 -5.23 12.28
N SER A 66 6.87 -4.17 11.53
CA SER A 66 7.31 -2.92 12.13
C SER A 66 6.38 -1.78 11.71
N ARG A 67 5.15 -2.15 11.37
CA ARG A 67 4.16 -1.17 10.95
C ARG A 67 4.73 -0.27 9.85
N THR A 68 5.23 -0.92 8.80
CA THR A 68 5.81 -0.20 7.68
C THR A 68 5.37 -0.82 6.36
N VAL A 69 5.70 -0.13 5.28
CA VAL A 69 5.35 -0.61 3.95
C VAL A 69 6.51 -0.34 2.99
N ALA A 70 6.91 -1.38 2.28
CA ALA A 70 8.00 -1.25 1.33
C ALA A 70 7.45 -0.76 -0.01
N VAL A 71 8.27 0.03 -0.70
CA VAL A 71 7.89 0.57 -1.99
C VAL A 71 9.03 0.38 -2.98
N LYS A 72 8.66 -0.02 -4.19
CA LYS A 72 9.64 -0.25 -5.23
C LYS A 72 9.04 0.15 -6.59
N GLN A 73 9.74 1.03 -7.28
CA GLN A 73 9.28 1.49 -8.58
C GLN A 73 9.72 0.52 -9.67
N LEU A 74 8.73 -0.05 -10.35
CA LEU A 74 8.99 -0.99 -11.41
C LEU A 74 8.64 -0.35 -12.76
N GLY A 75 8.15 0.87 -12.68
CA GLY A 75 7.76 1.60 -13.88
C GLY A 75 8.92 2.45 -14.39
N VAL A 76 8.57 3.61 -14.93
CA VAL A 76 9.56 4.53 -15.47
C VAL A 76 9.44 5.87 -14.76
N ASN A 77 8.22 6.38 -14.73
CA ASN A 77 7.96 7.66 -14.09
C ASN A 77 8.43 7.59 -12.63
N PRO A 78 9.05 8.72 -12.18
CA PRO A 78 9.56 8.80 -10.82
C PRO A 78 8.40 9.00 -9.83
N SER A 79 8.31 8.07 -8.89
CA SER A 79 7.27 8.13 -7.88
C SER A 79 7.77 8.90 -6.66
N THR A 80 6.81 9.39 -5.88
CA THR A 80 7.14 10.16 -4.68
C THR A 80 6.60 9.45 -3.44
N VAL A 81 7.51 9.11 -2.54
CA VAL A 81 7.14 8.43 -1.31
C VAL A 81 7.12 9.45 -0.16
N GLY A 82 5.96 10.04 0.03
CA GLY A 82 5.79 11.03 1.09
C GLY A 82 6.23 12.41 0.62
N VAL A 83 7.50 12.72 0.88
CA VAL A 83 8.06 14.00 0.49
C VAL A 83 9.40 13.77 -0.20
N GLN A 84 9.59 12.56 -0.67
CA GLN A 84 10.83 12.20 -1.34
C GLN A 84 10.53 11.64 -2.74
N GLU A 85 11.46 11.89 -3.66
CA GLU A 85 11.30 11.41 -5.02
C GLU A 85 12.03 10.08 -5.20
N LEU A 86 11.40 9.20 -5.98
CA LEU A 86 11.97 7.89 -6.23
C LEU A 86 12.52 7.85 -7.66
N LYS A 87 12.93 6.65 -8.07
CA LYS A 87 13.48 6.46 -9.40
C LYS A 87 13.04 5.10 -9.94
N PRO A 88 13.29 4.90 -11.27
CA PRO A 88 12.92 3.65 -11.92
C PRO A 88 13.88 2.53 -11.52
N GLY A 89 13.46 1.76 -10.52
CA GLY A 89 14.28 0.66 -10.04
C GLY A 89 14.70 0.88 -8.59
N LEU A 90 14.23 1.99 -8.03
CA LEU A 90 14.55 2.33 -6.65
C LEU A 90 13.54 1.65 -5.72
N SER A 91 13.70 1.92 -4.44
CA SER A 91 12.83 1.34 -3.43
C SER A 91 12.87 2.18 -2.15
N GLY A 92 11.70 2.35 -1.56
CA GLY A 92 11.58 3.13 -0.33
C GLY A 92 10.63 2.46 0.66
N SER A 93 10.28 3.21 1.69
CA SER A 93 9.37 2.70 2.71
C SER A 93 8.30 3.75 3.02
N LEU A 94 7.11 3.25 3.34
CA LEU A 94 6.00 4.12 3.66
C LEU A 94 5.53 3.84 5.09
N SER A 95 5.40 4.91 5.86
CA SER A 95 4.96 4.79 7.24
C SER A 95 3.47 5.10 7.34
N LEU A 96 2.89 4.70 8.46
CA LEU A 96 1.48 4.92 8.70
C LEU A 96 1.17 6.42 8.56
N GLY A 97 0.50 6.75 7.48
CA GLY A 97 0.14 8.13 7.21
C GLY A 97 0.85 8.67 5.97
N ASP A 98 2.08 8.19 5.78
CA ASP A 98 2.87 8.61 4.64
C ASP A 98 2.05 8.46 3.37
N VAL A 99 2.34 9.30 2.39
CA VAL A 99 1.64 9.27 1.12
C VAL A 99 2.53 8.61 0.07
N LEU A 100 1.88 8.10 -0.97
CA LEU A 100 2.60 7.45 -2.05
C LEU A 100 2.00 7.87 -3.39
N TYR A 101 2.47 9.02 -3.88
CA TYR A 101 1.99 9.55 -5.14
C TYR A 101 2.30 8.58 -6.29
N LEU A 102 1.29 7.79 -6.65
CA LEU A 102 1.46 6.83 -7.73
C LEU A 102 2.33 7.45 -8.83
N VAL A 103 1.86 8.58 -9.35
CA VAL A 103 2.58 9.27 -10.40
C VAL A 103 2.06 10.70 -10.51
N ASN A 104 2.72 11.47 -11.37
CA ASN A 104 2.34 12.87 -11.57
C ASN A 104 2.06 13.52 -10.21
N GLY A 105 2.83 13.09 -9.22
CA GLY A 105 2.68 13.61 -7.88
C GLY A 105 1.21 13.64 -7.46
N LEU A 106 0.43 12.80 -8.11
CA LEU A 106 -1.00 12.73 -7.82
C LEU A 106 -1.34 11.31 -7.36
N TYR A 107 -2.63 11.06 -7.23
CA TYR A 107 -3.11 9.76 -6.81
C TYR A 107 -2.34 9.26 -5.58
N PRO A 108 -2.44 10.07 -4.49
CA PRO A 108 -1.76 9.72 -3.25
C PRO A 108 -2.48 8.58 -2.52
N LEU A 109 -1.70 7.55 -2.21
CA LEU A 109 -2.25 6.40 -1.52
C LEU A 109 -1.81 6.42 -0.05
N THR A 110 -2.61 7.10 0.76
CA THR A 110 -2.31 7.21 2.17
C THR A 110 -2.33 5.84 2.84
N LEU A 111 -1.28 5.57 3.60
CA LEU A 111 -1.16 4.29 4.29
C LEU A 111 -1.98 4.34 5.58
N ARG A 112 -2.83 3.34 5.74
CA ARG A 112 -3.67 3.26 6.93
C ARG A 112 -3.59 1.86 7.54
N TRP A 113 -3.90 1.79 8.83
CA TRP A 113 -3.87 0.52 9.54
C TRP A 113 -5.28 0.22 10.04
N SER A 114 -5.60 -1.06 10.09
CA SER A 114 -6.91 -1.49 10.55
C SER A 114 -6.83 -1.94 12.01
N GLY A 115 -7.80 -1.49 12.79
CA GLY A 115 -7.86 -1.84 14.19
C GLY A 115 -8.77 -0.87 14.96
N PRO A 116 -9.12 -1.28 16.21
CA PRO A 116 -9.98 -0.48 17.05
C PRO A 116 -9.22 0.73 17.62
N SER A 117 -9.91 1.86 17.64
CA SER A 117 -9.31 3.08 18.16
C SER A 117 -8.11 3.49 17.29
N SER A 118 -8.36 4.46 16.42
CA SER A 118 -7.32 4.95 15.54
C SER A 118 -7.34 6.48 15.50
N GLY A 119 -6.19 7.06 15.81
CA GLY A 119 -6.07 8.51 15.82
C GLY A 119 -5.58 9.01 17.18
N GLY A 1 -11.37 -19.71 49.35
CA GLY A 1 -10.70 -20.15 48.14
C GLY A 1 -9.19 -20.25 48.36
N SER A 2 -8.59 -21.21 47.67
CA SER A 2 -7.15 -21.42 47.78
C SER A 2 -6.48 -21.09 46.44
N SER A 3 -5.31 -20.48 46.53
CA SER A 3 -4.56 -20.11 45.35
C SER A 3 -5.45 -19.33 44.38
N GLY A 4 -5.46 -18.02 44.57
CA GLY A 4 -6.27 -17.16 43.72
C GLY A 4 -5.40 -16.13 43.00
N SER A 5 -5.46 -16.18 41.67
CA SER A 5 -4.68 -15.26 40.85
C SER A 5 -5.62 -14.31 40.09
N SER A 6 -6.47 -14.91 39.28
CA SER A 6 -7.42 -14.14 38.50
C SER A 6 -6.67 -13.24 37.50
N GLY A 7 -7.40 -12.80 36.49
CA GLY A 7 -6.81 -11.95 35.47
C GLY A 7 -5.53 -12.56 34.90
N MET A 8 -5.69 -13.21 33.76
CA MET A 8 -4.56 -13.85 33.10
C MET A 8 -4.94 -14.35 31.71
N SER A 9 -4.25 -13.80 30.71
CA SER A 9 -4.51 -14.19 29.33
C SER A 9 -3.33 -13.80 28.45
N GLN A 10 -3.34 -14.33 27.23
CA GLN A 10 -2.27 -14.05 26.29
C GLN A 10 -2.84 -13.59 24.96
N LEU A 11 -2.90 -12.27 24.79
CA LEU A 11 -3.43 -11.69 23.57
C LEU A 11 -2.35 -10.83 22.92
N GLY A 12 -2.62 -10.44 21.67
CA GLY A 12 -1.68 -9.63 20.93
C GLY A 12 -2.43 -8.69 19.97
N SER A 13 -2.00 -7.43 19.96
CA SER A 13 -2.61 -6.44 19.09
C SER A 13 -2.20 -6.69 17.65
N ARG A 14 -3.20 -6.96 16.81
CA ARG A 14 -2.95 -7.22 15.41
C ARG A 14 -3.97 -6.46 14.55
N GLY A 15 -3.74 -6.49 13.25
CA GLY A 15 -4.62 -5.82 12.31
C GLY A 15 -4.20 -6.09 10.87
N ARG A 16 -4.59 -5.18 9.98
CA ARG A 16 -4.25 -5.31 8.57
C ARG A 16 -4.02 -3.94 7.95
N LEU A 17 -2.97 -3.86 7.15
CA LEU A 17 -2.62 -2.61 6.48
C LEU A 17 -3.56 -2.40 5.29
N TRP A 18 -3.67 -1.15 4.89
CA TRP A 18 -4.52 -0.79 3.76
C TRP A 18 -4.18 0.64 3.35
N LEU A 19 -4.75 1.05 2.22
CA LEU A 19 -4.52 2.38 1.70
C LEU A 19 -5.83 3.16 1.74
N GLN A 20 -5.72 4.43 2.11
CA GLN A 20 -6.87 5.30 2.20
C GLN A 20 -6.80 6.39 1.12
N SER A 21 -7.62 6.22 0.09
CA SER A 21 -7.65 7.18 -1.00
C SER A 21 -8.80 8.17 -0.79
N PRO A 22 -8.57 9.43 -1.27
CA PRO A 22 -9.58 10.46 -1.14
C PRO A 22 -10.72 10.25 -2.14
N THR A 23 -11.79 11.01 -1.93
CA THR A 23 -12.95 10.91 -2.81
C THR A 23 -13.57 9.53 -2.70
N GLY A 24 -14.78 9.41 -3.26
CA GLY A 24 -15.49 8.15 -3.23
C GLY A 24 -15.11 7.28 -4.44
N GLY A 25 -13.87 7.43 -4.87
CA GLY A 25 -13.38 6.67 -6.00
C GLY A 25 -13.45 5.16 -5.73
N PRO A 26 -12.28 4.49 -5.82
CA PRO A 26 -12.21 3.06 -5.60
C PRO A 26 -12.31 2.74 -4.10
N PRO A 27 -12.62 1.45 -3.81
CA PRO A 27 -12.75 1.01 -2.43
C PRO A 27 -11.37 0.85 -1.78
N PRO A 28 -11.40 0.57 -0.44
CA PRO A 28 -10.17 0.40 0.31
C PRO A 28 -9.52 -0.95 0.00
N ILE A 29 -8.27 -0.88 -0.44
CA ILE A 29 -7.53 -2.08 -0.77
C ILE A 29 -6.70 -2.53 0.44
N PHE A 30 -6.81 -3.81 0.76
CA PHE A 30 -6.09 -4.37 1.88
C PHE A 30 -4.85 -5.12 1.41
N LEU A 31 -3.69 -4.56 1.72
CA LEU A 31 -2.43 -5.17 1.34
C LEU A 31 -2.31 -6.54 2.00
N PRO A 32 -1.47 -7.41 1.38
CA PRO A 32 -1.27 -8.75 1.89
C PRO A 32 -0.37 -8.73 3.13
N SER A 33 -0.78 -9.50 4.13
CA SER A 33 -0.03 -9.58 5.37
C SER A 33 1.02 -10.68 5.28
N ASP A 34 0.69 -11.72 4.52
CA ASP A 34 1.59 -12.83 4.33
C ASP A 34 3.00 -12.32 4.04
N GLY A 35 3.04 -11.15 3.42
CA GLY A 35 4.31 -10.52 3.07
C GLY A 35 4.42 -10.32 1.55
N GLN A 36 3.37 -10.73 0.85
CA GLN A 36 3.34 -10.59 -0.59
C GLN A 36 3.54 -9.13 -0.99
N ALA A 37 3.80 -8.93 -2.27
CA ALA A 37 4.00 -7.59 -2.79
C ALA A 37 2.87 -7.25 -3.78
N LEU A 38 2.14 -6.19 -3.46
CA LEU A 38 1.04 -5.75 -4.30
C LEU A 38 1.51 -4.61 -5.19
N VAL A 39 1.53 -4.87 -6.49
CA VAL A 39 1.96 -3.88 -7.46
C VAL A 39 0.76 -3.02 -7.86
N LEU A 40 0.95 -1.71 -7.78
CA LEU A 40 -0.10 -0.76 -8.13
C LEU A 40 0.16 -0.21 -9.54
N GLY A 41 -0.82 0.53 -10.03
CA GLY A 41 -0.70 1.12 -11.35
C GLY A 41 -2.08 1.32 -11.98
N ARG A 42 -2.11 1.33 -13.31
CA ARG A 42 -3.34 1.51 -14.04
C ARG A 42 -4.25 0.29 -13.85
N GLY A 43 -5.53 0.57 -13.65
CA GLY A 43 -6.50 -0.49 -13.45
C GLY A 43 -7.57 -0.08 -12.43
N PRO A 44 -8.47 -1.05 -12.12
CA PRO A 44 -9.53 -0.80 -11.17
C PRO A 44 -9.00 -0.78 -9.74
N LEU A 45 -7.70 -0.99 -9.62
CA LEU A 45 -7.06 -1.01 -8.32
C LEU A 45 -7.24 0.36 -7.66
N THR A 46 -6.71 1.38 -8.32
CA THR A 46 -6.81 2.73 -7.81
C THR A 46 -7.67 3.60 -8.74
N GLN A 47 -8.31 2.93 -9.69
CA GLN A 47 -9.16 3.62 -10.64
C GLN A 47 -8.33 4.55 -11.52
N VAL A 48 -7.05 4.25 -11.61
CA VAL A 48 -6.14 5.05 -12.42
C VAL A 48 -6.17 4.57 -13.86
N THR A 49 -6.36 5.51 -14.76
CA THR A 49 -6.41 5.20 -16.18
C THR A 49 -5.50 6.13 -16.97
N ASP A 50 -4.56 6.73 -16.26
CA ASP A 50 -3.61 7.65 -16.88
C ASP A 50 -2.51 6.85 -17.58
N ARG A 51 -2.15 7.32 -18.77
CA ARG A 51 -1.12 6.66 -19.55
C ARG A 51 0.22 6.73 -18.81
N LYS A 52 0.33 7.71 -17.94
CA LYS A 52 1.55 7.90 -17.16
C LYS A 52 1.69 6.76 -16.16
N CYS A 53 0.55 6.21 -15.76
CA CYS A 53 0.53 5.11 -14.80
C CYS A 53 0.81 3.82 -15.56
N SER A 54 1.72 3.03 -15.01
CA SER A 54 2.09 1.76 -15.61
C SER A 54 1.56 0.60 -14.77
N ARG A 55 1.01 -0.39 -15.45
CA ARG A 55 0.46 -1.56 -14.78
C ARG A 55 1.33 -1.94 -13.58
N ASN A 56 2.63 -1.76 -13.75
CA ASN A 56 3.57 -2.07 -12.69
C ASN A 56 4.44 -0.85 -12.40
N GLN A 57 3.79 0.19 -11.90
CA GLN A 57 4.48 1.43 -11.58
C GLN A 57 5.38 1.22 -10.36
N VAL A 58 4.74 0.87 -9.24
CA VAL A 58 5.47 0.65 -8.00
C VAL A 58 4.92 -0.61 -7.32
N GLU A 59 5.70 -1.13 -6.39
CA GLU A 59 5.31 -2.32 -5.65
C GLU A 59 5.06 -1.97 -4.19
N LEU A 60 3.87 -2.32 -3.72
CA LEU A 60 3.50 -2.06 -2.34
C LEU A 60 3.48 -3.38 -1.56
N ILE A 61 4.29 -3.41 -0.51
CA ILE A 61 4.37 -4.59 0.33
C ILE A 61 4.05 -4.22 1.78
N ALA A 62 2.98 -4.80 2.28
CA ALA A 62 2.55 -4.54 3.64
C ALA A 62 3.49 -5.27 4.61
N ASP A 63 4.02 -4.51 5.55
CA ASP A 63 4.93 -5.07 6.54
C ASP A 63 4.36 -4.82 7.95
N PRO A 64 3.54 -5.81 8.41
CA PRO A 64 2.92 -5.71 9.72
C PRO A 64 3.94 -5.99 10.82
N GLU A 65 5.17 -6.27 10.40
CA GLU A 65 6.25 -6.56 11.34
C GLU A 65 6.47 -5.36 12.26
N SER A 66 6.49 -4.18 11.66
CA SER A 66 6.70 -2.96 12.40
C SER A 66 5.77 -1.85 11.89
N ARG A 67 4.69 -2.29 11.25
CA ARG A 67 3.72 -1.36 10.70
C ARG A 67 4.38 -0.45 9.67
N THR A 68 4.86 -1.06 8.59
CA THR A 68 5.51 -0.32 7.53
C THR A 68 5.13 -0.90 6.17
N VAL A 69 5.58 -0.21 5.12
CA VAL A 69 5.29 -0.64 3.77
C VAL A 69 6.47 -0.28 2.87
N ALA A 70 6.83 -1.22 2.01
CA ALA A 70 7.93 -1.01 1.08
C ALA A 70 7.39 -0.53 -0.26
N VAL A 71 8.16 0.34 -0.90
CA VAL A 71 7.77 0.89 -2.19
C VAL A 71 8.94 0.77 -3.16
N LYS A 72 8.73 -0.01 -4.21
CA LYS A 72 9.76 -0.21 -5.21
C LYS A 72 9.20 0.15 -6.59
N GLN A 73 9.85 1.10 -7.24
CA GLN A 73 9.43 1.54 -8.55
C GLN A 73 9.85 0.53 -9.61
N LEU A 74 8.86 -0.06 -10.26
CA LEU A 74 9.11 -1.05 -11.29
C LEU A 74 8.68 -0.49 -12.64
N GLY A 75 8.19 0.74 -12.61
CA GLY A 75 7.74 1.41 -13.83
C GLY A 75 8.84 2.32 -14.39
N VAL A 76 8.40 3.42 -14.99
CA VAL A 76 9.34 4.36 -15.57
C VAL A 76 9.16 5.72 -14.88
N ASN A 77 7.91 6.11 -14.72
CA ASN A 77 7.61 7.38 -14.08
C ASN A 77 8.13 7.37 -12.65
N PRO A 78 8.74 8.52 -12.25
CA PRO A 78 9.29 8.65 -10.91
C PRO A 78 8.18 8.82 -9.87
N SER A 79 8.20 7.95 -8.88
CA SER A 79 7.21 8.00 -7.82
C SER A 79 7.75 8.80 -6.62
N THR A 80 6.82 9.27 -5.80
CA THR A 80 7.19 10.05 -4.63
C THR A 80 6.65 9.39 -3.36
N VAL A 81 7.55 9.11 -2.44
CA VAL A 81 7.17 8.48 -1.18
C VAL A 81 7.11 9.54 -0.09
N GLY A 82 5.94 10.15 0.03
CA GLY A 82 5.73 11.18 1.03
C GLY A 82 6.15 12.55 0.50
N VAL A 83 7.39 12.90 0.76
CA VAL A 83 7.92 14.18 0.31
C VAL A 83 9.28 13.96 -0.37
N GLN A 84 9.50 12.72 -0.78
CA GLN A 84 10.74 12.36 -1.44
C GLN A 84 10.45 11.71 -2.80
N GLU A 85 11.34 11.99 -3.74
CA GLU A 85 11.19 11.45 -5.09
C GLU A 85 11.97 10.14 -5.21
N LEU A 86 11.39 9.21 -5.95
CA LEU A 86 12.01 7.91 -6.16
C LEU A 86 12.61 7.86 -7.56
N LYS A 87 13.07 6.67 -7.93
CA LYS A 87 13.67 6.47 -9.23
C LYS A 87 13.30 5.09 -9.76
N PRO A 88 13.66 4.84 -11.05
CA PRO A 88 13.37 3.57 -11.67
C PRO A 88 14.33 2.48 -11.17
N GLY A 89 13.75 1.52 -10.45
CA GLY A 89 14.53 0.43 -9.91
C GLY A 89 14.91 0.69 -8.44
N LEU A 90 14.46 1.84 -7.95
CA LEU A 90 14.74 2.22 -6.58
C LEU A 90 13.73 1.56 -5.65
N SER A 91 13.86 1.86 -4.36
CA SER A 91 12.98 1.30 -3.36
C SER A 91 12.99 2.16 -2.11
N GLY A 92 11.81 2.30 -1.50
CA GLY A 92 11.67 3.10 -0.30
C GLY A 92 10.70 2.44 0.68
N SER A 93 10.31 3.21 1.69
CA SER A 93 9.39 2.72 2.70
C SER A 93 8.30 3.77 2.96
N LEU A 94 7.15 3.27 3.40
CA LEU A 94 6.03 4.15 3.70
C LEU A 94 5.54 3.89 5.12
N SER A 95 5.48 4.95 5.90
CA SER A 95 5.03 4.85 7.27
C SER A 95 3.51 5.06 7.35
N LEU A 96 2.93 4.56 8.43
CA LEU A 96 1.50 4.67 8.64
C LEU A 96 1.10 6.15 8.56
N GLY A 97 0.51 6.52 7.44
CA GLY A 97 0.07 7.89 7.23
C GLY A 97 0.79 8.52 6.03
N ASP A 98 1.95 7.97 5.72
CA ASP A 98 2.74 8.46 4.60
C ASP A 98 1.94 8.29 3.31
N VAL A 99 2.22 9.18 2.36
CA VAL A 99 1.54 9.14 1.08
C VAL A 99 2.44 8.48 0.03
N LEU A 100 1.82 8.05 -1.05
CA LEU A 100 2.56 7.40 -2.13
C LEU A 100 1.96 7.82 -3.47
N TYR A 101 2.42 8.96 -3.96
CA TYR A 101 1.94 9.47 -5.23
C TYR A 101 2.24 8.50 -6.37
N LEU A 102 1.22 7.75 -6.77
CA LEU A 102 1.37 6.79 -7.84
C LEU A 102 2.31 7.35 -8.90
N VAL A 103 1.90 8.48 -9.46
CA VAL A 103 2.70 9.13 -10.49
C VAL A 103 2.21 10.57 -10.68
N ASN A 104 3.01 11.35 -11.39
CA ASN A 104 2.67 12.73 -11.66
C ASN A 104 2.38 13.44 -10.33
N GLY A 105 2.99 12.92 -9.28
CA GLY A 105 2.80 13.49 -7.95
C GLY A 105 1.33 13.56 -7.59
N LEU A 106 0.53 12.80 -8.32
CA LEU A 106 -0.90 12.77 -8.09
C LEU A 106 -1.30 11.39 -7.55
N TYR A 107 -2.60 11.18 -7.46
CA TYR A 107 -3.12 9.91 -6.97
C TYR A 107 -2.34 9.45 -5.73
N PRO A 108 -2.41 10.28 -4.66
CA PRO A 108 -1.71 9.97 -3.42
C PRO A 108 -2.44 8.86 -2.66
N LEU A 109 -1.69 7.83 -2.29
CA LEU A 109 -2.23 6.72 -1.55
C LEU A 109 -1.74 6.77 -0.11
N THR A 110 -2.66 7.09 0.79
CA THR A 110 -2.34 7.17 2.20
C THR A 110 -2.38 5.79 2.84
N LEU A 111 -1.34 5.50 3.61
CA LEU A 111 -1.23 4.21 4.27
C LEU A 111 -1.97 4.29 5.62
N ARG A 112 -2.82 3.31 5.85
CA ARG A 112 -3.59 3.25 7.08
C ARG A 112 -3.58 1.83 7.65
N TRP A 113 -3.81 1.74 8.95
CA TRP A 113 -3.83 0.46 9.63
C TRP A 113 -5.18 0.30 10.32
N SER A 114 -5.74 -0.89 10.18
CA SER A 114 -7.04 -1.18 10.78
C SER A 114 -6.85 -1.62 12.24
N GLY A 115 -7.69 -1.06 13.10
CA GLY A 115 -7.62 -1.38 14.52
C GLY A 115 -8.70 -0.63 15.30
N PRO A 116 -9.77 -1.39 15.68
CA PRO A 116 -10.87 -0.81 16.43
C PRO A 116 -10.47 -0.57 17.89
N SER A 117 -9.51 0.31 18.07
CA SER A 117 -9.03 0.65 19.41
C SER A 117 -8.02 1.79 19.32
N SER A 118 -8.53 2.98 19.05
CA SER A 118 -7.69 4.15 18.95
C SER A 118 -7.59 4.85 20.31
N GLY A 119 -6.37 4.88 20.84
CA GLY A 119 -6.12 5.50 22.12
C GLY A 119 -5.39 6.83 21.95
N GLY A 1 -19.74 -32.17 14.31
CA GLY A 1 -18.44 -32.37 14.93
C GLY A 1 -18.26 -31.45 16.14
N SER A 2 -17.00 -31.22 16.49
CA SER A 2 -16.68 -30.37 17.62
C SER A 2 -15.20 -30.00 17.60
N SER A 3 -14.90 -28.81 18.08
CA SER A 3 -13.53 -28.34 18.12
C SER A 3 -13.25 -27.68 19.48
N GLY A 4 -11.97 -27.65 19.84
CA GLY A 4 -11.55 -27.05 21.10
C GLY A 4 -10.43 -26.04 20.87
N SER A 5 -10.78 -24.95 20.20
CA SER A 5 -9.82 -23.90 19.91
C SER A 5 -9.57 -23.07 21.17
N SER A 6 -8.53 -22.26 21.11
CA SER A 6 -8.18 -21.41 22.23
C SER A 6 -8.87 -20.06 22.11
N GLY A 7 -10.12 -20.03 22.55
CA GLY A 7 -10.91 -18.81 22.50
C GLY A 7 -11.32 -18.49 21.07
N MET A 8 -12.59 -18.14 20.90
CA MET A 8 -13.11 -17.81 19.59
C MET A 8 -13.57 -16.34 19.54
N SER A 9 -14.46 -16.00 20.46
CA SER A 9 -14.98 -14.65 20.53
C SER A 9 -14.21 -13.85 21.58
N GLN A 10 -13.27 -13.05 21.08
CA GLN A 10 -12.45 -12.23 21.95
C GLN A 10 -11.53 -11.33 21.13
N LEU A 11 -12.05 -10.15 20.80
CA LEU A 11 -11.29 -9.20 20.02
C LEU A 11 -9.84 -9.18 20.50
N GLY A 12 -8.93 -9.31 19.54
CA GLY A 12 -7.51 -9.31 19.86
C GLY A 12 -6.70 -9.90 18.71
N SER A 13 -6.84 -9.28 17.54
CA SER A 13 -6.13 -9.73 16.36
C SER A 13 -5.24 -8.60 15.83
N ARG A 14 -4.25 -9.00 15.04
CA ARG A 14 -3.33 -8.03 14.47
C ARG A 14 -4.03 -7.20 13.39
N GLY A 15 -3.89 -5.89 13.51
CA GLY A 15 -4.50 -4.98 12.56
C GLY A 15 -4.15 -5.36 11.13
N ARG A 16 -4.69 -4.58 10.19
CA ARG A 16 -4.43 -4.83 8.78
C ARG A 16 -4.07 -3.53 8.07
N LEU A 17 -3.03 -3.61 7.26
CA LEU A 17 -2.56 -2.44 6.52
C LEU A 17 -3.38 -2.30 5.23
N TRP A 18 -3.68 -1.06 4.89
CA TRP A 18 -4.46 -0.78 3.70
C TRP A 18 -4.23 0.69 3.32
N LEU A 19 -4.59 1.01 2.09
CA LEU A 19 -4.43 2.37 1.60
C LEU A 19 -5.79 3.07 1.59
N GLN A 20 -5.76 4.35 1.92
CA GLN A 20 -6.99 5.15 1.95
C GLN A 20 -6.95 6.22 0.87
N SER A 21 -7.52 5.88 -0.28
CA SER A 21 -7.56 6.81 -1.39
C SER A 21 -8.66 7.85 -1.18
N PRO A 22 -8.41 9.07 -1.70
CA PRO A 22 -9.36 10.16 -1.57
C PRO A 22 -10.55 9.96 -2.51
N THR A 23 -11.59 10.76 -2.29
CA THR A 23 -12.78 10.68 -3.11
C THR A 23 -13.46 9.31 -2.95
N GLY A 24 -14.66 9.22 -3.48
CA GLY A 24 -15.42 7.97 -3.40
C GLY A 24 -15.07 7.05 -4.57
N GLY A 25 -13.83 7.17 -5.04
CA GLY A 25 -13.37 6.36 -6.14
C GLY A 25 -13.36 4.88 -5.76
N PRO A 26 -12.14 4.27 -5.83
CA PRO A 26 -11.98 2.87 -5.50
C PRO A 26 -12.05 2.65 -3.99
N PRO A 27 -12.42 1.40 -3.60
CA PRO A 27 -12.53 1.06 -2.19
C PRO A 27 -11.15 0.86 -1.57
N PRO A 28 -11.14 0.67 -0.22
CA PRO A 28 -9.90 0.47 0.51
C PRO A 28 -9.33 -0.92 0.27
N ILE A 29 -8.20 -0.95 -0.42
CA ILE A 29 -7.55 -2.21 -0.72
C ILE A 29 -6.71 -2.66 0.48
N PHE A 30 -6.83 -3.94 0.80
CA PHE A 30 -6.10 -4.50 1.92
C PHE A 30 -4.81 -5.17 1.46
N LEU A 31 -3.70 -4.53 1.77
CA LEU A 31 -2.39 -5.05 1.39
C LEU A 31 -2.24 -6.46 1.94
N PRO A 32 -1.40 -7.27 1.23
CA PRO A 32 -1.16 -8.64 1.65
C PRO A 32 -0.23 -8.70 2.86
N SER A 33 -0.75 -9.25 3.94
CA SER A 33 0.01 -9.37 5.17
C SER A 33 1.02 -10.52 5.05
N ASP A 34 0.65 -11.49 4.23
CA ASP A 34 1.51 -12.65 4.02
C ASP A 34 2.93 -12.18 3.73
N GLY A 35 3.02 -10.99 3.14
CA GLY A 35 4.32 -10.42 2.80
C GLY A 35 4.44 -10.19 1.29
N GLN A 36 3.44 -10.68 0.57
CA GLN A 36 3.42 -10.54 -0.88
C GLN A 36 3.57 -9.06 -1.26
N ALA A 37 3.74 -8.84 -2.56
CA ALA A 37 3.89 -7.48 -3.07
C ALA A 37 2.69 -7.15 -3.95
N LEU A 38 1.96 -6.13 -3.53
CA LEU A 38 0.78 -5.68 -4.28
C LEU A 38 1.20 -4.60 -5.28
N VAL A 39 1.27 -5.00 -6.54
CA VAL A 39 1.64 -4.08 -7.60
C VAL A 39 0.46 -3.15 -7.91
N LEU A 40 0.72 -1.85 -7.77
CA LEU A 40 -0.31 -0.86 -8.03
C LEU A 40 0.01 -0.15 -9.35
N GLY A 41 -1.04 0.41 -9.94
CA GLY A 41 -0.89 1.13 -11.19
C GLY A 41 -2.24 1.26 -11.91
N ARG A 42 -2.17 1.32 -13.23
CA ARG A 42 -3.37 1.45 -14.04
C ARG A 42 -4.26 0.22 -13.88
N GLY A 43 -5.55 0.47 -13.72
CA GLY A 43 -6.51 -0.60 -13.55
C GLY A 43 -7.56 -0.25 -12.50
N PRO A 44 -8.36 -1.27 -12.12
CA PRO A 44 -9.40 -1.08 -11.13
C PRO A 44 -8.81 -0.99 -9.72
N LEU A 45 -7.49 -1.14 -9.66
CA LEU A 45 -6.78 -1.08 -8.39
C LEU A 45 -7.03 0.29 -7.74
N THR A 46 -6.59 1.33 -8.43
CA THR A 46 -6.77 2.69 -7.94
C THR A 46 -7.65 3.49 -8.89
N GLN A 47 -8.26 2.78 -9.84
CA GLN A 47 -9.12 3.42 -10.81
C GLN A 47 -8.31 4.35 -11.71
N VAL A 48 -7.01 4.14 -11.69
CA VAL A 48 -6.11 4.95 -12.50
C VAL A 48 -6.14 4.44 -13.95
N THR A 49 -6.33 5.37 -14.87
CA THR A 49 -6.37 5.04 -16.29
C THR A 49 -5.46 5.96 -17.09
N ASP A 50 -4.45 6.49 -16.40
CA ASP A 50 -3.51 7.38 -17.04
C ASP A 50 -2.35 6.57 -17.64
N ARG A 51 -1.86 7.05 -18.77
CA ARG A 51 -0.77 6.38 -19.45
C ARG A 51 0.50 6.43 -18.60
N LYS A 52 0.71 7.59 -17.99
CA LYS A 52 1.88 7.79 -17.14
C LYS A 52 1.91 6.71 -16.06
N CYS A 53 0.75 6.11 -15.84
CA CYS A 53 0.64 5.06 -14.83
C CYS A 53 0.93 3.72 -15.50
N SER A 54 1.82 2.96 -14.89
CA SER A 54 2.20 1.66 -15.41
C SER A 54 1.62 0.55 -14.52
N ARG A 55 1.08 -0.47 -15.17
CA ARG A 55 0.50 -1.59 -14.46
C ARG A 55 1.33 -1.92 -13.22
N ASN A 56 2.64 -1.77 -13.37
CA ASN A 56 3.55 -2.04 -12.27
C ASN A 56 4.40 -0.80 -11.99
N GLN A 57 3.70 0.29 -11.70
CA GLN A 57 4.38 1.54 -11.40
C GLN A 57 5.25 1.39 -10.16
N VAL A 58 4.69 0.77 -9.14
CA VAL A 58 5.40 0.56 -7.89
C VAL A 58 4.92 -0.74 -7.25
N GLU A 59 5.77 -1.29 -6.39
CA GLU A 59 5.45 -2.52 -5.70
C GLU A 59 5.23 -2.26 -4.21
N LEU A 60 3.97 -2.34 -3.80
CA LEU A 60 3.63 -2.12 -2.40
C LEU A 60 3.68 -3.44 -1.64
N ILE A 61 4.26 -3.39 -0.46
CA ILE A 61 4.38 -4.57 0.37
C ILE A 61 4.02 -4.21 1.82
N ALA A 62 2.93 -4.81 2.28
CA ALA A 62 2.47 -4.56 3.64
C ALA A 62 3.38 -5.30 4.63
N ASP A 63 3.92 -4.54 5.56
CA ASP A 63 4.80 -5.11 6.57
C ASP A 63 4.20 -4.88 7.96
N PRO A 64 3.36 -5.86 8.39
CA PRO A 64 2.72 -5.77 9.69
C PRO A 64 3.71 -6.08 10.81
N GLU A 65 4.95 -6.36 10.41
CA GLU A 65 5.99 -6.67 11.37
C GLU A 65 6.55 -5.38 11.98
N SER A 66 6.39 -4.29 11.24
CA SER A 66 6.88 -3.01 11.70
C SER A 66 5.95 -1.89 11.22
N ARG A 67 4.70 -2.27 10.98
CA ARG A 67 3.70 -1.32 10.51
C ARG A 67 4.31 -0.40 9.44
N THR A 68 5.01 -1.03 8.51
CA THR A 68 5.63 -0.29 7.42
C THR A 68 5.18 -0.84 6.07
N VAL A 69 5.65 -0.17 5.02
CA VAL A 69 5.30 -0.59 3.66
C VAL A 69 6.42 -0.18 2.71
N ALA A 70 6.95 -1.17 2.00
CA ALA A 70 8.02 -0.92 1.06
C ALA A 70 7.43 -0.52 -0.29
N VAL A 71 8.15 0.37 -0.97
CA VAL A 71 7.70 0.85 -2.28
C VAL A 71 8.87 0.79 -3.26
N LYS A 72 8.77 -0.14 -4.20
CA LYS A 72 9.80 -0.30 -5.20
C LYS A 72 9.28 0.18 -6.56
N GLN A 73 10.06 1.03 -7.20
CA GLN A 73 9.69 1.56 -8.50
C GLN A 73 10.10 0.60 -9.61
N LEU A 74 9.11 0.06 -10.29
CA LEU A 74 9.36 -0.87 -11.38
C LEU A 74 8.85 -0.27 -12.69
N GLY A 75 8.46 0.99 -12.61
CA GLY A 75 7.96 1.69 -13.78
C GLY A 75 9.04 2.63 -14.37
N VAL A 76 8.57 3.67 -15.03
CA VAL A 76 9.48 4.63 -15.64
C VAL A 76 9.31 5.98 -14.94
N ASN A 77 8.06 6.39 -14.78
CA ASN A 77 7.76 7.65 -14.14
C ASN A 77 8.22 7.60 -12.67
N PRO A 78 8.85 8.73 -12.24
CA PRO A 78 9.34 8.82 -10.87
C PRO A 78 8.18 9.03 -9.89
N SER A 79 8.16 8.19 -8.85
CA SER A 79 7.12 8.28 -7.84
C SER A 79 7.67 8.97 -6.60
N THR A 80 6.74 9.49 -5.79
CA THR A 80 7.12 10.17 -4.57
C THR A 80 6.57 9.43 -3.35
N VAL A 81 7.49 9.00 -2.48
CA VAL A 81 7.11 8.28 -1.29
C VAL A 81 7.07 9.25 -0.10
N GLY A 82 5.97 9.98 0.00
CA GLY A 82 5.80 10.94 1.07
C GLY A 82 6.16 12.36 0.60
N VAL A 83 7.41 12.71 0.83
CA VAL A 83 7.90 14.03 0.43
C VAL A 83 9.25 13.88 -0.27
N GLN A 84 9.55 12.65 -0.65
CA GLN A 84 10.79 12.36 -1.34
C GLN A 84 10.53 11.66 -2.67
N GLU A 85 11.24 12.10 -3.69
CA GLU A 85 11.09 11.53 -5.02
C GLU A 85 11.88 10.22 -5.13
N LEU A 86 11.31 9.28 -5.86
CA LEU A 86 11.95 7.99 -6.05
C LEU A 86 12.60 7.95 -7.43
N LYS A 87 13.17 6.79 -7.75
CA LYS A 87 13.82 6.61 -9.03
C LYS A 87 13.46 5.23 -9.60
N PRO A 88 13.83 5.02 -10.88
CA PRO A 88 13.56 3.77 -11.55
C PRO A 88 14.50 2.66 -11.06
N GLY A 89 13.94 1.73 -10.32
CA GLY A 89 14.72 0.62 -9.79
C GLY A 89 15.08 0.86 -8.32
N LEU A 90 14.57 1.97 -7.80
CA LEU A 90 14.84 2.33 -6.41
C LEU A 90 13.82 1.63 -5.50
N SER A 91 13.97 1.87 -4.21
CA SER A 91 13.07 1.28 -3.23
C SER A 91 13.10 2.09 -1.93
N GLY A 92 11.91 2.37 -1.43
CA GLY A 92 11.77 3.13 -0.19
C GLY A 92 10.77 2.48 0.76
N SER A 93 10.40 3.23 1.78
CA SER A 93 9.45 2.74 2.76
C SER A 93 8.38 3.80 3.04
N LEU A 94 7.21 3.33 3.42
CA LEU A 94 6.10 4.23 3.72
C LEU A 94 5.59 3.96 5.14
N SER A 95 5.50 5.03 5.91
CA SER A 95 5.03 4.91 7.28
C SER A 95 3.53 5.15 7.35
N LEU A 96 2.93 4.71 8.44
CA LEU A 96 1.50 4.86 8.63
C LEU A 96 1.12 6.35 8.52
N GLY A 97 0.44 6.67 7.44
CA GLY A 97 0.02 8.04 7.20
C GLY A 97 0.72 8.63 5.99
N ASP A 98 1.96 8.20 5.80
CA ASP A 98 2.76 8.68 4.68
C ASP A 98 1.95 8.53 3.39
N VAL A 99 2.23 9.42 2.44
CA VAL A 99 1.54 9.40 1.16
C VAL A 99 2.42 8.71 0.12
N LEU A 100 1.77 8.24 -0.94
CA LEU A 100 2.49 7.56 -2.01
C LEU A 100 1.90 7.98 -3.36
N TYR A 101 2.39 9.11 -3.85
CA TYR A 101 1.92 9.63 -5.13
C TYR A 101 2.21 8.65 -6.26
N LEU A 102 1.18 7.89 -6.62
CA LEU A 102 1.30 6.91 -7.68
C LEU A 102 2.21 7.47 -8.78
N VAL A 103 1.78 8.61 -9.32
CA VAL A 103 2.54 9.25 -10.38
C VAL A 103 2.10 10.72 -10.49
N ASN A 104 2.81 11.45 -11.33
CA ASN A 104 2.51 12.85 -11.54
C ASN A 104 2.21 13.51 -10.19
N GLY A 105 2.93 13.06 -9.17
CA GLY A 105 2.75 13.59 -7.84
C GLY A 105 1.26 13.66 -7.47
N LEU A 106 0.47 12.85 -8.15
CA LEU A 106 -0.95 12.80 -7.90
C LEU A 106 -1.35 11.40 -7.42
N TYR A 107 -2.64 11.18 -7.33
CA TYR A 107 -3.15 9.90 -6.89
C TYR A 107 -2.36 9.38 -5.68
N PRO A 108 -2.40 10.17 -4.59
CA PRO A 108 -1.70 9.80 -3.37
C PRO A 108 -2.44 8.69 -2.63
N LEU A 109 -1.69 7.64 -2.32
CA LEU A 109 -2.26 6.51 -1.61
C LEU A 109 -1.80 6.54 -0.15
N THR A 110 -2.66 7.10 0.69
CA THR A 110 -2.36 7.20 2.11
C THR A 110 -2.35 5.81 2.76
N LEU A 111 -1.31 5.57 3.56
CA LEU A 111 -1.17 4.30 4.23
C LEU A 111 -1.88 4.37 5.59
N ARG A 112 -2.73 3.38 5.83
CA ARG A 112 -3.47 3.32 7.08
C ARG A 112 -3.35 1.92 7.69
N TRP A 113 -3.81 1.82 8.93
CA TRP A 113 -3.77 0.55 9.65
C TRP A 113 -5.07 0.40 10.41
N SER A 114 -5.68 -0.77 10.24
CA SER A 114 -6.94 -1.06 10.91
C SER A 114 -6.69 -1.37 12.38
N GLY A 115 -7.42 -0.68 13.24
CA GLY A 115 -7.28 -0.87 14.67
C GLY A 115 -8.58 -0.51 15.40
N PRO A 116 -8.75 -1.12 16.61
CA PRO A 116 -9.94 -0.86 17.41
C PRO A 116 -9.87 0.52 18.06
N SER A 117 -11.06 1.06 18.36
CA SER A 117 -11.14 2.37 18.98
C SER A 117 -10.55 3.43 18.05
N SER A 118 -11.42 4.08 17.31
CA SER A 118 -11.01 5.12 16.39
C SER A 118 -11.96 6.31 16.46
N GLY A 119 -11.47 7.45 15.99
CA GLY A 119 -12.27 8.67 16.00
C GLY A 119 -11.38 9.91 15.90
N GLY A 1 -4.61 -35.64 7.69
CA GLY A 1 -3.24 -35.85 8.12
C GLY A 1 -3.08 -35.58 9.61
N SER A 2 -2.64 -34.37 9.93
CA SER A 2 -2.45 -33.98 11.32
C SER A 2 -3.68 -34.37 12.14
N SER A 3 -3.51 -34.30 13.46
CA SER A 3 -4.59 -34.65 14.37
C SER A 3 -5.05 -33.40 15.12
N GLY A 4 -4.11 -32.80 15.84
CA GLY A 4 -4.40 -31.60 16.61
C GLY A 4 -3.26 -31.29 17.59
N SER A 5 -3.63 -30.63 18.68
CA SER A 5 -2.65 -30.25 19.68
C SER A 5 -3.29 -30.29 21.07
N SER A 6 -2.51 -30.74 22.04
CA SER A 6 -2.99 -30.82 23.41
C SER A 6 -2.31 -29.76 24.27
N GLY A 7 -3.13 -28.85 24.79
CA GLY A 7 -2.64 -27.77 25.62
C GLY A 7 -3.31 -26.45 25.28
N MET A 8 -3.75 -25.76 26.33
CA MET A 8 -4.42 -24.47 26.15
C MET A 8 -3.67 -23.60 25.14
N SER A 9 -4.30 -23.38 24.01
CA SER A 9 -3.72 -22.57 22.96
C SER A 9 -4.80 -21.85 22.17
N GLN A 10 -4.50 -20.62 21.77
CA GLN A 10 -5.45 -19.83 21.01
C GLN A 10 -4.81 -18.49 20.61
N LEU A 11 -4.92 -18.18 19.33
CA LEU A 11 -4.37 -16.94 18.81
C LEU A 11 -5.51 -15.95 18.55
N GLY A 12 -5.13 -14.69 18.38
CA GLY A 12 -6.11 -13.64 18.13
C GLY A 12 -6.00 -13.14 16.69
N SER A 13 -6.00 -11.82 16.56
CA SER A 13 -5.91 -11.20 15.25
C SER A 13 -5.03 -9.95 15.32
N ARG A 14 -4.47 -9.58 14.17
CA ARG A 14 -3.62 -8.41 14.09
C ARG A 14 -4.19 -7.40 13.11
N GLY A 15 -3.74 -6.16 13.25
CA GLY A 15 -4.20 -5.09 12.36
C GLY A 15 -3.99 -5.46 10.90
N ARG A 16 -4.47 -4.58 10.02
CA ARG A 16 -4.34 -4.80 8.60
C ARG A 16 -4.00 -3.49 7.89
N LEU A 17 -2.95 -3.56 7.08
CA LEU A 17 -2.51 -2.39 6.33
C LEU A 17 -3.35 -2.24 5.06
N TRP A 18 -3.72 -1.01 4.78
CA TRP A 18 -4.53 -0.72 3.60
C TRP A 18 -4.36 0.77 3.26
N LEU A 19 -4.68 1.10 2.02
CA LEU A 19 -4.57 2.46 1.56
C LEU A 19 -5.96 3.13 1.61
N GLN A 20 -5.94 4.43 1.86
CA GLN A 20 -7.18 5.18 1.95
C GLN A 20 -7.26 6.20 0.80
N SER A 21 -8.15 5.91 -0.13
CA SER A 21 -8.34 6.78 -1.29
C SER A 21 -9.29 7.93 -0.92
N PRO A 22 -9.06 9.10 -1.57
CA PRO A 22 -9.88 10.27 -1.32
C PRO A 22 -11.24 10.13 -2.02
N THR A 23 -12.13 11.04 -1.67
CA THR A 23 -13.47 11.04 -2.26
C THR A 23 -13.40 10.80 -3.76
N GLY A 24 -14.43 10.14 -4.28
CA GLY A 24 -14.49 9.85 -5.70
C GLY A 24 -13.33 8.93 -6.12
N GLY A 25 -13.12 7.90 -5.32
CA GLY A 25 -12.06 6.95 -5.61
C GLY A 25 -12.48 5.52 -5.27
N PRO A 26 -11.53 4.57 -5.44
CA PRO A 26 -11.80 3.18 -5.17
C PRO A 26 -11.83 2.91 -3.66
N PRO A 27 -12.21 1.67 -3.30
CA PRO A 27 -12.28 1.27 -1.90
C PRO A 27 -10.89 1.04 -1.33
N PRO A 28 -10.85 0.82 0.02
CA PRO A 28 -9.58 0.58 0.70
C PRO A 28 -9.05 -0.82 0.41
N ILE A 29 -7.93 -0.86 -0.30
CA ILE A 29 -7.31 -2.12 -0.66
C ILE A 29 -6.56 -2.67 0.56
N PHE A 30 -6.78 -3.96 0.83
CA PHE A 30 -6.13 -4.60 1.95
C PHE A 30 -4.89 -5.38 1.49
N LEU A 31 -3.73 -4.79 1.74
CA LEU A 31 -2.48 -5.41 1.36
C LEU A 31 -2.36 -6.78 2.04
N PRO A 32 -1.49 -7.64 1.46
CA PRO A 32 -1.28 -8.97 2.00
C PRO A 32 -0.42 -8.91 3.27
N SER A 33 -0.63 -9.91 4.13
CA SER A 33 0.11 -9.99 5.38
C SER A 33 1.29 -10.94 5.23
N ASP A 34 1.06 -11.99 4.45
CA ASP A 34 2.10 -12.99 4.22
C ASP A 34 3.42 -12.27 3.91
N GLY A 35 3.30 -11.07 3.38
CA GLY A 35 4.47 -10.28 3.04
C GLY A 35 4.55 -10.04 1.53
N GLN A 36 3.60 -10.64 0.81
CA GLN A 36 3.55 -10.49 -0.63
C GLN A 36 3.62 -9.01 -1.02
N ALA A 37 3.74 -8.77 -2.31
CA ALA A 37 3.82 -7.42 -2.83
C ALA A 37 2.67 -7.18 -3.81
N LEU A 38 1.88 -6.16 -3.49
CA LEU A 38 0.74 -5.82 -4.33
C LEU A 38 1.15 -4.71 -5.30
N VAL A 39 1.26 -5.08 -6.57
CA VAL A 39 1.64 -4.13 -7.60
C VAL A 39 0.47 -3.16 -7.85
N LEU A 40 0.81 -1.89 -7.91
CA LEU A 40 -0.18 -0.86 -8.14
C LEU A 40 0.06 -0.23 -9.52
N GLY A 41 -0.94 0.54 -9.96
CA GLY A 41 -0.85 1.21 -11.25
C GLY A 41 -2.23 1.33 -11.89
N ARG A 42 -2.22 1.46 -13.22
CA ARG A 42 -3.46 1.59 -13.97
C ARG A 42 -4.39 0.43 -13.65
N GLY A 43 -5.69 0.69 -13.75
CA GLY A 43 -6.68 -0.32 -13.48
C GLY A 43 -7.70 0.16 -12.44
N PRO A 44 -8.66 -0.75 -12.11
CA PRO A 44 -9.68 -0.42 -11.14
C PRO A 44 -9.12 -0.44 -9.71
N LEU A 45 -7.85 -0.81 -9.62
CA LEU A 45 -7.18 -0.88 -8.34
C LEU A 45 -7.21 0.51 -7.69
N THR A 46 -6.58 1.46 -8.37
CA THR A 46 -6.52 2.82 -7.86
C THR A 46 -7.41 3.73 -8.71
N GLN A 47 -8.14 3.11 -9.62
CA GLN A 47 -9.03 3.87 -10.50
C GLN A 47 -8.23 4.82 -11.38
N VAL A 48 -6.97 4.45 -11.62
CA VAL A 48 -6.09 5.26 -12.44
C VAL A 48 -6.17 4.78 -13.89
N THR A 49 -6.39 5.74 -14.78
CA THR A 49 -6.50 5.42 -16.19
C THR A 49 -5.39 6.14 -16.98
N ASP A 50 -4.70 7.02 -16.28
CA ASP A 50 -3.62 7.78 -16.89
C ASP A 50 -2.65 6.82 -17.58
N ARG A 51 -2.00 7.32 -18.61
CA ARG A 51 -1.05 6.52 -19.37
C ARG A 51 0.29 6.46 -18.63
N LYS A 52 0.61 7.54 -17.96
CA LYS A 52 1.86 7.62 -17.21
C LYS A 52 1.86 6.55 -16.12
N CYS A 53 0.68 6.01 -15.86
CA CYS A 53 0.54 4.97 -14.85
C CYS A 53 0.77 3.61 -15.52
N SER A 54 1.69 2.85 -14.94
CA SER A 54 2.01 1.54 -15.46
C SER A 54 1.43 0.46 -14.56
N ARG A 55 0.85 -0.55 -15.19
CA ARG A 55 0.25 -1.65 -14.46
C ARG A 55 1.11 -2.01 -13.24
N ASN A 56 2.42 -1.89 -13.43
CA ASN A 56 3.36 -2.19 -12.36
C ASN A 56 4.27 -0.99 -12.14
N GLN A 57 3.65 0.13 -11.83
CA GLN A 57 4.41 1.36 -11.58
C GLN A 57 5.35 1.18 -10.39
N VAL A 58 4.78 0.69 -9.29
CA VAL A 58 5.55 0.47 -8.09
C VAL A 58 5.11 -0.85 -7.44
N GLU A 59 5.86 -1.25 -6.44
CA GLU A 59 5.57 -2.48 -5.72
C GLU A 59 5.35 -2.21 -4.24
N LEU A 60 4.09 -2.33 -3.82
CA LEU A 60 3.75 -2.09 -2.43
C LEU A 60 3.78 -3.42 -1.66
N ILE A 61 4.28 -3.34 -0.44
CA ILE A 61 4.37 -4.53 0.40
C ILE A 61 3.99 -4.15 1.83
N ALA A 62 2.96 -4.84 2.33
CA ALA A 62 2.48 -4.60 3.68
C ALA A 62 3.45 -5.24 4.68
N ASP A 63 3.98 -4.39 5.55
CA ASP A 63 4.91 -4.85 6.56
C ASP A 63 4.35 -4.55 7.95
N PRO A 64 3.51 -5.50 8.46
CA PRO A 64 2.90 -5.34 9.76
C PRO A 64 3.92 -5.60 10.88
N GLU A 65 5.13 -5.91 10.46
CA GLU A 65 6.21 -6.18 11.40
C GLU A 65 6.52 -4.93 12.23
N SER A 66 6.57 -3.80 11.54
CA SER A 66 6.86 -2.53 12.20
C SER A 66 5.93 -1.44 11.65
N ARG A 67 4.76 -1.87 11.19
CA ARG A 67 3.79 -0.96 10.63
C ARG A 67 4.43 -0.09 9.55
N THR A 68 4.98 -0.77 8.55
CA THR A 68 5.63 -0.07 7.44
C THR A 68 5.24 -0.71 6.11
N VAL A 69 5.71 -0.11 5.03
CA VAL A 69 5.42 -0.61 3.70
C VAL A 69 6.57 -0.24 2.76
N ALA A 70 6.94 -1.20 1.92
CA ALA A 70 8.01 -0.98 0.97
C ALA A 70 7.43 -0.48 -0.36
N VAL A 71 8.18 0.37 -1.02
CA VAL A 71 7.76 0.92 -2.29
C VAL A 71 8.91 0.82 -3.30
N LYS A 72 8.78 -0.14 -4.20
CA LYS A 72 9.79 -0.36 -5.22
C LYS A 72 9.24 0.07 -6.58
N GLN A 73 9.93 1.02 -7.19
CA GLN A 73 9.51 1.52 -8.50
C GLN A 73 9.91 0.53 -9.59
N LEU A 74 8.90 -0.01 -10.26
CA LEU A 74 9.14 -0.97 -11.33
C LEU A 74 8.79 -0.32 -12.67
N GLY A 75 8.23 0.88 -12.59
CA GLY A 75 7.85 1.61 -13.78
C GLY A 75 9.02 2.45 -14.31
N VAL A 76 8.69 3.62 -14.81
CA VAL A 76 9.70 4.51 -15.35
C VAL A 76 9.57 5.89 -14.67
N ASN A 77 8.34 6.34 -14.55
CA ASN A 77 8.07 7.63 -13.93
C ASN A 77 8.51 7.58 -12.47
N PRO A 78 9.09 8.72 -12.00
CA PRO A 78 9.55 8.82 -10.63
C PRO A 78 8.38 8.98 -9.67
N SER A 79 8.32 8.09 -8.69
CA SER A 79 7.25 8.12 -7.71
C SER A 79 7.73 8.85 -6.45
N THR A 80 6.77 9.33 -5.67
CA THR A 80 7.08 10.05 -4.45
C THR A 80 6.52 9.29 -3.24
N VAL A 81 7.43 8.88 -2.36
CA VAL A 81 7.06 8.15 -1.17
C VAL A 81 7.02 9.12 0.03
N GLY A 82 5.96 9.92 0.06
CA GLY A 82 5.80 10.89 1.14
C GLY A 82 6.25 12.28 0.69
N VAL A 83 7.50 12.60 1.02
CA VAL A 83 8.06 13.89 0.66
C VAL A 83 9.41 13.68 -0.03
N GLN A 84 9.61 12.47 -0.52
CA GLN A 84 10.84 12.13 -1.20
C GLN A 84 10.54 11.56 -2.59
N GLU A 85 11.41 11.92 -3.54
CA GLU A 85 11.26 11.47 -4.90
C GLU A 85 12.04 10.17 -5.12
N LEU A 86 11.36 9.21 -5.75
CA LEU A 86 11.98 7.92 -6.02
C LEU A 86 12.55 7.94 -7.45
N LYS A 87 13.00 6.76 -7.88
CA LYS A 87 13.57 6.62 -9.21
C LYS A 87 13.19 5.26 -9.78
N PRO A 88 13.47 5.08 -11.10
CA PRO A 88 13.15 3.84 -11.77
C PRO A 88 14.15 2.74 -11.39
N GLY A 89 13.74 1.93 -10.42
CA GLY A 89 14.59 0.84 -9.96
C GLY A 89 15.00 1.06 -8.50
N LEU A 90 14.45 2.11 -7.91
CA LEU A 90 14.75 2.44 -6.53
C LEU A 90 13.75 1.74 -5.62
N SER A 91 13.94 1.94 -4.32
CA SER A 91 13.06 1.32 -3.34
C SER A 91 13.07 2.15 -2.04
N GLY A 92 11.87 2.39 -1.53
CA GLY A 92 11.72 3.17 -0.30
C GLY A 92 10.72 2.50 0.64
N SER A 93 10.35 3.25 1.67
CA SER A 93 9.40 2.75 2.66
C SER A 93 8.35 3.82 2.96
N LEU A 94 7.18 3.36 3.36
CA LEU A 94 6.09 4.26 3.68
C LEU A 94 5.64 4.02 5.13
N SER A 95 5.54 5.12 5.87
CA SER A 95 5.14 5.04 7.26
C SER A 95 3.63 5.30 7.38
N LEU A 96 3.03 4.63 8.36
CA LEU A 96 1.60 4.78 8.59
C LEU A 96 1.22 6.26 8.49
N GLY A 97 0.49 6.58 7.43
CA GLY A 97 0.06 7.95 7.22
C GLY A 97 0.74 8.55 5.98
N ASP A 98 1.99 8.18 5.80
CA ASP A 98 2.77 8.67 4.67
C ASP A 98 1.97 8.47 3.38
N VAL A 99 2.19 9.36 2.43
CA VAL A 99 1.51 9.29 1.16
C VAL A 99 2.40 8.59 0.13
N LEU A 100 1.79 8.22 -0.98
CA LEU A 100 2.52 7.55 -2.05
C LEU A 100 1.92 7.94 -3.40
N TYR A 101 2.38 9.06 -3.92
CA TYR A 101 1.89 9.56 -5.19
C TYR A 101 2.21 8.57 -6.31
N LEU A 102 1.20 7.80 -6.69
CA LEU A 102 1.35 6.81 -7.74
C LEU A 102 2.29 7.36 -8.82
N VAL A 103 1.89 8.49 -9.40
CA VAL A 103 2.68 9.13 -10.43
C VAL A 103 2.17 10.56 -10.65
N ASN A 104 2.97 11.33 -11.37
CA ASN A 104 2.60 12.71 -11.66
C ASN A 104 2.29 13.43 -10.34
N GLY A 105 2.93 12.95 -9.27
CA GLY A 105 2.72 13.54 -7.96
C GLY A 105 1.23 13.60 -7.61
N LEU A 106 0.45 12.79 -8.32
CA LEU A 106 -0.97 12.74 -8.09
C LEU A 106 -1.34 11.38 -7.50
N TYR A 107 -2.64 11.13 -7.41
CA TYR A 107 -3.14 9.88 -6.88
C TYR A 107 -2.35 9.47 -5.62
N PRO A 108 -2.43 10.34 -4.58
CA PRO A 108 -1.74 10.08 -3.34
C PRO A 108 -2.45 9.01 -2.52
N LEU A 109 -1.72 7.94 -2.25
CA LEU A 109 -2.27 6.83 -1.48
C LEU A 109 -1.79 6.92 -0.04
N THR A 110 -2.75 7.06 0.87
CA THR A 110 -2.43 7.16 2.28
C THR A 110 -2.45 5.78 2.93
N LEU A 111 -1.35 5.46 3.60
CA LEU A 111 -1.23 4.17 4.27
C LEU A 111 -1.96 4.23 5.61
N ARG A 112 -2.81 3.23 5.82
CA ARG A 112 -3.59 3.16 7.04
C ARG A 112 -3.42 1.78 7.70
N TRP A 113 -3.83 1.71 8.95
CA TRP A 113 -3.72 0.46 9.70
C TRP A 113 -5.01 0.28 10.50
N SER A 114 -5.57 -0.91 10.42
CA SER A 114 -6.80 -1.22 11.14
C SER A 114 -6.49 -1.49 12.61
N GLY A 115 -7.42 -1.10 13.46
CA GLY A 115 -7.26 -1.29 14.90
C GLY A 115 -7.94 -0.17 15.67
N PRO A 116 -8.64 -0.58 16.76
CA PRO A 116 -9.34 0.38 17.60
C PRO A 116 -8.36 1.15 18.49
N SER A 117 -8.76 2.36 18.87
CA SER A 117 -7.93 3.20 19.71
C SER A 117 -8.48 3.21 21.14
N SER A 118 -9.73 3.64 21.26
CA SER A 118 -10.38 3.70 22.56
C SER A 118 -10.72 2.30 23.05
N GLY A 119 -10.75 2.15 24.36
CA GLY A 119 -11.05 0.86 24.95
C GLY A 119 -9.85 0.30 25.71
N GLY A 1 7.98 -23.34 -16.41
CA GLY A 1 7.28 -22.10 -16.71
C GLY A 1 6.58 -21.56 -15.47
N SER A 2 5.27 -21.78 -15.43
CA SER A 2 4.47 -21.31 -14.31
C SER A 2 4.15 -22.48 -13.38
N SER A 3 4.16 -22.19 -12.08
CA SER A 3 3.87 -23.20 -11.08
C SER A 3 3.01 -22.61 -9.97
N GLY A 4 3.54 -21.57 -9.34
CA GLY A 4 2.83 -20.91 -8.26
C GLY A 4 3.81 -20.22 -7.31
N SER A 5 3.41 -19.04 -6.85
CA SER A 5 4.23 -18.28 -5.93
C SER A 5 3.43 -17.12 -5.35
N SER A 6 2.94 -16.27 -6.25
CA SER A 6 2.16 -15.11 -5.85
C SER A 6 0.67 -15.42 -5.98
N GLY A 7 -0.11 -14.77 -5.12
CA GLY A 7 -1.55 -14.97 -5.13
C GLY A 7 -2.26 -13.90 -4.30
N MET A 8 -2.97 -14.36 -3.28
CA MET A 8 -3.69 -13.45 -2.40
C MET A 8 -3.66 -13.95 -0.95
N SER A 9 -4.15 -13.10 -0.06
CA SER A 9 -4.18 -13.44 1.35
C SER A 9 -4.82 -12.30 2.15
N GLN A 10 -6.12 -12.40 2.34
CA GLN A 10 -6.86 -11.40 3.08
C GLN A 10 -7.29 -11.95 4.44
N LEU A 11 -6.33 -12.04 5.34
CA LEU A 11 -6.59 -12.55 6.68
C LEU A 11 -6.19 -11.50 7.71
N GLY A 12 -4.88 -11.35 7.86
CA GLY A 12 -4.35 -10.38 8.81
C GLY A 12 -4.40 -10.92 10.24
N SER A 13 -3.24 -11.32 10.73
CA SER A 13 -3.13 -11.86 12.07
C SER A 13 -3.33 -10.74 13.11
N ARG A 14 -2.59 -9.67 12.90
CA ARG A 14 -2.66 -8.53 13.81
C ARG A 14 -2.76 -7.23 13.01
N GLY A 15 -3.99 -6.78 12.82
CA GLY A 15 -4.24 -5.55 12.07
C GLY A 15 -3.70 -5.66 10.65
N ARG A 16 -4.57 -5.36 9.69
CA ARG A 16 -4.19 -5.41 8.29
C ARG A 16 -4.03 -4.01 7.73
N LEU A 17 -2.92 -3.81 7.02
CA LEU A 17 -2.64 -2.52 6.43
C LEU A 17 -3.52 -2.32 5.19
N TRP A 18 -3.65 -1.07 4.78
CA TRP A 18 -4.46 -0.73 3.62
C TRP A 18 -4.14 0.71 3.21
N LEU A 19 -4.69 1.11 2.08
CA LEU A 19 -4.47 2.45 1.58
C LEU A 19 -5.81 3.18 1.48
N GLN A 20 -5.77 4.47 1.76
CA GLN A 20 -6.96 5.30 1.72
C GLN A 20 -6.84 6.36 0.62
N SER A 21 -7.56 6.13 -0.47
CA SER A 21 -7.53 7.05 -1.58
C SER A 21 -8.44 8.25 -1.29
N PRO A 22 -8.02 9.43 -1.83
CA PRO A 22 -8.77 10.65 -1.63
C PRO A 22 -10.03 10.66 -2.50
N THR A 23 -11.06 11.33 -2.00
CA THR A 23 -12.32 11.43 -2.71
C THR A 23 -13.06 10.08 -2.68
N GLY A 24 -14.18 10.05 -3.37
CA GLY A 24 -14.98 8.83 -3.43
C GLY A 24 -14.44 7.87 -4.49
N GLY A 25 -13.12 7.79 -4.54
CA GLY A 25 -12.46 6.91 -5.49
C GLY A 25 -12.78 5.44 -5.19
N PRO A 26 -11.74 4.59 -5.33
CA PRO A 26 -11.89 3.16 -5.08
C PRO A 26 -11.97 2.88 -3.58
N PRO A 27 -12.34 1.60 -3.26
CA PRO A 27 -12.45 1.18 -1.87
C PRO A 27 -11.07 1.00 -1.24
N PRO A 28 -11.07 0.74 0.09
CA PRO A 28 -9.84 0.54 0.83
C PRO A 28 -9.25 -0.84 0.53
N ILE A 29 -8.21 -0.84 -0.28
CA ILE A 29 -7.55 -2.08 -0.65
C ILE A 29 -6.64 -2.53 0.50
N PHE A 30 -6.82 -3.78 0.89
CA PHE A 30 -6.04 -4.34 1.97
C PHE A 30 -4.80 -5.08 1.43
N LEU A 31 -3.64 -4.52 1.73
CA LEU A 31 -2.39 -5.11 1.27
C LEU A 31 -2.21 -6.48 1.94
N PRO A 32 -1.30 -7.29 1.35
CA PRO A 32 -1.01 -8.61 1.88
C PRO A 32 -0.16 -8.53 3.14
N SER A 33 -0.39 -9.49 4.03
CA SER A 33 0.35 -9.54 5.28
C SER A 33 1.30 -10.74 5.28
N ASP A 34 1.19 -11.54 4.24
CA ASP A 34 2.03 -12.72 4.11
C ASP A 34 3.42 -12.30 3.60
N GLY A 35 3.51 -11.04 3.19
CA GLY A 35 4.75 -10.51 2.69
C GLY A 35 4.64 -10.15 1.20
N GLN A 36 3.63 -10.71 0.56
CA GLN A 36 3.39 -10.46 -0.85
C GLN A 36 3.48 -8.97 -1.14
N ALA A 37 3.49 -8.64 -2.42
CA ALA A 37 3.57 -7.25 -2.84
C ALA A 37 2.39 -6.95 -3.77
N LEU A 38 1.69 -5.87 -3.45
CA LEU A 38 0.55 -5.45 -4.25
C LEU A 38 1.01 -4.45 -5.31
N VAL A 39 1.20 -4.97 -6.52
CA VAL A 39 1.64 -4.13 -7.62
C VAL A 39 0.49 -3.20 -8.04
N LEU A 40 0.69 -1.92 -7.79
CA LEU A 40 -0.31 -0.92 -8.14
C LEU A 40 -0.01 -0.36 -9.52
N GLY A 41 -0.91 0.48 -10.00
CA GLY A 41 -0.77 1.08 -11.31
C GLY A 41 -2.12 1.25 -12.00
N ARG A 42 -2.07 1.37 -13.31
CA ARG A 42 -3.28 1.54 -14.10
C ARG A 42 -4.26 0.39 -13.83
N GLY A 43 -5.53 0.68 -13.96
CA GLY A 43 -6.57 -0.32 -13.74
C GLY A 43 -7.57 0.15 -12.70
N PRO A 44 -8.53 -0.76 -12.38
CA PRO A 44 -9.56 -0.44 -11.39
C PRO A 44 -9.00 -0.49 -9.98
N LEU A 45 -7.71 -0.78 -9.89
CA LEU A 45 -7.04 -0.86 -8.61
C LEU A 45 -7.15 0.49 -7.90
N THR A 46 -6.60 1.51 -8.55
CA THR A 46 -6.63 2.85 -8.00
C THR A 46 -7.44 3.78 -8.90
N GLN A 47 -8.11 3.18 -9.87
CA GLN A 47 -8.93 3.94 -10.81
C GLN A 47 -8.04 4.82 -11.69
N VAL A 48 -6.76 4.49 -11.71
CA VAL A 48 -5.80 5.24 -12.51
C VAL A 48 -5.91 4.81 -13.97
N THR A 49 -6.04 5.80 -14.84
CA THR A 49 -6.14 5.53 -16.27
C THR A 49 -5.16 6.40 -17.05
N ASP A 50 -4.17 6.92 -16.33
CA ASP A 50 -3.16 7.76 -16.93
C ASP A 50 -2.08 6.89 -17.58
N ARG A 51 -1.77 7.20 -18.82
CA ARG A 51 -0.75 6.46 -19.55
C ARG A 51 0.60 6.57 -18.85
N LYS A 52 0.79 7.71 -18.18
CA LYS A 52 2.03 7.95 -17.47
C LYS A 52 2.22 6.86 -16.41
N CYS A 53 1.12 6.21 -16.07
CA CYS A 53 1.15 5.15 -15.07
C CYS A 53 1.53 3.84 -15.76
N SER A 54 1.78 2.83 -14.94
CA SER A 54 2.15 1.53 -15.46
C SER A 54 1.56 0.43 -14.57
N ARG A 55 1.02 -0.59 -15.22
CA ARG A 55 0.44 -1.71 -14.50
C ARG A 55 1.27 -2.05 -13.26
N ASN A 56 2.57 -1.82 -13.39
CA ASN A 56 3.49 -2.09 -12.29
C ASN A 56 4.36 -0.86 -12.04
N GLN A 57 3.70 0.23 -11.67
CA GLN A 57 4.40 1.47 -11.40
C GLN A 57 5.27 1.32 -10.15
N VAL A 58 4.69 0.72 -9.13
CA VAL A 58 5.39 0.52 -7.87
C VAL A 58 4.93 -0.80 -7.24
N GLU A 59 5.78 -1.34 -6.38
CA GLU A 59 5.47 -2.59 -5.70
C GLU A 59 5.31 -2.34 -4.20
N LEU A 60 4.06 -2.29 -3.77
CA LEU A 60 3.77 -2.06 -2.36
C LEU A 60 3.88 -3.38 -1.60
N ILE A 61 4.36 -3.29 -0.38
CA ILE A 61 4.51 -4.47 0.46
C ILE A 61 4.13 -4.13 1.90
N ALA A 62 3.05 -4.75 2.36
CA ALA A 62 2.57 -4.51 3.71
C ALA A 62 3.49 -5.24 4.70
N ASP A 63 3.98 -4.47 5.66
CA ASP A 63 4.87 -5.02 6.68
C ASP A 63 4.29 -4.72 8.06
N PRO A 64 3.39 -5.63 8.52
CA PRO A 64 2.75 -5.47 9.82
C PRO A 64 3.73 -5.84 10.94
N GLU A 65 4.94 -6.19 10.54
CA GLU A 65 5.97 -6.56 11.50
C GLU A 65 6.54 -5.31 12.18
N SER A 66 6.44 -4.19 11.47
CA SER A 66 6.93 -2.93 11.98
C SER A 66 6.03 -1.78 11.54
N ARG A 67 4.82 -2.16 11.11
CA ARG A 67 3.86 -1.17 10.65
C ARG A 67 4.49 -0.25 9.61
N THR A 68 5.00 -0.87 8.55
CA THR A 68 5.62 -0.12 7.47
C THR A 68 5.20 -0.69 6.11
N VAL A 69 5.66 -0.02 5.06
CA VAL A 69 5.35 -0.46 3.71
C VAL A 69 6.54 -0.15 2.79
N ALA A 70 6.85 -1.11 1.94
CA ALA A 70 7.96 -0.96 1.01
C ALA A 70 7.41 -0.59 -0.37
N VAL A 71 8.10 0.33 -1.03
CA VAL A 71 7.69 0.77 -2.35
C VAL A 71 8.89 0.66 -3.31
N LYS A 72 8.76 -0.24 -4.26
CA LYS A 72 9.81 -0.44 -5.25
C LYS A 72 9.32 0.02 -6.63
N GLN A 73 10.00 1.04 -7.15
CA GLN A 73 9.64 1.57 -8.45
C GLN A 73 10.02 0.59 -9.55
N LEU A 74 9.01 0.16 -10.29
CA LEU A 74 9.23 -0.78 -11.38
C LEU A 74 8.70 -0.17 -12.68
N GLY A 75 8.37 1.11 -12.61
CA GLY A 75 7.86 1.81 -13.77
C GLY A 75 8.96 2.65 -14.42
N VAL A 76 8.54 3.79 -14.97
CA VAL A 76 9.47 4.69 -15.63
C VAL A 76 9.43 6.04 -14.93
N ASN A 77 8.23 6.54 -14.73
CA ASN A 77 8.06 7.83 -14.07
C ASN A 77 8.45 7.70 -12.60
N PRO A 78 9.10 8.79 -12.08
CA PRO A 78 9.55 8.81 -10.70
C PRO A 78 8.37 9.02 -9.75
N SER A 79 8.28 8.15 -8.76
CA SER A 79 7.21 8.22 -7.78
C SER A 79 7.70 8.95 -6.53
N THR A 80 6.75 9.45 -5.76
CA THR A 80 7.08 10.17 -4.53
C THR A 80 6.51 9.42 -3.32
N VAL A 81 7.42 8.99 -2.46
CA VAL A 81 7.03 8.26 -1.26
C VAL A 81 7.01 9.22 -0.07
N GLY A 82 5.94 10.00 0.00
CA GLY A 82 5.78 10.96 1.08
C GLY A 82 6.18 12.36 0.61
N VAL A 83 7.42 12.71 0.88
CA VAL A 83 7.94 14.02 0.51
C VAL A 83 9.29 13.85 -0.19
N GLN A 84 9.54 12.63 -0.64
CA GLN A 84 10.78 12.32 -1.33
C GLN A 84 10.49 11.70 -2.70
N GLU A 85 11.33 12.06 -3.66
CA GLU A 85 11.19 11.55 -5.02
C GLU A 85 11.98 10.26 -5.18
N LEU A 86 11.33 9.27 -5.78
CA LEU A 86 11.96 7.98 -6.01
C LEU A 86 12.59 7.97 -7.41
N LYS A 87 13.07 6.80 -7.79
CA LYS A 87 13.70 6.64 -9.09
C LYS A 87 13.38 5.25 -9.64
N PRO A 88 13.77 5.02 -10.93
CA PRO A 88 13.53 3.75 -11.58
C PRO A 88 14.51 2.68 -11.06
N GLY A 89 13.94 1.71 -10.35
CA GLY A 89 14.75 0.63 -9.80
C GLY A 89 15.11 0.90 -8.34
N LEU A 90 14.57 2.00 -7.82
CA LEU A 90 14.82 2.38 -6.44
C LEU A 90 13.81 1.69 -5.53
N SER A 91 13.95 1.96 -4.24
CA SER A 91 13.05 1.35 -3.26
C SER A 91 13.05 2.20 -1.99
N GLY A 92 11.85 2.47 -1.50
CA GLY A 92 11.69 3.26 -0.29
C GLY A 92 10.71 2.59 0.68
N SER A 93 10.37 3.32 1.74
CA SER A 93 9.45 2.81 2.74
C SER A 93 8.37 3.85 3.03
N LEU A 94 7.22 3.35 3.46
CA LEU A 94 6.10 4.22 3.77
C LEU A 94 5.63 3.95 5.20
N SER A 95 5.53 5.03 5.97
CA SER A 95 5.09 4.91 7.35
C SER A 95 3.59 5.21 7.46
N LEU A 96 2.97 4.59 8.45
CA LEU A 96 1.55 4.78 8.67
C LEU A 96 1.21 6.27 8.58
N GLY A 97 0.52 6.63 7.50
CA GLY A 97 0.14 8.01 7.28
C GLY A 97 0.82 8.59 6.04
N ASP A 98 2.08 8.18 5.86
CA ASP A 98 2.85 8.64 4.72
C ASP A 98 2.02 8.48 3.44
N VAL A 99 2.30 9.35 2.48
CA VAL A 99 1.59 9.29 1.21
C VAL A 99 2.47 8.61 0.16
N LEU A 100 1.83 8.15 -0.90
CA LEU A 100 2.54 7.48 -1.97
C LEU A 100 1.94 7.89 -3.32
N TYR A 101 2.42 9.02 -3.81
CA TYR A 101 1.95 9.54 -5.08
C TYR A 101 2.24 8.56 -6.22
N LEU A 102 1.21 7.80 -6.58
CA LEU A 102 1.36 6.83 -7.66
C LEU A 102 2.27 7.40 -8.74
N VAL A 103 1.85 8.54 -9.28
CA VAL A 103 2.61 9.19 -10.34
C VAL A 103 2.19 10.65 -10.42
N ASN A 104 2.93 11.40 -11.23
CA ASN A 104 2.64 12.82 -11.42
C ASN A 104 2.25 13.43 -10.07
N GLY A 105 3.02 13.07 -9.05
CA GLY A 105 2.77 13.59 -7.72
C GLY A 105 1.26 13.65 -7.42
N LEU A 106 0.54 12.75 -8.07
CA LEU A 106 -0.91 12.69 -7.89
C LEU A 106 -1.28 11.29 -7.40
N TYR A 107 -2.59 11.05 -7.35
CA TYR A 107 -3.11 9.78 -6.90
C TYR A 107 -2.32 9.27 -5.68
N PRO A 108 -2.39 10.06 -4.59
CA PRO A 108 -1.70 9.70 -3.36
C PRO A 108 -2.43 8.58 -2.63
N LEU A 109 -1.64 7.59 -2.20
CA LEU A 109 -2.20 6.45 -1.49
C LEU A 109 -1.74 6.49 -0.02
N THR A 110 -2.59 7.07 0.82
CA THR A 110 -2.29 7.18 2.23
C THR A 110 -2.32 5.80 2.89
N LEU A 111 -1.25 5.49 3.60
CA LEU A 111 -1.14 4.22 4.29
C LEU A 111 -2.02 4.24 5.54
N ARG A 112 -2.71 3.13 5.76
CA ARG A 112 -3.58 3.00 6.92
C ARG A 112 -3.49 1.60 7.51
N TRP A 113 -3.71 1.53 8.82
CA TRP A 113 -3.65 0.25 9.51
C TRP A 113 -5.02 0.00 10.14
N SER A 114 -5.44 -1.25 10.08
CA SER A 114 -6.73 -1.64 10.63
C SER A 114 -6.55 -2.12 12.06
N GLY A 115 -7.38 -1.57 12.95
CA GLY A 115 -7.32 -1.93 14.35
C GLY A 115 -8.73 -1.96 14.96
N PRO A 116 -8.79 -1.56 16.27
CA PRO A 116 -10.06 -1.54 16.98
C PRO A 116 -10.92 -0.35 16.53
N SER A 117 -11.76 -0.61 15.54
CA SER A 117 -12.64 0.42 15.01
C SER A 117 -13.95 -0.20 14.53
N SER A 118 -15.04 0.38 15.01
CA SER A 118 -16.36 -0.11 14.63
C SER A 118 -17.44 0.79 15.24
N GLY A 119 -18.32 1.27 14.36
CA GLY A 119 -19.39 2.14 14.78
C GLY A 119 -20.54 1.34 15.43
N GLY A 1 24.48 -22.14 24.26
CA GLY A 1 23.34 -21.41 23.73
C GLY A 1 23.60 -19.91 23.71
N SER A 2 22.62 -19.16 24.20
CA SER A 2 22.74 -17.72 24.24
C SER A 2 23.13 -17.26 25.66
N SER A 3 22.28 -17.63 26.61
CA SER A 3 22.51 -17.26 28.00
C SER A 3 22.62 -15.74 28.13
N GLY A 4 21.51 -15.15 28.54
CA GLY A 4 21.46 -13.70 28.73
C GLY A 4 20.05 -13.25 29.08
N SER A 5 19.44 -12.51 28.16
CA SER A 5 18.09 -12.00 28.37
C SER A 5 17.30 -12.07 27.07
N SER A 6 16.32 -12.97 27.05
CA SER A 6 15.49 -13.14 25.88
C SER A 6 16.32 -13.67 24.72
N GLY A 7 15.75 -14.62 24.00
CA GLY A 7 16.43 -15.22 22.86
C GLY A 7 15.48 -16.14 22.08
N MET A 8 14.42 -15.55 21.56
CA MET A 8 13.44 -16.30 20.79
C MET A 8 12.37 -15.38 20.22
N SER A 9 11.62 -15.91 19.26
CA SER A 9 10.57 -15.14 18.62
C SER A 9 9.28 -15.96 18.58
N GLN A 10 8.16 -15.25 18.54
CA GLN A 10 6.87 -15.90 18.50
C GLN A 10 6.23 -15.73 17.11
N LEU A 11 6.77 -14.78 16.36
CA LEU A 11 6.27 -14.51 15.03
C LEU A 11 4.74 -14.41 15.07
N GLY A 12 4.26 -13.18 15.20
CA GLY A 12 2.83 -12.94 15.25
C GLY A 12 2.45 -11.71 14.43
N SER A 13 1.39 -11.86 13.65
CA SER A 13 0.92 -10.78 12.81
C SER A 13 -0.49 -10.36 13.23
N ARG A 14 -0.66 -9.06 13.42
CA ARG A 14 -1.94 -8.53 13.83
C ARG A 14 -2.40 -7.43 12.87
N GLY A 15 -3.69 -7.18 12.86
CA GLY A 15 -4.26 -6.17 11.99
C GLY A 15 -3.76 -6.34 10.55
N ARG A 16 -4.13 -5.37 9.72
CA ARG A 16 -3.72 -5.40 8.32
C ARG A 16 -3.67 -3.98 7.75
N LEU A 17 -2.64 -3.73 6.97
CA LEU A 17 -2.47 -2.42 6.35
C LEU A 17 -3.39 -2.31 5.13
N TRP A 18 -3.71 -1.07 4.78
CA TRP A 18 -4.56 -0.81 3.65
C TRP A 18 -4.48 0.68 3.31
N LEU A 19 -4.74 0.99 2.05
CA LEU A 19 -4.70 2.37 1.59
C LEU A 19 -6.08 2.99 1.74
N GLN A 20 -6.09 4.24 2.21
CA GLN A 20 -7.34 4.95 2.40
C GLN A 20 -7.55 5.96 1.26
N SER A 21 -8.43 5.58 0.34
CA SER A 21 -8.73 6.43 -0.80
C SER A 21 -9.94 7.31 -0.49
N PRO A 22 -9.94 8.52 -1.08
CA PRO A 22 -11.03 9.47 -0.88
C PRO A 22 -12.28 9.05 -1.66
N THR A 23 -13.37 9.74 -1.39
CA THR A 23 -14.63 9.45 -2.06
C THR A 23 -14.51 9.75 -3.55
N GLY A 24 -13.42 10.41 -3.91
CA GLY A 24 -13.18 10.75 -5.29
C GLY A 24 -12.24 9.75 -5.97
N GLY A 25 -12.27 8.53 -5.45
CA GLY A 25 -11.44 7.46 -5.98
C GLY A 25 -12.01 6.10 -5.64
N PRO A 26 -11.15 5.05 -5.79
CA PRO A 26 -11.56 3.69 -5.49
C PRO A 26 -11.63 3.45 -3.99
N PRO A 27 -12.13 2.24 -3.61
CA PRO A 27 -12.26 1.89 -2.22
C PRO A 27 -10.90 1.54 -1.61
N PRO A 28 -10.91 1.32 -0.27
CA PRO A 28 -9.70 0.99 0.45
C PRO A 28 -9.27 -0.46 0.18
N ILE A 29 -8.09 -0.61 -0.40
CA ILE A 29 -7.58 -1.92 -0.72
C ILE A 29 -6.67 -2.40 0.42
N PHE A 30 -6.79 -3.68 0.74
CA PHE A 30 -5.99 -4.27 1.80
C PHE A 30 -4.85 -5.13 1.22
N LEU A 31 -3.64 -4.74 1.54
CA LEU A 31 -2.47 -5.46 1.08
C LEU A 31 -2.38 -6.81 1.79
N PRO A 32 -1.53 -7.71 1.23
CA PRO A 32 -1.34 -9.02 1.81
C PRO A 32 -0.49 -8.96 3.07
N SER A 33 -0.63 -9.99 3.90
CA SER A 33 0.11 -10.06 5.14
C SER A 33 1.28 -11.04 5.00
N ASP A 34 1.03 -12.10 4.24
CA ASP A 34 2.04 -13.11 4.02
C ASP A 34 3.38 -12.44 3.74
N GLY A 35 3.30 -11.27 3.11
CA GLY A 35 4.50 -10.51 2.78
C GLY A 35 4.54 -10.18 1.28
N GLN A 36 3.54 -10.69 0.57
CA GLN A 36 3.45 -10.46 -0.87
C GLN A 36 3.53 -8.96 -1.17
N ALA A 37 3.69 -8.66 -2.45
CA ALA A 37 3.78 -7.28 -2.88
C ALA A 37 2.64 -6.98 -3.86
N LEU A 38 1.86 -5.97 -3.50
CA LEU A 38 0.73 -5.57 -4.32
C LEU A 38 1.18 -4.48 -5.30
N VAL A 39 1.45 -4.91 -6.53
CA VAL A 39 1.88 -3.97 -7.56
C VAL A 39 0.72 -3.07 -7.95
N LEU A 40 0.92 -1.78 -7.77
CA LEU A 40 -0.10 -0.80 -8.10
C LEU A 40 0.25 -0.12 -9.42
N GLY A 41 -0.76 0.46 -10.05
CA GLY A 41 -0.56 1.14 -11.31
C GLY A 41 -1.89 1.29 -12.08
N ARG A 42 -1.77 1.44 -13.38
CA ARG A 42 -2.94 1.59 -14.22
C ARG A 42 -3.89 0.40 -14.03
N GLY A 43 -5.18 0.71 -13.98
CA GLY A 43 -6.18 -0.32 -13.80
C GLY A 43 -7.25 0.12 -12.79
N PRO A 44 -8.16 -0.83 -12.47
CA PRO A 44 -9.24 -0.55 -11.53
C PRO A 44 -8.70 -0.55 -10.09
N LEU A 45 -7.40 -0.79 -9.97
CA LEU A 45 -6.77 -0.82 -8.67
C LEU A 45 -6.93 0.55 -8.00
N THR A 46 -6.37 1.56 -8.65
CA THR A 46 -6.44 2.91 -8.13
C THR A 46 -7.21 3.82 -9.09
N GLN A 47 -7.86 3.17 -10.06
CA GLN A 47 -8.64 3.91 -11.04
C GLN A 47 -7.72 4.78 -11.91
N VAL A 48 -6.45 4.42 -11.89
CA VAL A 48 -5.45 5.16 -12.67
C VAL A 48 -5.55 4.76 -14.14
N THR A 49 -5.78 5.76 -14.98
CA THR A 49 -5.90 5.53 -16.41
C THR A 49 -4.97 6.47 -17.17
N ASP A 50 -3.87 6.83 -16.52
CA ASP A 50 -2.90 7.72 -17.13
C ASP A 50 -1.74 6.89 -17.69
N ARG A 51 -1.52 7.03 -18.99
CA ARG A 51 -0.45 6.32 -19.65
C ARG A 51 0.87 6.51 -18.90
N LYS A 52 0.98 7.67 -18.26
CA LYS A 52 2.18 7.99 -17.51
C LYS A 52 2.39 6.93 -16.42
N CYS A 53 1.34 6.19 -16.14
CA CYS A 53 1.39 5.14 -15.14
C CYS A 53 1.69 3.81 -15.84
N SER A 54 2.05 2.81 -15.04
CA SER A 54 2.35 1.50 -15.56
C SER A 54 1.78 0.42 -14.64
N ARG A 55 1.22 -0.60 -15.26
CA ARG A 55 0.64 -1.70 -14.49
C ARG A 55 1.53 -2.03 -13.29
N ASN A 56 2.82 -1.87 -13.48
CA ASN A 56 3.77 -2.15 -12.41
C ASN A 56 4.62 -0.90 -12.16
N GLN A 57 3.93 0.18 -11.80
CA GLN A 57 4.61 1.43 -11.53
C GLN A 57 5.44 1.32 -10.25
N VAL A 58 4.79 0.83 -9.20
CA VAL A 58 5.44 0.67 -7.92
C VAL A 58 4.99 -0.64 -7.28
N GLU A 59 5.77 -1.08 -6.30
CA GLU A 59 5.45 -2.31 -5.60
C GLU A 59 5.29 -2.05 -4.10
N LEU A 60 4.08 -2.28 -3.62
CA LEU A 60 3.79 -2.07 -2.21
C LEU A 60 3.82 -3.41 -1.48
N ILE A 61 4.35 -3.37 -0.27
CA ILE A 61 4.46 -4.57 0.54
C ILE A 61 4.02 -4.26 1.97
N ALA A 62 2.97 -4.94 2.39
CA ALA A 62 2.44 -4.75 3.74
C ALA A 62 3.37 -5.42 4.75
N ASP A 63 3.96 -4.58 5.59
CA ASP A 63 4.87 -5.07 6.62
C ASP A 63 4.30 -4.75 8.00
N PRO A 64 3.45 -5.69 8.50
CA PRO A 64 2.83 -5.52 9.80
C PRO A 64 3.84 -5.79 10.93
N GLU A 65 5.05 -6.13 10.51
CA GLU A 65 6.10 -6.41 11.48
C GLU A 65 6.56 -5.12 12.15
N SER A 66 6.57 -4.05 11.36
CA SER A 66 6.99 -2.76 11.87
C SER A 66 6.03 -1.67 11.39
N ARG A 67 4.80 -2.08 11.13
CA ARG A 67 3.77 -1.17 10.66
C ARG A 67 4.34 -0.26 9.58
N THR A 68 5.03 -0.88 8.63
CA THR A 68 5.62 -0.13 7.53
C THR A 68 5.25 -0.78 6.19
N VAL A 69 5.69 -0.14 5.12
CA VAL A 69 5.41 -0.64 3.78
C VAL A 69 6.58 -0.31 2.86
N ALA A 70 7.05 -1.33 2.15
CA ALA A 70 8.17 -1.16 1.24
C ALA A 70 7.63 -0.74 -0.13
N VAL A 71 8.35 0.19 -0.75
CA VAL A 71 7.95 0.68 -2.06
C VAL A 71 9.11 0.47 -3.04
N LYS A 72 8.76 -0.03 -4.22
CA LYS A 72 9.75 -0.27 -5.25
C LYS A 72 9.18 0.11 -6.61
N GLN A 73 9.89 1.00 -7.29
CA GLN A 73 9.46 1.47 -8.59
C GLN A 73 9.90 0.48 -9.68
N LEU A 74 8.92 -0.25 -10.20
CA LEU A 74 9.19 -1.22 -11.25
C LEU A 74 8.84 -0.62 -12.61
N GLY A 75 8.34 0.60 -12.57
CA GLY A 75 7.96 1.30 -13.79
C GLY A 75 9.12 2.16 -14.31
N VAL A 76 8.76 3.29 -14.91
CA VAL A 76 9.75 4.19 -15.46
C VAL A 76 9.60 5.56 -14.78
N ASN A 77 8.39 6.07 -14.80
CA ASN A 77 8.10 7.36 -14.20
C ASN A 77 8.50 7.32 -12.71
N PRO A 78 9.14 8.44 -12.26
CA PRO A 78 9.58 8.53 -10.89
C PRO A 78 8.39 8.80 -9.95
N SER A 79 8.30 7.99 -8.91
CA SER A 79 7.23 8.13 -7.94
C SER A 79 7.74 8.84 -6.70
N THR A 80 6.80 9.40 -5.94
CA THR A 80 7.14 10.11 -4.73
C THR A 80 6.55 9.39 -3.51
N VAL A 81 7.44 8.95 -2.63
CA VAL A 81 7.02 8.25 -1.43
C VAL A 81 7.04 9.22 -0.25
N GLY A 82 5.91 9.88 -0.05
CA GLY A 82 5.78 10.84 1.03
C GLY A 82 6.21 12.24 0.59
N VAL A 83 7.46 12.56 0.89
CA VAL A 83 8.01 13.86 0.52
C VAL A 83 9.35 13.66 -0.17
N GLN A 84 9.57 12.43 -0.62
CA GLN A 84 10.81 12.10 -1.31
C GLN A 84 10.51 11.49 -2.68
N GLU A 85 11.34 11.87 -3.65
CA GLU A 85 11.17 11.36 -5.00
C GLU A 85 11.96 10.06 -5.18
N LEU A 86 11.36 9.15 -5.94
CA LEU A 86 11.99 7.86 -6.19
C LEU A 86 12.54 7.85 -7.62
N LYS A 87 13.01 6.68 -8.02
CA LYS A 87 13.56 6.52 -9.36
C LYS A 87 13.18 5.14 -9.91
N PRO A 88 13.46 4.94 -11.22
CA PRO A 88 13.16 3.68 -11.88
C PRO A 88 14.15 2.59 -11.46
N GLY A 89 13.74 1.79 -10.50
CA GLY A 89 14.57 0.71 -10.00
C GLY A 89 14.97 0.95 -8.54
N LEU A 90 14.46 2.04 -7.99
CA LEU A 90 14.76 2.39 -6.62
C LEU A 90 13.75 1.70 -5.70
N SER A 91 13.90 1.98 -4.40
CA SER A 91 13.01 1.38 -3.41
C SER A 91 13.01 2.23 -2.14
N GLY A 92 11.81 2.50 -1.65
CA GLY A 92 11.65 3.30 -0.44
C GLY A 92 10.75 2.60 0.57
N SER A 93 10.35 3.35 1.59
CA SER A 93 9.49 2.81 2.62
C SER A 93 8.39 3.82 2.95
N LEU A 94 7.21 3.29 3.24
CA LEU A 94 6.06 4.13 3.57
C LEU A 94 5.63 3.84 5.01
N SER A 95 5.37 4.91 5.74
CA SER A 95 4.94 4.80 7.13
C SER A 95 3.45 5.06 7.24
N LEU A 96 2.88 4.61 8.34
CA LEU A 96 1.46 4.79 8.59
C LEU A 96 1.12 6.28 8.48
N GLY A 97 0.43 6.62 7.40
CA GLY A 97 0.04 8.00 7.16
C GLY A 97 0.75 8.57 5.94
N ASP A 98 1.98 8.11 5.74
CA ASP A 98 2.78 8.57 4.61
C ASP A 98 1.98 8.39 3.32
N VAL A 99 2.23 9.29 2.38
CA VAL A 99 1.54 9.24 1.10
C VAL A 99 2.43 8.53 0.07
N LEU A 100 1.81 8.12 -1.02
CA LEU A 100 2.52 7.43 -2.08
C LEU A 100 1.97 7.87 -3.44
N TYR A 101 2.48 8.99 -3.92
CA TYR A 101 2.05 9.53 -5.20
C TYR A 101 2.33 8.53 -6.33
N LEU A 102 1.28 7.81 -6.73
CA LEU A 102 1.39 6.83 -7.78
C LEU A 102 2.33 7.37 -8.87
N VAL A 103 1.97 8.53 -9.40
CA VAL A 103 2.77 9.15 -10.44
C VAL A 103 2.39 10.63 -10.56
N ASN A 104 3.16 11.34 -11.37
CA ASN A 104 2.91 12.76 -11.58
C ASN A 104 2.52 13.40 -10.23
N GLY A 105 3.28 13.06 -9.21
CA GLY A 105 3.03 13.61 -7.89
C GLY A 105 1.53 13.72 -7.61
N LEU A 106 0.78 12.83 -8.24
CA LEU A 106 -0.68 12.82 -8.08
C LEU A 106 -1.12 11.45 -7.58
N TYR A 107 -2.43 11.26 -7.56
CA TYR A 107 -2.99 10.00 -7.11
C TYR A 107 -2.26 9.48 -5.88
N PRO A 108 -2.30 10.31 -4.79
CA PRO A 108 -1.64 9.95 -3.55
C PRO A 108 -2.44 8.87 -2.81
N LEU A 109 -1.71 7.93 -2.23
CA LEU A 109 -2.33 6.85 -1.48
C LEU A 109 -1.88 6.91 -0.03
N THR A 110 -2.85 7.16 0.85
CA THR A 110 -2.56 7.24 2.27
C THR A 110 -2.51 5.85 2.89
N LEU A 111 -1.45 5.60 3.63
CA LEU A 111 -1.27 4.31 4.29
C LEU A 111 -1.95 4.34 5.65
N ARG A 112 -2.75 3.31 5.89
CA ARG A 112 -3.47 3.22 7.15
C ARG A 112 -3.32 1.81 7.74
N TRP A 113 -3.91 1.62 8.91
CA TRP A 113 -3.85 0.33 9.58
C TRP A 113 -5.25 -0.02 10.08
N SER A 114 -5.56 -1.30 10.04
CA SER A 114 -6.86 -1.77 10.49
C SER A 114 -6.81 -2.09 11.99
N GLY A 115 -7.86 -1.65 12.68
CA GLY A 115 -7.94 -1.87 14.12
C GLY A 115 -9.15 -2.75 14.45
N PRO A 116 -9.82 -2.41 15.59
CA PRO A 116 -10.97 -3.16 16.04
C PRO A 116 -12.20 -2.83 15.18
N SER A 117 -12.19 -3.37 13.97
CA SER A 117 -13.30 -3.15 13.04
C SER A 117 -13.36 -4.29 12.03
N SER A 118 -14.29 -5.20 12.28
CA SER A 118 -14.47 -6.34 11.40
C SER A 118 -15.97 -6.63 11.21
N GLY A 119 -16.65 -6.83 12.33
CA GLY A 119 -18.07 -7.11 12.31
C GLY A 119 -18.79 -6.40 13.44
N GLY A 1 3.10 -17.03 44.62
CA GLY A 1 3.17 -15.63 44.25
C GLY A 1 4.12 -15.41 43.08
N SER A 2 3.56 -14.95 41.97
CA SER A 2 4.36 -14.70 40.79
C SER A 2 5.15 -15.96 40.40
N SER A 3 4.45 -16.85 39.70
CA SER A 3 5.07 -18.09 39.27
C SER A 3 4.27 -18.70 38.11
N GLY A 4 4.91 -18.73 36.95
CA GLY A 4 4.28 -19.28 35.77
C GLY A 4 3.47 -20.53 36.10
N SER A 5 2.22 -20.54 35.64
CA SER A 5 1.33 -21.66 35.88
C SER A 5 0.21 -21.68 34.85
N SER A 6 -0.53 -20.58 34.82
CA SER A 6 -1.64 -20.45 33.88
C SER A 6 -1.11 -20.05 32.50
N GLY A 7 -1.86 -20.46 31.48
CA GLY A 7 -1.48 -20.15 30.11
C GLY A 7 -1.28 -18.64 29.93
N MET A 8 -2.36 -17.98 29.51
CA MET A 8 -2.32 -16.55 29.29
C MET A 8 -1.32 -16.19 28.19
N SER A 9 -1.86 -15.70 27.08
CA SER A 9 -1.03 -15.31 25.95
C SER A 9 -0.76 -13.80 26.00
N GLN A 10 0.17 -13.38 25.15
CA GLN A 10 0.53 -11.98 25.09
C GLN A 10 -0.40 -11.23 24.14
N LEU A 11 -1.69 -11.40 24.37
CA LEU A 11 -2.70 -10.75 23.54
C LEU A 11 -2.31 -9.29 23.33
N GLY A 12 -2.38 -8.87 22.07
CA GLY A 12 -2.04 -7.51 21.72
C GLY A 12 -3.25 -6.77 21.13
N SER A 13 -3.39 -6.89 19.82
CA SER A 13 -4.50 -6.24 19.13
C SER A 13 -4.47 -6.62 17.65
N ARG A 14 -3.27 -6.60 17.08
CA ARG A 14 -3.10 -6.94 15.68
C ARG A 14 -4.03 -6.07 14.82
N GLY A 15 -3.82 -6.18 13.51
CA GLY A 15 -4.63 -5.42 12.56
C GLY A 15 -4.32 -5.83 11.12
N ARG A 16 -4.55 -4.90 10.21
CA ARG A 16 -4.30 -5.16 8.81
C ARG A 16 -3.94 -3.85 8.08
N LEU A 17 -3.01 -3.96 7.16
CA LEU A 17 -2.56 -2.82 6.39
C LEU A 17 -3.54 -2.56 5.24
N TRP A 18 -3.67 -1.30 4.88
CA TRP A 18 -4.56 -0.92 3.79
C TRP A 18 -4.26 0.54 3.42
N LEU A 19 -4.73 0.92 2.25
CA LEU A 19 -4.52 2.27 1.76
C LEU A 19 -5.84 3.03 1.78
N GLN A 20 -5.77 4.27 2.26
CA GLN A 20 -6.96 5.10 2.34
C GLN A 20 -7.03 6.04 1.14
N SER A 21 -7.77 5.62 0.13
CA SER A 21 -7.93 6.41 -1.07
C SER A 21 -8.73 7.68 -0.76
N PRO A 22 -8.40 8.76 -1.53
CA PRO A 22 -9.06 10.04 -1.34
C PRO A 22 -10.48 10.00 -1.94
N THR A 23 -11.32 10.91 -1.45
CA THR A 23 -12.68 10.99 -1.92
C THR A 23 -12.73 10.80 -3.44
N GLY A 24 -13.93 10.49 -3.93
CA GLY A 24 -14.13 10.28 -5.35
C GLY A 24 -13.09 9.31 -5.91
N GLY A 25 -12.77 8.29 -5.11
CA GLY A 25 -11.80 7.30 -5.50
C GLY A 25 -12.31 5.89 -5.19
N PRO A 26 -11.40 4.90 -5.34
CA PRO A 26 -11.73 3.51 -5.07
C PRO A 26 -11.83 3.25 -3.57
N PRO A 27 -12.28 2.00 -3.24
CA PRO A 27 -12.42 1.61 -1.85
C PRO A 27 -11.06 1.33 -1.21
N PRO A 28 -11.09 1.09 0.12
CA PRO A 28 -9.87 0.80 0.86
C PRO A 28 -9.37 -0.62 0.58
N ILE A 29 -8.24 -0.69 -0.13
CA ILE A 29 -7.67 -1.97 -0.47
C ILE A 29 -6.81 -2.47 0.70
N PHE A 30 -6.83 -3.79 0.88
CA PHE A 30 -6.07 -4.40 1.96
C PHE A 30 -4.82 -5.10 1.41
N LEU A 31 -3.67 -4.64 1.89
CA LEU A 31 -2.40 -5.20 1.46
C LEU A 31 -2.27 -6.62 2.04
N PRO A 32 -1.46 -7.46 1.32
CA PRO A 32 -1.24 -8.82 1.75
C PRO A 32 -0.29 -8.88 2.94
N SER A 33 -0.76 -9.51 4.00
CA SER A 33 0.04 -9.64 5.21
C SER A 33 1.08 -10.75 5.04
N ASP A 34 0.72 -11.74 4.24
CA ASP A 34 1.61 -12.85 3.97
C ASP A 34 3.01 -12.33 3.68
N GLY A 35 3.06 -11.10 3.18
CA GLY A 35 4.33 -10.47 2.86
C GLY A 35 4.43 -10.18 1.36
N GLN A 36 3.44 -10.67 0.63
CA GLN A 36 3.40 -10.47 -0.81
C GLN A 36 3.50 -8.98 -1.13
N ALA A 37 3.58 -8.69 -2.43
CA ALA A 37 3.67 -7.32 -2.89
C ALA A 37 2.52 -7.02 -3.84
N LEU A 38 1.79 -5.97 -3.53
CA LEU A 38 0.66 -5.57 -4.35
C LEU A 38 1.10 -4.49 -5.34
N VAL A 39 1.27 -4.91 -6.59
CA VAL A 39 1.69 -3.99 -7.63
C VAL A 39 0.55 -3.03 -7.96
N LEU A 40 0.85 -1.74 -7.83
CA LEU A 40 -0.15 -0.72 -8.11
C LEU A 40 0.13 -0.11 -9.49
N GLY A 41 -0.80 0.71 -9.94
CA GLY A 41 -0.68 1.36 -11.23
C GLY A 41 -2.03 1.50 -11.92
N ARG A 42 -1.98 1.63 -13.23
CA ARG A 42 -3.20 1.78 -14.02
C ARG A 42 -4.11 0.57 -13.80
N GLY A 43 -5.40 0.85 -13.69
CA GLY A 43 -6.39 -0.21 -13.48
C GLY A 43 -7.43 0.22 -12.44
N PRO A 44 -8.33 -0.75 -12.11
CA PRO A 44 -9.38 -0.49 -11.14
C PRO A 44 -8.82 -0.47 -9.72
N LEU A 45 -7.52 -0.69 -9.63
CA LEU A 45 -6.85 -0.70 -8.34
C LEU A 45 -7.02 0.66 -7.66
N THR A 46 -6.51 1.69 -8.32
CA THR A 46 -6.60 3.03 -7.79
C THR A 46 -7.47 3.91 -8.70
N GLN A 47 -8.09 3.26 -9.69
CA GLN A 47 -8.93 3.96 -10.63
C GLN A 47 -8.10 4.91 -11.49
N VAL A 48 -6.81 4.61 -11.58
CA VAL A 48 -5.91 5.43 -12.36
C VAL A 48 -5.98 5.01 -13.83
N THR A 49 -6.17 6.00 -14.68
CA THR A 49 -6.26 5.75 -16.11
C THR A 49 -5.28 6.65 -16.88
N ASP A 50 -4.15 6.91 -16.23
CA ASP A 50 -3.12 7.74 -16.83
C ASP A 50 -2.11 6.86 -17.57
N ARG A 51 -1.88 7.20 -18.82
CA ARG A 51 -0.94 6.45 -19.64
C ARG A 51 0.45 6.46 -19.00
N LYS A 52 0.76 7.57 -18.35
CA LYS A 52 2.05 7.73 -17.69
C LYS A 52 2.18 6.67 -16.58
N CYS A 53 1.03 6.17 -16.15
CA CYS A 53 1.00 5.16 -15.11
C CYS A 53 1.31 3.81 -15.74
N SER A 54 2.02 2.98 -15.00
CA SER A 54 2.39 1.66 -15.47
C SER A 54 1.77 0.59 -14.58
N ARG A 55 1.15 -0.39 -15.21
CA ARG A 55 0.51 -1.48 -14.49
C ARG A 55 1.34 -1.85 -13.26
N ASN A 56 2.65 -1.79 -13.43
CA ASN A 56 3.57 -2.13 -12.35
C ASN A 56 4.47 -0.92 -12.07
N GLN A 57 3.82 0.20 -11.76
CA GLN A 57 4.55 1.42 -11.46
C GLN A 57 5.47 1.22 -10.25
N VAL A 58 4.86 0.75 -9.17
CA VAL A 58 5.61 0.50 -7.94
C VAL A 58 5.11 -0.80 -7.30
N GLU A 59 5.93 -1.32 -6.39
CA GLU A 59 5.58 -2.56 -5.71
C GLU A 59 5.38 -2.29 -4.22
N LEU A 60 4.12 -2.34 -3.81
CA LEU A 60 3.77 -2.12 -2.41
C LEU A 60 3.84 -3.44 -1.65
N ILE A 61 4.32 -3.35 -0.42
CA ILE A 61 4.45 -4.52 0.43
C ILE A 61 4.04 -4.15 1.86
N ALA A 62 3.00 -4.83 2.33
CA ALA A 62 2.51 -4.59 3.68
C ALA A 62 3.47 -5.23 4.69
N ASP A 63 3.88 -4.43 5.66
CA ASP A 63 4.79 -4.90 6.69
C ASP A 63 4.13 -4.72 8.07
N PRO A 64 3.36 -5.76 8.48
CA PRO A 64 2.68 -5.72 9.75
C PRO A 64 3.66 -5.96 10.91
N GLU A 65 4.92 -6.12 10.54
CA GLU A 65 5.97 -6.35 11.53
C GLU A 65 6.36 -5.05 12.20
N SER A 66 6.23 -3.96 11.44
CA SER A 66 6.57 -2.65 11.96
C SER A 66 5.63 -1.59 11.36
N ARG A 67 4.45 -2.05 10.99
CA ARG A 67 3.44 -1.17 10.41
C ARG A 67 4.08 -0.30 9.32
N THR A 68 4.98 -0.91 8.58
CA THR A 68 5.66 -0.21 7.50
C THR A 68 5.31 -0.82 6.14
N VAL A 69 5.79 -0.18 5.09
CA VAL A 69 5.54 -0.65 3.74
C VAL A 69 6.69 -0.24 2.83
N ALA A 70 7.05 -1.15 1.94
CA ALA A 70 8.14 -0.91 1.02
C ALA A 70 7.56 -0.56 -0.36
N VAL A 71 8.20 0.41 -1.00
CA VAL A 71 7.76 0.85 -2.32
C VAL A 71 8.93 0.76 -3.30
N LYS A 72 8.80 -0.17 -4.23
CA LYS A 72 9.83 -0.39 -5.24
C LYS A 72 9.30 0.03 -6.61
N GLN A 73 9.97 1.00 -7.20
CA GLN A 73 9.57 1.50 -8.51
C GLN A 73 10.04 0.54 -9.61
N LEU A 74 9.08 0.00 -10.34
CA LEU A 74 9.38 -0.93 -11.41
C LEU A 74 8.90 -0.34 -12.74
N GLY A 75 8.39 0.88 -12.66
CA GLY A 75 7.90 1.57 -13.84
C GLY A 75 9.00 2.43 -14.47
N VAL A 76 8.59 3.60 -14.94
CA VAL A 76 9.52 4.51 -15.57
C VAL A 76 9.48 5.86 -14.84
N ASN A 77 8.27 6.39 -14.71
CA ASN A 77 8.08 7.66 -14.04
C ASN A 77 8.48 7.51 -12.56
N PRO A 78 9.16 8.57 -12.05
CA PRO A 78 9.60 8.58 -10.66
C PRO A 78 8.43 8.83 -9.72
N SER A 79 8.31 7.97 -8.72
CA SER A 79 7.25 8.08 -7.74
C SER A 79 7.75 8.84 -6.51
N THR A 80 6.80 9.39 -5.76
CA THR A 80 7.13 10.13 -4.55
C THR A 80 6.55 9.44 -3.32
N VAL A 81 7.44 8.95 -2.48
CA VAL A 81 7.02 8.27 -1.26
C VAL A 81 7.02 9.27 -0.10
N GLY A 82 5.93 10.03 -0.03
CA GLY A 82 5.78 11.03 1.02
C GLY A 82 6.16 12.42 0.51
N VAL A 83 7.42 12.78 0.75
CA VAL A 83 7.92 14.07 0.33
C VAL A 83 9.27 13.89 -0.35
N GLN A 84 9.55 12.65 -0.72
CA GLN A 84 10.82 12.33 -1.38
C GLN A 84 10.55 11.62 -2.71
N GLU A 85 11.30 12.02 -3.72
CA GLU A 85 11.16 11.43 -5.05
C GLU A 85 11.94 10.12 -5.12
N LEU A 86 11.41 9.20 -5.91
CA LEU A 86 12.04 7.90 -6.08
C LEU A 86 12.68 7.83 -7.47
N LYS A 87 13.17 6.65 -7.80
CA LYS A 87 13.81 6.44 -9.09
C LYS A 87 13.44 5.05 -9.62
N PRO A 88 13.82 4.81 -10.91
CA PRO A 88 13.53 3.54 -11.54
C PRO A 88 14.45 2.44 -11.03
N GLY A 89 13.85 1.50 -10.31
CA GLY A 89 14.61 0.39 -9.74
C GLY A 89 14.97 0.66 -8.29
N LEU A 90 14.53 1.81 -7.80
CA LEU A 90 14.81 2.20 -6.43
C LEU A 90 13.79 1.54 -5.50
N SER A 91 13.92 1.83 -4.22
CA SER A 91 13.02 1.27 -3.23
C SER A 91 13.04 2.12 -1.96
N GLY A 92 11.85 2.40 -1.44
CA GLY A 92 11.73 3.20 -0.23
C GLY A 92 10.79 2.54 0.77
N SER A 93 10.40 3.30 1.77
CA SER A 93 9.51 2.80 2.80
C SER A 93 8.41 3.82 3.08
N LEU A 94 7.24 3.31 3.44
CA LEU A 94 6.10 4.15 3.74
C LEU A 94 5.61 3.88 5.16
N SER A 95 5.44 4.95 5.91
CA SER A 95 4.99 4.84 7.29
C SER A 95 3.47 5.09 7.35
N LEU A 96 2.86 4.52 8.39
CA LEU A 96 1.42 4.67 8.58
C LEU A 96 1.07 6.16 8.55
N GLY A 97 0.57 6.59 7.41
CA GLY A 97 0.19 7.98 7.24
C GLY A 97 0.88 8.61 6.02
N ASP A 98 2.04 8.05 5.70
CA ASP A 98 2.81 8.54 4.56
C ASP A 98 1.99 8.37 3.29
N VAL A 99 2.25 9.26 2.34
CA VAL A 99 1.55 9.23 1.07
C VAL A 99 2.40 8.48 0.04
N LEU A 100 1.75 8.14 -1.07
CA LEU A 100 2.43 7.41 -2.13
C LEU A 100 1.88 7.88 -3.48
N TYR A 101 2.48 8.95 -3.99
CA TYR A 101 2.06 9.50 -5.26
C TYR A 101 2.31 8.50 -6.40
N LEU A 102 1.24 7.83 -6.80
CA LEU A 102 1.32 6.85 -7.86
C LEU A 102 2.34 7.33 -8.91
N VAL A 103 2.05 8.50 -9.46
CA VAL A 103 2.93 9.08 -10.47
C VAL A 103 2.56 10.55 -10.66
N ASN A 104 3.39 11.24 -11.43
CA ASN A 104 3.16 12.65 -11.71
C ASN A 104 2.74 13.36 -10.42
N GLY A 105 3.42 13.00 -9.34
CA GLY A 105 3.13 13.59 -8.04
C GLY A 105 1.62 13.72 -7.83
N LEU A 106 0.88 12.85 -8.51
CA LEU A 106 -0.57 12.87 -8.42
C LEU A 106 -1.06 11.51 -7.93
N TYR A 107 -2.37 11.33 -7.98
CA TYR A 107 -2.97 10.07 -7.55
C TYR A 107 -2.26 9.52 -6.31
N PRO A 108 -2.29 10.32 -5.22
CA PRO A 108 -1.65 9.92 -3.97
C PRO A 108 -2.47 8.85 -3.26
N LEU A 109 -1.89 8.31 -2.20
CA LEU A 109 -2.55 7.29 -1.42
C LEU A 109 -2.02 7.32 0.02
N THR A 110 -2.95 7.26 0.97
CA THR A 110 -2.59 7.29 2.37
C THR A 110 -2.53 5.86 2.92
N LEU A 111 -1.43 5.57 3.61
CA LEU A 111 -1.24 4.26 4.19
C LEU A 111 -1.88 4.23 5.59
N ARG A 112 -2.82 3.32 5.75
CA ARG A 112 -3.51 3.17 7.03
C ARG A 112 -3.48 1.71 7.49
N TRP A 113 -3.78 1.52 8.76
CA TRP A 113 -3.79 0.19 9.34
C TRP A 113 -5.05 0.05 10.19
N SER A 114 -5.74 -1.07 10.02
CA SER A 114 -6.95 -1.33 10.77
C SER A 114 -6.61 -1.77 12.18
N GLY A 115 -7.32 -1.19 13.14
CA GLY A 115 -7.10 -1.50 14.54
C GLY A 115 -8.24 -0.96 15.41
N PRO A 116 -7.90 -0.70 16.70
CA PRO A 116 -8.87 -0.17 17.64
C PRO A 116 -9.15 1.30 17.38
N SER A 117 -9.95 1.55 16.35
CA SER A 117 -10.31 2.91 15.99
C SER A 117 -11.83 3.05 15.88
N SER A 118 -12.28 4.29 15.96
CA SER A 118 -13.70 4.56 15.88
C SER A 118 -14.44 3.92 17.06
N GLY A 119 -15.71 4.28 17.18
CA GLY A 119 -16.53 3.74 18.26
C GLY A 119 -16.11 4.32 19.61
N GLY A 1 -7.35 -35.53 30.60
CA GLY A 1 -6.82 -34.24 31.00
C GLY A 1 -5.54 -33.92 30.24
N SER A 2 -5.62 -32.87 29.42
CA SER A 2 -4.47 -32.44 28.63
C SER A 2 -4.71 -31.04 28.09
N SER A 3 -3.64 -30.25 28.11
CA SER A 3 -3.72 -28.88 27.62
C SER A 3 -2.31 -28.29 27.52
N GLY A 4 -2.18 -27.33 26.61
CA GLY A 4 -0.89 -26.68 26.39
C GLY A 4 -0.95 -25.74 25.18
N SER A 5 -0.29 -26.18 24.12
CA SER A 5 -0.25 -25.39 22.89
C SER A 5 -0.72 -26.24 21.71
N SER A 6 -1.25 -25.57 20.71
CA SER A 6 -1.73 -26.26 19.52
C SER A 6 -1.91 -25.25 18.37
N GLY A 7 -0.96 -25.28 17.45
CA GLY A 7 -1.01 -24.39 16.30
C GLY A 7 0.16 -24.65 15.35
N MET A 8 0.58 -23.60 14.67
CA MET A 8 1.69 -23.70 13.72
C MET A 8 2.63 -22.51 13.84
N SER A 9 2.05 -21.33 13.69
CA SER A 9 2.83 -20.10 13.78
C SER A 9 2.31 -19.24 14.94
N GLN A 10 3.22 -18.42 15.47
CA GLN A 10 2.87 -17.55 16.57
C GLN A 10 3.22 -16.09 16.23
N LEU A 11 2.21 -15.36 15.80
CA LEU A 11 2.39 -13.96 15.45
C LEU A 11 1.10 -13.19 15.73
N GLY A 12 0.04 -13.59 15.05
CA GLY A 12 -1.25 -12.95 15.23
C GLY A 12 -1.10 -11.43 15.32
N SER A 13 -1.09 -10.79 14.15
CA SER A 13 -0.95 -9.35 14.10
C SER A 13 -2.01 -8.68 14.98
N ARG A 14 -1.86 -7.38 15.16
CA ARG A 14 -2.79 -6.61 15.97
C ARG A 14 -3.63 -5.69 15.09
N GLY A 15 -3.48 -5.87 13.79
CA GLY A 15 -4.23 -5.06 12.84
C GLY A 15 -3.90 -5.47 11.40
N ARG A 16 -4.38 -4.66 10.46
CA ARG A 16 -4.15 -4.93 9.05
C ARG A 16 -3.86 -3.63 8.31
N LEU A 17 -2.93 -3.73 7.37
CA LEU A 17 -2.55 -2.57 6.58
C LEU A 17 -3.49 -2.43 5.38
N TRP A 18 -3.66 -1.19 4.94
CA TRP A 18 -4.54 -0.91 3.82
C TRP A 18 -4.27 0.52 3.35
N LEU A 19 -4.66 0.79 2.11
CA LEU A 19 -4.46 2.10 1.52
C LEU A 19 -5.80 2.83 1.45
N GLN A 20 -5.83 4.02 2.00
CA GLN A 20 -7.04 4.83 2.00
C GLN A 20 -7.04 5.81 0.82
N SER A 21 -7.73 5.41 -0.23
CA SER A 21 -7.82 6.24 -1.42
C SER A 21 -8.60 7.51 -1.13
N PRO A 22 -8.20 8.61 -1.83
CA PRO A 22 -8.86 9.89 -1.65
C PRO A 22 -10.25 9.91 -2.33
N THR A 23 -11.07 10.83 -1.88
CA THR A 23 -12.42 10.95 -2.43
C THR A 23 -12.40 10.75 -3.95
N GLY A 24 -13.56 10.44 -4.48
CA GLY A 24 -13.69 10.21 -5.92
C GLY A 24 -12.68 9.17 -6.39
N GLY A 25 -12.52 8.13 -5.60
CA GLY A 25 -11.58 7.06 -5.93
C GLY A 25 -12.14 5.70 -5.51
N PRO A 26 -11.27 4.65 -5.62
CA PRO A 26 -11.66 3.31 -5.26
C PRO A 26 -11.72 3.14 -3.74
N PRO A 27 -12.19 1.95 -3.31
CA PRO A 27 -12.30 1.65 -1.90
C PRO A 27 -10.94 1.35 -1.29
N PRO A 28 -10.92 1.19 0.07
CA PRO A 28 -9.69 0.90 0.78
C PRO A 28 -9.26 -0.54 0.56
N ILE A 29 -8.14 -0.71 -0.13
CA ILE A 29 -7.62 -2.03 -0.41
C ILE A 29 -6.74 -2.48 0.76
N PHE A 30 -6.82 -3.78 1.04
CA PHE A 30 -6.04 -4.35 2.13
C PHE A 30 -4.87 -5.18 1.59
N LEU A 31 -3.68 -4.61 1.72
CA LEU A 31 -2.48 -5.29 1.26
C LEU A 31 -2.38 -6.66 1.92
N PRO A 32 -1.55 -7.54 1.30
CA PRO A 32 -1.36 -8.89 1.82
C PRO A 32 -0.48 -8.87 3.06
N SER A 33 -0.63 -9.92 3.87
CA SER A 33 0.15 -10.04 5.09
C SER A 33 1.25 -11.09 4.91
N ASP A 34 0.91 -12.11 4.14
CA ASP A 34 1.86 -13.19 3.87
C ASP A 34 3.24 -12.58 3.58
N GLY A 35 3.22 -11.37 3.05
CA GLY A 35 4.46 -10.68 2.72
C GLY A 35 4.53 -10.36 1.23
N GLN A 36 3.49 -10.79 0.52
CA GLN A 36 3.42 -10.55 -0.91
C GLN A 36 3.54 -9.06 -1.21
N ALA A 37 3.58 -8.75 -2.50
CA ALA A 37 3.68 -7.36 -2.94
C ALA A 37 2.53 -7.04 -3.88
N LEU A 38 1.80 -5.98 -3.54
CA LEU A 38 0.68 -5.55 -4.35
C LEU A 38 1.14 -4.47 -5.33
N VAL A 39 1.28 -4.88 -6.58
CA VAL A 39 1.71 -3.97 -7.63
C VAL A 39 0.56 -3.00 -7.97
N LEU A 40 0.84 -1.72 -7.82
CA LEU A 40 -0.15 -0.70 -8.11
C LEU A 40 0.17 -0.05 -9.46
N GLY A 41 -0.77 0.76 -9.92
CA GLY A 41 -0.61 1.44 -11.19
C GLY A 41 -1.95 1.64 -11.89
N ARG A 42 -1.93 1.53 -13.21
CA ARG A 42 -3.14 1.70 -13.99
C ARG A 42 -4.08 0.51 -13.79
N GLY A 43 -5.36 0.82 -13.69
CA GLY A 43 -6.37 -0.21 -13.50
C GLY A 43 -7.40 0.22 -12.45
N PRO A 44 -8.33 -0.72 -12.14
CA PRO A 44 -9.37 -0.45 -11.17
C PRO A 44 -8.80 -0.49 -9.74
N LEU A 45 -7.50 -0.75 -9.66
CA LEU A 45 -6.83 -0.82 -8.38
C LEU A 45 -6.95 0.53 -7.66
N THR A 46 -6.42 1.55 -8.31
CA THR A 46 -6.45 2.90 -7.76
C THR A 46 -7.28 3.81 -8.66
N GLN A 47 -7.96 3.21 -9.62
CA GLN A 47 -8.78 3.96 -10.55
C GLN A 47 -7.91 4.86 -11.43
N VAL A 48 -6.65 4.49 -11.53
CA VAL A 48 -5.69 5.25 -12.32
C VAL A 48 -5.76 4.77 -13.77
N THR A 49 -5.95 5.71 -14.67
CA THR A 49 -6.03 5.41 -16.08
C THR A 49 -5.04 6.26 -16.87
N ASP A 50 -4.10 6.84 -16.15
CA ASP A 50 -3.08 7.68 -16.77
C ASP A 50 -2.07 6.81 -17.50
N ARG A 51 -1.75 7.23 -18.72
CA ARG A 51 -0.79 6.49 -19.54
C ARG A 51 0.59 6.51 -18.89
N LYS A 52 0.94 7.67 -18.35
CA LYS A 52 2.22 7.83 -17.68
C LYS A 52 2.40 6.73 -16.65
N CYS A 53 1.28 6.30 -16.08
CA CYS A 53 1.30 5.25 -15.08
C CYS A 53 1.64 3.92 -15.77
N SER A 54 1.78 2.89 -14.96
CA SER A 54 2.09 1.57 -15.47
C SER A 54 1.57 0.50 -14.52
N ARG A 55 0.91 -0.49 -15.10
CA ARG A 55 0.35 -1.58 -14.32
C ARG A 55 1.31 -1.97 -13.19
N ASN A 56 2.60 -1.86 -13.49
CA ASN A 56 3.63 -2.20 -12.52
C ASN A 56 4.48 -0.96 -12.24
N GLN A 57 3.80 0.11 -11.87
CA GLN A 57 4.48 1.36 -11.57
C GLN A 57 5.39 1.19 -10.34
N VAL A 58 4.80 0.67 -9.28
CA VAL A 58 5.55 0.45 -8.05
C VAL A 58 5.10 -0.87 -7.41
N GLU A 59 5.85 -1.30 -6.41
CA GLU A 59 5.54 -2.53 -5.71
C GLU A 59 5.35 -2.26 -4.22
N LEU A 60 4.11 -2.39 -3.79
CA LEU A 60 3.78 -2.17 -2.39
C LEU A 60 3.84 -3.51 -1.63
N ILE A 61 4.31 -3.42 -0.40
CA ILE A 61 4.42 -4.62 0.43
C ILE A 61 4.02 -4.27 1.87
N ALA A 62 2.97 -4.94 2.34
CA ALA A 62 2.49 -4.72 3.68
C ALA A 62 3.44 -5.36 4.69
N ASP A 63 3.95 -4.53 5.59
CA ASP A 63 4.87 -5.00 6.61
C ASP A 63 4.26 -4.76 7.99
N PRO A 64 3.48 -5.76 8.46
CA PRO A 64 2.84 -5.67 9.76
C PRO A 64 3.86 -5.89 10.89
N GLU A 65 5.10 -6.09 10.48
CA GLU A 65 6.16 -6.31 11.45
C GLU A 65 6.46 -5.02 12.23
N SER A 66 6.41 -3.91 11.51
CA SER A 66 6.67 -2.61 12.11
C SER A 66 5.72 -1.57 11.52
N ARG A 67 4.58 -2.05 11.05
CA ARG A 67 3.59 -1.17 10.46
C ARG A 67 4.24 -0.30 9.37
N THR A 68 5.01 -0.95 8.52
CA THR A 68 5.68 -0.25 7.44
C THR A 68 5.25 -0.84 6.09
N VAL A 69 5.75 -0.21 5.03
CA VAL A 69 5.43 -0.65 3.68
C VAL A 69 6.54 -0.21 2.72
N ALA A 70 7.07 -1.17 1.99
CA ALA A 70 8.13 -0.88 1.03
C ALA A 70 7.50 -0.54 -0.32
N VAL A 71 8.16 0.39 -1.02
CA VAL A 71 7.69 0.82 -2.32
C VAL A 71 8.85 0.77 -3.32
N LYS A 72 8.75 -0.17 -4.25
CA LYS A 72 9.78 -0.33 -5.27
C LYS A 72 9.21 0.10 -6.62
N GLN A 73 9.87 1.08 -7.22
CA GLN A 73 9.45 1.59 -8.52
C GLN A 73 9.88 0.61 -9.63
N LEU A 74 8.89 0.14 -10.36
CA LEU A 74 9.14 -0.80 -11.45
C LEU A 74 8.69 -0.16 -12.77
N GLY A 75 8.13 1.03 -12.65
CA GLY A 75 7.67 1.75 -13.83
C GLY A 75 8.79 2.59 -14.46
N VAL A 76 8.43 3.80 -14.85
CA VAL A 76 9.39 4.70 -15.46
C VAL A 76 9.40 6.03 -14.69
N ASN A 77 8.22 6.61 -14.56
CA ASN A 77 8.08 7.87 -13.86
C ASN A 77 8.47 7.68 -12.39
N PRO A 78 9.20 8.70 -11.87
CA PRO A 78 9.65 8.66 -10.48
C PRO A 78 8.49 8.93 -9.52
N SER A 79 8.29 8.00 -8.59
CA SER A 79 7.23 8.14 -7.62
C SER A 79 7.73 8.92 -6.41
N THR A 80 6.78 9.48 -5.66
CA THR A 80 7.11 10.25 -4.48
C THR A 80 6.54 9.58 -3.23
N VAL A 81 7.45 9.01 -2.45
CA VAL A 81 7.05 8.33 -1.22
C VAL A 81 7.11 9.33 -0.06
N GLY A 82 6.01 10.04 0.10
CA GLY A 82 5.91 11.03 1.16
C GLY A 82 6.31 12.42 0.67
N VAL A 83 7.57 12.76 0.92
CA VAL A 83 8.09 14.05 0.50
C VAL A 83 9.44 13.85 -0.19
N GLN A 84 9.68 12.62 -0.62
CA GLN A 84 10.93 12.28 -1.29
C GLN A 84 10.64 11.64 -2.64
N GLU A 85 11.43 12.04 -3.63
CA GLU A 85 11.28 11.51 -4.98
C GLU A 85 12.04 10.20 -5.12
N LEU A 86 11.38 9.24 -5.76
CA LEU A 86 11.98 7.93 -5.97
C LEU A 86 12.63 7.89 -7.36
N LYS A 87 13.07 6.71 -7.74
CA LYS A 87 13.71 6.52 -9.03
C LYS A 87 13.36 5.14 -9.58
N PRO A 88 13.76 4.90 -10.86
CA PRO A 88 13.49 3.64 -11.50
C PRO A 88 14.41 2.54 -10.98
N GLY A 89 13.81 1.57 -10.30
CA GLY A 89 14.57 0.47 -9.74
C GLY A 89 14.93 0.74 -8.28
N LEU A 90 14.44 1.86 -7.77
CA LEU A 90 14.70 2.25 -6.40
C LEU A 90 13.67 1.58 -5.48
N SER A 91 13.83 1.83 -4.19
CA SER A 91 12.92 1.26 -3.20
C SER A 91 13.00 2.08 -1.91
N GLY A 92 11.82 2.39 -1.39
CA GLY A 92 11.74 3.16 -0.15
C GLY A 92 10.75 2.52 0.82
N SER A 93 10.42 3.27 1.87
CA SER A 93 9.49 2.79 2.88
C SER A 93 8.38 3.82 3.10
N LEU A 94 7.21 3.32 3.47
CA LEU A 94 6.08 4.20 3.73
C LEU A 94 5.55 3.94 5.14
N SER A 95 5.59 5.00 5.95
CA SER A 95 5.11 4.90 7.32
C SER A 95 3.60 5.16 7.37
N LEU A 96 2.98 4.56 8.38
CA LEU A 96 1.54 4.73 8.55
C LEU A 96 1.19 6.21 8.51
N GLY A 97 0.64 6.62 7.38
CA GLY A 97 0.25 8.01 7.20
C GLY A 97 0.92 8.62 5.96
N ASP A 98 2.13 8.13 5.69
CA ASP A 98 2.88 8.61 4.55
C ASP A 98 2.04 8.47 3.29
N VAL A 99 2.35 9.30 2.31
CA VAL A 99 1.63 9.28 1.04
C VAL A 99 2.46 8.53 0.00
N LEU A 100 1.80 8.16 -1.08
CA LEU A 100 2.46 7.43 -2.16
C LEU A 100 1.89 7.89 -3.50
N TYR A 101 2.48 8.97 -4.02
CA TYR A 101 2.04 9.51 -5.29
C TYR A 101 2.28 8.52 -6.43
N LEU A 102 1.22 7.82 -6.81
CA LEU A 102 1.32 6.85 -7.88
C LEU A 102 2.30 7.35 -8.94
N VAL A 103 1.99 8.53 -9.48
CA VAL A 103 2.84 9.12 -10.50
C VAL A 103 2.45 10.59 -10.68
N ASN A 104 3.24 11.29 -11.47
CA ASN A 104 2.99 12.70 -11.73
C ASN A 104 2.54 13.38 -10.43
N GLY A 105 3.27 13.09 -9.36
CA GLY A 105 2.95 13.65 -8.07
C GLY A 105 1.44 13.76 -7.87
N LEU A 106 0.72 12.85 -8.51
CA LEU A 106 -0.72 12.82 -8.41
C LEU A 106 -1.17 11.44 -7.92
N TYR A 107 -2.49 11.24 -7.96
CA TYR A 107 -3.05 9.98 -7.52
C TYR A 107 -2.32 9.44 -6.29
N PRO A 108 -2.35 10.24 -5.20
CA PRO A 108 -1.69 9.86 -3.96
C PRO A 108 -2.48 8.78 -3.23
N LEU A 109 -1.90 8.28 -2.16
CA LEU A 109 -2.53 7.25 -1.36
C LEU A 109 -2.02 7.33 0.08
N THR A 110 -2.95 7.23 1.02
CA THR A 110 -2.60 7.29 2.42
C THR A 110 -2.53 5.87 3.01
N LEU A 111 -1.39 5.58 3.64
CA LEU A 111 -1.18 4.29 4.24
C LEU A 111 -1.84 4.25 5.61
N ARG A 112 -2.85 3.40 5.72
CA ARG A 112 -3.57 3.27 6.98
C ARG A 112 -3.45 1.84 7.52
N TRP A 113 -3.80 1.68 8.78
CA TRP A 113 -3.73 0.38 9.42
C TRP A 113 -4.99 0.19 10.26
N SER A 114 -5.57 -1.00 10.15
CA SER A 114 -6.77 -1.31 10.89
C SER A 114 -6.43 -1.68 12.33
N GLY A 115 -7.20 -1.11 13.25
CA GLY A 115 -6.98 -1.36 14.67
C GLY A 115 -8.26 -1.10 15.47
N PRO A 116 -8.27 -1.62 16.72
CA PRO A 116 -9.41 -1.47 17.60
C PRO A 116 -9.49 -0.05 18.15
N SER A 117 -10.59 0.63 17.83
CA SER A 117 -10.80 1.98 18.28
C SER A 117 -12.14 2.50 17.79
N SER A 118 -13.16 2.32 18.61
CA SER A 118 -14.50 2.76 18.25
C SER A 118 -15.21 3.32 19.50
N GLY A 119 -15.30 2.47 20.51
CA GLY A 119 -15.94 2.87 21.76
C GLY A 119 -15.32 2.13 22.95
N GLY A 1 -18.40 -30.85 31.76
CA GLY A 1 -18.31 -29.91 30.67
C GLY A 1 -16.97 -30.03 29.94
N SER A 2 -16.85 -29.30 28.85
CA SER A 2 -15.64 -29.32 28.06
C SER A 2 -15.77 -28.37 26.86
N SER A 3 -14.62 -27.93 26.38
CA SER A 3 -14.59 -27.01 25.24
C SER A 3 -14.12 -27.75 23.98
N GLY A 4 -12.92 -28.31 24.09
CA GLY A 4 -12.34 -29.04 22.96
C GLY A 4 -11.21 -28.25 22.32
N SER A 5 -11.18 -28.28 21.00
CA SER A 5 -10.16 -27.58 20.25
C SER A 5 -10.13 -26.10 20.66
N SER A 6 -9.02 -25.71 21.27
CA SER A 6 -8.85 -24.34 21.72
C SER A 6 -9.28 -23.37 20.61
N GLY A 7 -10.39 -22.70 20.83
CA GLY A 7 -10.91 -21.75 19.87
C GLY A 7 -11.25 -22.44 18.55
N MET A 8 -12.34 -22.00 17.95
CA MET A 8 -12.79 -22.57 16.68
C MET A 8 -12.62 -21.56 15.54
N SER A 9 -13.23 -20.41 15.73
CA SER A 9 -13.16 -19.35 14.73
C SER A 9 -11.70 -18.91 14.52
N GLN A 10 -11.40 -18.53 13.30
CA GLN A 10 -10.06 -18.09 12.96
C GLN A 10 -10.05 -17.41 11.59
N LEU A 11 -10.23 -16.10 11.62
CA LEU A 11 -10.24 -15.32 10.39
C LEU A 11 -8.83 -14.81 10.10
N GLY A 12 -8.27 -14.12 11.08
CA GLY A 12 -6.93 -13.58 10.96
C GLY A 12 -6.38 -13.13 12.31
N SER A 13 -5.42 -12.21 12.25
CA SER A 13 -4.81 -11.70 13.46
C SER A 13 -4.05 -10.40 13.14
N ARG A 14 -3.83 -9.62 14.18
CA ARG A 14 -3.10 -8.37 14.03
C ARG A 14 -3.84 -7.44 13.05
N GLY A 15 -3.47 -6.17 13.09
CA GLY A 15 -4.09 -5.19 12.22
C GLY A 15 -3.85 -5.53 10.75
N ARG A 16 -4.42 -4.70 9.89
CA ARG A 16 -4.28 -4.91 8.46
C ARG A 16 -3.93 -3.60 7.75
N LEU A 17 -2.88 -3.65 6.95
CA LEU A 17 -2.43 -2.47 6.23
C LEU A 17 -3.29 -2.29 4.98
N TRP A 18 -3.57 -1.04 4.66
CA TRP A 18 -4.39 -0.72 3.50
C TRP A 18 -4.22 0.78 3.21
N LEU A 19 -4.35 1.11 1.94
CA LEU A 19 -4.23 2.50 1.52
C LEU A 19 -5.61 3.14 1.49
N GLN A 20 -5.64 4.44 1.76
CA GLN A 20 -6.88 5.18 1.77
C GLN A 20 -6.91 6.18 0.61
N SER A 21 -7.56 5.75 -0.47
CA SER A 21 -7.67 6.60 -1.65
C SER A 21 -8.55 7.81 -1.35
N PRO A 22 -8.19 8.95 -1.99
CA PRO A 22 -8.93 10.19 -1.80
C PRO A 22 -10.26 10.15 -2.55
N THR A 23 -11.27 10.76 -1.94
CA THR A 23 -12.59 10.80 -2.54
C THR A 23 -13.27 9.43 -2.42
N GLY A 24 -14.48 9.37 -2.95
CA GLY A 24 -15.25 8.13 -2.91
C GLY A 24 -14.80 7.18 -4.03
N GLY A 25 -13.49 7.12 -4.23
CA GLY A 25 -12.93 6.25 -5.25
C GLY A 25 -13.19 4.78 -4.93
N PRO A 26 -12.14 3.95 -5.17
CA PRO A 26 -12.24 2.53 -4.91
C PRO A 26 -12.18 2.23 -3.41
N PRO A 27 -12.44 0.94 -3.06
CA PRO A 27 -12.41 0.53 -1.68
C PRO A 27 -10.98 0.41 -1.16
N PRO A 28 -10.86 0.15 0.17
CA PRO A 28 -9.55 0.02 0.79
C PRO A 28 -8.91 -1.33 0.44
N ILE A 29 -7.84 -1.25 -0.34
CA ILE A 29 -7.13 -2.44 -0.76
C ILE A 29 -6.22 -2.91 0.38
N PHE A 30 -6.55 -4.06 0.93
CA PHE A 30 -5.77 -4.62 2.02
C PHE A 30 -4.62 -5.47 1.49
N LEU A 31 -3.42 -4.94 1.65
CA LEU A 31 -2.22 -5.63 1.20
C LEU A 31 -2.08 -6.95 1.95
N PRO A 32 -1.26 -7.86 1.36
CA PRO A 32 -1.03 -9.17 1.97
C PRO A 32 -0.11 -9.05 3.19
N SER A 33 -0.34 -9.94 4.15
CA SER A 33 0.45 -9.95 5.36
C SER A 33 1.54 -11.02 5.27
N ASP A 34 1.31 -11.98 4.39
CA ASP A 34 2.26 -13.07 4.19
C ASP A 34 3.62 -12.48 3.83
N GLY A 35 3.58 -11.36 3.12
CA GLY A 35 4.81 -10.68 2.71
C GLY A 35 4.77 -10.35 1.22
N GLN A 36 3.74 -10.86 0.55
CA GLN A 36 3.57 -10.62 -0.87
C GLN A 36 3.73 -9.13 -1.17
N ALA A 37 3.67 -8.81 -2.46
CA ALA A 37 3.81 -7.44 -2.91
C ALA A 37 2.64 -7.09 -3.83
N LEU A 38 1.88 -6.08 -3.43
CA LEU A 38 0.74 -5.65 -4.21
C LEU A 38 1.18 -4.52 -5.15
N VAL A 39 1.32 -4.89 -6.42
CA VAL A 39 1.73 -3.93 -7.44
C VAL A 39 0.56 -3.00 -7.76
N LEU A 40 0.79 -1.72 -7.57
CA LEU A 40 -0.23 -0.71 -7.84
C LEU A 40 -0.02 -0.14 -9.24
N GLY A 41 -0.95 0.72 -9.64
CA GLY A 41 -0.87 1.34 -10.95
C GLY A 41 -2.28 1.53 -11.55
N ARG A 42 -2.32 1.51 -12.88
CA ARG A 42 -3.58 1.67 -13.59
C ARG A 42 -4.48 0.45 -13.35
N GLY A 43 -5.74 0.73 -13.07
CA GLY A 43 -6.71 -0.33 -12.82
C GLY A 43 -7.77 0.12 -11.83
N PRO A 44 -8.65 -0.85 -11.44
CA PRO A 44 -9.71 -0.57 -10.49
C PRO A 44 -9.17 -0.45 -9.07
N LEU A 45 -7.90 -0.81 -8.93
CA LEU A 45 -7.25 -0.75 -7.62
C LEU A 45 -7.39 0.65 -7.06
N THR A 46 -6.83 1.61 -7.80
CA THR A 46 -6.88 3.00 -7.37
C THR A 46 -7.79 3.80 -8.31
N GLN A 47 -8.42 3.09 -9.23
CA GLN A 47 -9.32 3.72 -10.18
C GLN A 47 -8.55 4.67 -11.09
N VAL A 48 -7.24 4.46 -11.15
CA VAL A 48 -6.38 5.29 -11.97
C VAL A 48 -6.45 4.80 -13.43
N THR A 49 -6.60 5.76 -14.33
CA THR A 49 -6.68 5.44 -15.75
C THR A 49 -5.73 6.33 -16.54
N ASP A 50 -4.70 6.81 -15.86
CA ASP A 50 -3.72 7.68 -16.49
C ASP A 50 -2.70 6.81 -17.24
N ARG A 51 -2.40 7.23 -18.46
CA ARG A 51 -1.45 6.52 -19.29
C ARG A 51 -0.08 6.47 -18.60
N LYS A 52 0.33 7.63 -18.11
CA LYS A 52 1.61 7.74 -17.43
C LYS A 52 1.72 6.63 -16.38
N CYS A 53 0.57 6.26 -15.82
CA CYS A 53 0.53 5.22 -14.81
C CYS A 53 0.83 3.88 -15.48
N SER A 54 1.67 3.10 -14.82
CA SER A 54 2.05 1.79 -15.34
C SER A 54 1.48 0.69 -14.44
N ARG A 55 0.88 -0.30 -15.09
CA ARG A 55 0.29 -1.41 -14.37
C ARG A 55 1.17 -1.78 -13.16
N ASN A 56 2.47 -1.66 -13.36
CA ASN A 56 3.42 -1.98 -12.31
C ASN A 56 4.30 -0.76 -12.03
N GLN A 57 3.65 0.32 -11.63
CA GLN A 57 4.36 1.54 -11.33
C GLN A 57 5.27 1.36 -10.12
N VAL A 58 4.70 0.76 -9.09
CA VAL A 58 5.44 0.51 -7.86
C VAL A 58 4.96 -0.80 -7.23
N GLU A 59 5.82 -1.36 -6.39
CA GLU A 59 5.49 -2.61 -5.71
C GLU A 59 5.31 -2.36 -4.22
N LEU A 60 4.06 -2.41 -3.79
CA LEU A 60 3.74 -2.20 -2.39
C LEU A 60 3.85 -3.53 -1.64
N ILE A 61 4.36 -3.44 -0.43
CA ILE A 61 4.53 -4.62 0.40
C ILE A 61 4.12 -4.30 1.84
N ALA A 62 3.11 -5.02 2.31
CA ALA A 62 2.62 -4.82 3.66
C ALA A 62 3.62 -5.41 4.66
N ASP A 63 3.95 -4.61 5.66
CA ASP A 63 4.88 -5.04 6.68
C ASP A 63 4.29 -4.77 8.06
N PRO A 64 3.47 -5.75 8.53
CA PRO A 64 2.83 -5.63 9.83
C PRO A 64 3.83 -5.88 10.97
N GLU A 65 5.06 -6.14 10.56
CA GLU A 65 6.12 -6.41 11.53
C GLU A 65 6.41 -5.15 12.35
N SER A 66 6.24 -4.01 11.70
CA SER A 66 6.48 -2.74 12.37
C SER A 66 5.61 -1.64 11.74
N ARG A 67 4.41 -2.04 11.33
CA ARG A 67 3.49 -1.11 10.71
C ARG A 67 4.21 -0.26 9.67
N THR A 68 4.65 -0.92 8.61
CA THR A 68 5.35 -0.23 7.54
C THR A 68 4.99 -0.85 6.18
N VAL A 69 5.54 -0.25 5.14
CA VAL A 69 5.30 -0.73 3.79
C VAL A 69 6.47 -0.34 2.88
N ALA A 70 6.86 -1.28 2.03
CA ALA A 70 7.96 -1.05 1.12
C ALA A 70 7.41 -0.70 -0.26
N VAL A 71 8.11 0.20 -0.93
CA VAL A 71 7.69 0.64 -2.26
C VAL A 71 8.89 0.52 -3.22
N LYS A 72 8.67 -0.24 -4.28
CA LYS A 72 9.71 -0.44 -5.27
C LYS A 72 9.20 0.01 -6.65
N GLN A 73 9.89 0.97 -7.22
CA GLN A 73 9.52 1.49 -8.52
C GLN A 73 9.94 0.52 -9.62
N LEU A 74 8.94 0.01 -10.32
CA LEU A 74 9.20 -0.93 -11.41
C LEU A 74 8.69 -0.33 -12.73
N GLY A 75 8.30 0.93 -12.65
CA GLY A 75 7.80 1.62 -13.83
C GLY A 75 8.88 2.49 -14.46
N VAL A 76 8.45 3.62 -15.00
CA VAL A 76 9.37 4.54 -15.64
C VAL A 76 9.33 5.89 -14.91
N ASN A 77 8.12 6.38 -14.72
CA ASN A 77 7.92 7.65 -14.04
C ASN A 77 8.35 7.52 -12.58
N PRO A 78 9.04 8.57 -12.08
CA PRO A 78 9.51 8.58 -10.71
C PRO A 78 8.35 8.83 -9.74
N SER A 79 8.24 7.95 -8.76
CA SER A 79 7.19 8.06 -7.76
C SER A 79 7.70 8.85 -6.55
N THR A 80 6.75 9.38 -5.79
CA THR A 80 7.08 10.16 -4.61
C THR A 80 6.48 9.52 -3.36
N VAL A 81 7.36 9.05 -2.49
CA VAL A 81 6.92 8.41 -1.26
C VAL A 81 6.98 9.43 -0.12
N GLY A 82 5.86 10.09 0.10
CA GLY A 82 5.77 11.09 1.15
C GLY A 82 6.18 12.47 0.62
N VAL A 83 7.45 12.79 0.83
CA VAL A 83 7.98 14.06 0.39
C VAL A 83 9.34 13.85 -0.28
N GLN A 84 9.55 12.61 -0.73
CA GLN A 84 10.79 12.26 -1.39
C GLN A 84 10.51 11.65 -2.77
N GLU A 85 11.38 11.96 -3.72
CA GLU A 85 11.23 11.46 -5.06
C GLU A 85 12.00 10.15 -5.23
N LEU A 86 11.35 9.19 -5.87
CA LEU A 86 11.95 7.89 -6.10
C LEU A 86 12.58 7.86 -7.49
N LYS A 87 13.03 6.68 -7.88
CA LYS A 87 13.65 6.50 -9.18
C LYS A 87 13.32 5.11 -9.71
N PRO A 88 13.70 4.87 -10.99
CA PRO A 88 13.45 3.59 -11.63
C PRO A 88 14.42 2.53 -11.12
N GLY A 89 13.86 1.57 -10.39
CA GLY A 89 14.65 0.49 -9.83
C GLY A 89 15.00 0.76 -8.38
N LEU A 90 14.50 1.88 -7.88
CA LEU A 90 14.74 2.26 -6.50
C LEU A 90 13.74 1.57 -5.58
N SER A 91 13.86 1.86 -4.30
CA SER A 91 12.96 1.27 -3.31
C SER A 91 12.97 2.10 -2.03
N GLY A 92 11.77 2.38 -1.53
CA GLY A 92 11.63 3.16 -0.32
C GLY A 92 10.66 2.49 0.66
N SER A 93 10.31 3.23 1.71
CA SER A 93 9.40 2.73 2.71
C SER A 93 8.28 3.74 2.96
N LEU A 94 7.15 3.22 3.40
CA LEU A 94 6.00 4.07 3.67
C LEU A 94 5.48 3.78 5.08
N SER A 95 5.44 4.82 5.89
CA SER A 95 4.97 4.68 7.26
C SER A 95 3.47 5.02 7.34
N LEU A 96 2.90 4.79 8.51
CA LEU A 96 1.49 5.06 8.73
C LEU A 96 1.23 6.56 8.58
N GLY A 97 0.45 6.90 7.57
CA GLY A 97 0.12 8.29 7.31
C GLY A 97 0.84 8.79 6.04
N ASP A 98 2.06 8.34 5.87
CA ASP A 98 2.85 8.73 4.71
C ASP A 98 1.99 8.67 3.46
N VAL A 99 2.44 9.34 2.42
CA VAL A 99 1.73 9.36 1.16
C VAL A 99 2.52 8.61 0.10
N LEU A 100 1.83 8.26 -0.98
CA LEU A 100 2.47 7.54 -2.07
C LEU A 100 1.87 8.01 -3.40
N TYR A 101 2.49 9.04 -3.96
CA TYR A 101 2.03 9.58 -5.22
C TYR A 101 2.24 8.57 -6.37
N LEU A 102 1.16 7.89 -6.71
CA LEU A 102 1.22 6.90 -7.78
C LEU A 102 2.20 7.38 -8.85
N VAL A 103 1.89 8.53 -9.42
CA VAL A 103 2.74 9.10 -10.46
C VAL A 103 2.42 10.58 -10.63
N ASN A 104 3.23 11.26 -11.42
CA ASN A 104 3.04 12.67 -11.68
C ASN A 104 2.67 13.37 -10.36
N GLY A 105 3.32 12.96 -9.30
CA GLY A 105 3.08 13.53 -7.99
C GLY A 105 1.57 13.70 -7.74
N LEU A 106 0.80 12.90 -8.45
CA LEU A 106 -0.64 12.94 -8.32
C LEU A 106 -1.16 11.60 -7.81
N TYR A 107 -2.47 11.45 -7.84
CA TYR A 107 -3.10 10.22 -7.39
C TYR A 107 -2.38 9.66 -6.17
N PRO A 108 -2.33 10.49 -5.09
CA PRO A 108 -1.69 10.09 -3.86
C PRO A 108 -2.54 9.10 -3.09
N LEU A 109 -2.00 8.63 -1.97
CA LEU A 109 -2.70 7.67 -1.13
C LEU A 109 -2.24 7.84 0.32
N THR A 110 -3.04 7.29 1.23
CA THR A 110 -2.73 7.37 2.64
C THR A 110 -2.62 5.96 3.24
N LEU A 111 -1.43 5.65 3.76
CA LEU A 111 -1.20 4.36 4.35
C LEU A 111 -1.91 4.28 5.71
N ARG A 112 -2.86 3.37 5.79
CA ARG A 112 -3.62 3.19 7.02
C ARG A 112 -3.40 1.78 7.58
N TRP A 113 -3.87 1.58 8.80
CA TRP A 113 -3.73 0.30 9.46
C TRP A 113 -4.99 0.06 10.31
N SER A 114 -5.59 -1.10 10.10
CA SER A 114 -6.79 -1.45 10.84
C SER A 114 -6.43 -1.82 12.28
N GLY A 115 -7.37 -1.55 13.18
CA GLY A 115 -7.16 -1.84 14.59
C GLY A 115 -8.50 -1.97 15.32
N PRO A 116 -8.40 -2.29 16.64
CA PRO A 116 -9.59 -2.45 17.47
C PRO A 116 -10.19 -1.08 17.81
N SER A 117 -11.40 -0.87 17.30
CA SER A 117 -12.10 0.38 17.54
C SER A 117 -13.56 0.26 17.12
N SER A 118 -13.76 0.08 15.81
CA SER A 118 -15.09 -0.04 15.26
C SER A 118 -16.02 0.98 15.89
N GLY A 119 -16.11 2.13 15.24
CA GLY A 119 -16.96 3.21 15.71
C GLY A 119 -17.52 4.03 14.55
N GLY A 1 5.08 -18.16 11.01
CA GLY A 1 3.73 -18.16 11.52
C GLY A 1 2.71 -18.27 10.37
N SER A 2 2.72 -19.42 9.72
CA SER A 2 1.82 -19.67 8.62
C SER A 2 0.60 -20.44 9.10
N SER A 3 -0.36 -19.70 9.63
CA SER A 3 -1.59 -20.31 10.13
C SER A 3 -2.66 -20.31 9.05
N GLY A 4 -3.59 -21.25 9.17
CA GLY A 4 -4.67 -21.37 8.21
C GLY A 4 -5.71 -22.38 8.68
N SER A 5 -6.31 -22.09 9.83
CA SER A 5 -7.32 -22.96 10.39
C SER A 5 -8.38 -22.12 11.11
N SER A 6 -9.61 -22.62 11.05
CA SER A 6 -10.73 -21.93 11.68
C SER A 6 -10.94 -20.56 11.01
N GLY A 7 -12.09 -19.97 11.32
CA GLY A 7 -12.43 -18.67 10.77
C GLY A 7 -12.98 -17.74 11.85
N MET A 8 -13.27 -16.51 11.44
CA MET A 8 -13.80 -15.52 12.36
C MET A 8 -14.80 -16.16 13.33
N SER A 9 -14.52 -15.98 14.61
CA SER A 9 -15.39 -16.53 15.64
C SER A 9 -16.21 -15.42 16.28
N GLN A 10 -15.52 -14.47 16.87
CA GLN A 10 -16.18 -13.35 17.52
C GLN A 10 -15.14 -12.35 18.04
N LEU A 11 -14.87 -11.34 17.24
CA LEU A 11 -13.91 -10.32 17.61
C LEU A 11 -12.53 -10.95 17.75
N GLY A 12 -11.52 -10.22 17.30
CA GLY A 12 -10.15 -10.70 17.36
C GLY A 12 -9.32 -10.18 16.18
N SER A 13 -8.54 -11.07 15.60
CA SER A 13 -7.71 -10.71 14.46
C SER A 13 -6.75 -9.60 14.86
N ARG A 14 -5.83 -9.29 13.94
CA ARG A 14 -4.84 -8.25 14.19
C ARG A 14 -5.02 -7.12 13.18
N GLY A 15 -4.26 -6.06 13.40
CA GLY A 15 -4.32 -4.90 12.52
C GLY A 15 -4.14 -5.32 11.05
N ARG A 16 -4.46 -4.39 10.17
CA ARG A 16 -4.34 -4.64 8.74
C ARG A 16 -3.97 -3.36 8.00
N LEU A 17 -2.93 -3.45 7.19
CA LEU A 17 -2.47 -2.30 6.42
C LEU A 17 -3.30 -2.18 5.15
N TRP A 18 -3.57 -0.95 4.77
CA TRP A 18 -4.35 -0.69 3.57
C TRP A 18 -4.17 0.80 3.21
N LEU A 19 -4.55 1.12 1.97
CA LEU A 19 -4.44 2.48 1.49
C LEU A 19 -5.80 3.17 1.60
N GLN A 20 -5.75 4.46 1.90
CA GLN A 20 -6.97 5.24 2.03
C GLN A 20 -7.01 6.35 0.98
N SER A 21 -7.81 6.11 -0.05
CA SER A 21 -7.96 7.06 -1.13
C SER A 21 -8.87 8.21 -0.69
N PRO A 22 -8.58 9.42 -1.24
CA PRO A 22 -9.36 10.60 -0.92
C PRO A 22 -10.72 10.57 -1.62
N THR A 23 -11.57 11.50 -1.25
CA THR A 23 -12.90 11.59 -1.83
C THR A 23 -12.84 11.29 -3.33
N GLY A 24 -13.97 10.81 -3.85
CA GLY A 24 -14.06 10.47 -5.26
C GLY A 24 -12.91 9.56 -5.68
N GLY A 25 -12.86 8.39 -5.05
CA GLY A 25 -11.82 7.43 -5.35
C GLY A 25 -12.29 6.00 -5.04
N PRO A 26 -11.36 5.03 -5.27
CA PRO A 26 -11.67 3.63 -5.01
C PRO A 26 -11.67 3.34 -3.51
N PRO A 27 -12.11 2.09 -3.17
CA PRO A 27 -12.16 1.67 -1.78
C PRO A 27 -10.76 1.37 -1.23
N PRO A 28 -10.71 1.12 0.09
CA PRO A 28 -9.44 0.81 0.74
C PRO A 28 -8.99 -0.61 0.42
N ILE A 29 -7.84 -0.69 -0.26
CA ILE A 29 -7.28 -1.97 -0.64
C ILE A 29 -6.54 -2.58 0.55
N PHE A 30 -6.77 -3.86 0.77
CA PHE A 30 -6.12 -4.56 1.86
C PHE A 30 -4.91 -5.36 1.37
N LEU A 31 -3.74 -4.80 1.62
CA LEU A 31 -2.50 -5.45 1.20
C LEU A 31 -2.39 -6.81 1.89
N PRO A 32 -1.52 -7.68 1.30
CA PRO A 32 -1.32 -9.01 1.85
C PRO A 32 -0.45 -8.96 3.12
N SER A 33 -0.48 -10.05 3.86
CA SER A 33 0.29 -10.14 5.08
C SER A 33 1.44 -11.13 4.91
N ASP A 34 1.15 -12.19 4.17
CA ASP A 34 2.14 -13.23 3.92
C ASP A 34 3.49 -12.57 3.63
N GLY A 35 3.43 -11.37 3.07
CA GLY A 35 4.63 -10.64 2.75
C GLY A 35 4.71 -10.37 1.24
N GLN A 36 3.66 -10.75 0.54
CA GLN A 36 3.61 -10.56 -0.90
C GLN A 36 3.67 -9.07 -1.24
N ALA A 37 3.94 -8.80 -2.50
CA ALA A 37 4.04 -7.42 -2.97
C ALA A 37 2.84 -7.11 -3.88
N LEU A 38 2.04 -6.15 -3.43
CA LEU A 38 0.87 -5.75 -4.19
C LEU A 38 1.25 -4.60 -5.15
N VAL A 39 1.36 -4.95 -6.42
CA VAL A 39 1.72 -3.98 -7.43
C VAL A 39 0.52 -3.04 -7.66
N LEU A 40 0.85 -1.79 -7.99
CA LEU A 40 -0.18 -0.80 -8.24
C LEU A 40 0.09 -0.13 -9.59
N GLY A 41 -0.86 0.72 -9.99
CA GLY A 41 -0.73 1.42 -11.25
C GLY A 41 -2.11 1.68 -11.87
N ARG A 42 -2.13 1.72 -13.19
CA ARG A 42 -3.37 1.95 -13.92
C ARG A 42 -4.35 0.82 -13.65
N GLY A 43 -5.61 1.20 -13.45
CA GLY A 43 -6.66 0.22 -13.20
C GLY A 43 -7.66 0.75 -12.17
N PRO A 44 -8.63 -0.13 -11.81
CA PRO A 44 -9.65 0.23 -10.84
C PRO A 44 -9.08 0.25 -9.42
N LEU A 45 -7.89 -0.33 -9.28
CA LEU A 45 -7.23 -0.39 -8.00
C LEU A 45 -7.15 1.02 -7.40
N THR A 46 -6.54 1.91 -8.15
CA THR A 46 -6.39 3.29 -7.71
C THR A 46 -7.22 4.23 -8.59
N GLN A 47 -8.05 3.61 -9.43
CA GLN A 47 -8.89 4.37 -10.33
C GLN A 47 -8.05 5.28 -11.22
N VAL A 48 -6.81 4.87 -11.43
CA VAL A 48 -5.88 5.63 -12.25
C VAL A 48 -5.98 5.14 -13.70
N THR A 49 -6.12 6.10 -14.61
CA THR A 49 -6.21 5.77 -16.03
C THR A 49 -5.20 6.58 -16.83
N ASP A 50 -4.14 7.00 -16.14
CA ASP A 50 -3.10 7.78 -16.77
C ASP A 50 -2.05 6.83 -17.38
N ARG A 51 -1.78 7.05 -18.65
CA ARG A 51 -0.81 6.24 -19.36
C ARG A 51 0.51 6.18 -18.58
N LYS A 52 0.94 7.34 -18.12
CA LYS A 52 2.18 7.44 -17.36
C LYS A 52 2.15 6.41 -16.22
N CYS A 53 0.95 6.02 -15.86
CA CYS A 53 0.77 5.04 -14.79
C CYS A 53 0.82 3.64 -15.40
N SER A 54 1.90 2.93 -15.12
CA SER A 54 2.07 1.59 -15.65
C SER A 54 1.46 0.57 -14.68
N ARG A 55 0.80 -0.42 -15.26
CA ARG A 55 0.16 -1.46 -14.46
C ARG A 55 1.04 -1.81 -13.26
N ASN A 56 2.34 -1.73 -13.46
CA ASN A 56 3.30 -2.03 -12.40
C ASN A 56 4.23 -0.84 -12.20
N GLN A 57 3.62 0.30 -11.91
CA GLN A 57 4.38 1.52 -11.70
C GLN A 57 5.26 1.39 -10.45
N VAL A 58 4.67 0.79 -9.42
CA VAL A 58 5.39 0.59 -8.17
C VAL A 58 4.95 -0.73 -7.54
N GLU A 59 5.61 -1.07 -6.44
CA GLU A 59 5.30 -2.31 -5.74
C GLU A 59 5.14 -2.04 -4.25
N LEU A 60 3.90 -2.18 -3.79
CA LEU A 60 3.59 -1.95 -2.38
C LEU A 60 3.60 -3.29 -1.64
N ILE A 61 4.20 -3.27 -0.46
CA ILE A 61 4.28 -4.48 0.35
C ILE A 61 3.92 -4.14 1.80
N ALA A 62 2.89 -4.82 2.28
CA ALA A 62 2.43 -4.60 3.65
C ALA A 62 3.42 -5.25 4.62
N ASP A 63 3.95 -4.42 5.51
CA ASP A 63 4.90 -4.90 6.50
C ASP A 63 4.37 -4.59 7.90
N PRO A 64 3.53 -5.55 8.41
CA PRO A 64 2.96 -5.39 9.74
C PRO A 64 4.00 -5.66 10.83
N GLU A 65 5.20 -5.96 10.38
CA GLU A 65 6.29 -6.24 11.31
C GLU A 65 6.59 -5.00 12.16
N SER A 66 6.57 -3.86 11.51
CA SER A 66 6.84 -2.60 12.19
C SER A 66 5.93 -1.49 11.62
N ARG A 67 4.71 -1.89 11.31
CA ARG A 67 3.74 -0.94 10.77
C ARG A 67 4.39 -0.08 9.68
N THR A 68 4.82 -0.75 8.62
CA THR A 68 5.46 -0.07 7.51
C THR A 68 5.11 -0.74 6.19
N VAL A 69 5.58 -0.14 5.10
CA VAL A 69 5.33 -0.69 3.77
C VAL A 69 6.49 -0.33 2.85
N ALA A 70 6.89 -1.31 2.06
CA ALA A 70 7.98 -1.12 1.12
C ALA A 70 7.43 -0.67 -0.24
N VAL A 71 8.19 0.19 -0.89
CA VAL A 71 7.79 0.70 -2.19
C VAL A 71 8.97 0.60 -3.16
N LYS A 72 8.78 -0.21 -4.19
CA LYS A 72 9.82 -0.40 -5.20
C LYS A 72 9.29 0.07 -6.55
N GLN A 73 10.08 0.95 -7.17
CA GLN A 73 9.72 1.49 -8.47
C GLN A 73 10.08 0.51 -9.58
N LEU A 74 9.06 0.01 -10.24
CA LEU A 74 9.25 -0.95 -11.32
C LEU A 74 8.76 -0.32 -12.64
N GLY A 75 8.18 0.86 -12.52
CA GLY A 75 7.67 1.57 -13.67
C GLY A 75 8.76 2.40 -14.35
N VAL A 76 8.37 3.59 -14.78
CA VAL A 76 9.31 4.49 -15.43
C VAL A 76 9.26 5.86 -14.74
N ASN A 77 8.05 6.39 -14.64
CA ASN A 77 7.86 7.68 -14.00
C ASN A 77 8.35 7.62 -12.56
N PRO A 78 8.95 8.75 -12.11
CA PRO A 78 9.47 8.83 -10.75
C PRO A 78 8.33 8.98 -9.74
N SER A 79 8.27 8.05 -8.80
CA SER A 79 7.25 8.06 -7.78
C SER A 79 7.73 8.86 -6.57
N THR A 80 6.77 9.32 -5.78
CA THR A 80 7.08 10.10 -4.59
C THR A 80 6.49 9.42 -3.34
N VAL A 81 7.39 8.98 -2.47
CA VAL A 81 6.98 8.33 -1.25
C VAL A 81 6.96 9.34 -0.11
N GLY A 82 5.83 10.00 0.03
CA GLY A 82 5.67 11.00 1.08
C GLY A 82 6.10 12.39 0.58
N VAL A 83 7.36 12.70 0.84
CA VAL A 83 7.90 13.99 0.44
C VAL A 83 9.27 13.77 -0.21
N GLN A 84 9.50 12.54 -0.63
CA GLN A 84 10.76 12.18 -1.27
C GLN A 84 10.51 11.56 -2.64
N GLU A 85 11.32 11.98 -3.60
CA GLU A 85 11.19 11.47 -4.96
C GLU A 85 11.95 10.15 -5.11
N LEU A 86 11.37 9.24 -5.86
CA LEU A 86 11.97 7.95 -6.09
C LEU A 86 12.63 7.92 -7.47
N LYS A 87 13.09 6.75 -7.86
CA LYS A 87 13.73 6.58 -9.15
C LYS A 87 13.44 5.18 -9.68
N PRO A 88 13.86 4.95 -10.96
CA PRO A 88 13.65 3.66 -11.59
C PRO A 88 14.63 2.61 -11.05
N GLY A 89 14.06 1.62 -10.37
CA GLY A 89 14.86 0.55 -9.79
C GLY A 89 15.19 0.85 -8.33
N LEU A 90 14.64 1.95 -7.85
CA LEU A 90 14.87 2.35 -6.47
C LEU A 90 13.87 1.63 -5.55
N SER A 91 13.95 1.93 -4.28
CA SER A 91 13.07 1.33 -3.29
C SER A 91 13.03 2.19 -2.02
N GLY A 92 11.81 2.41 -1.54
CA GLY A 92 11.62 3.20 -0.34
C GLY A 92 10.64 2.52 0.61
N SER A 93 10.29 3.25 1.67
CA SER A 93 9.38 2.72 2.67
C SER A 93 8.30 3.76 2.98
N LEU A 94 7.10 3.25 3.26
CA LEU A 94 5.98 4.12 3.58
C LEU A 94 5.54 3.87 5.01
N SER A 95 5.40 4.95 5.76
CA SER A 95 4.97 4.85 7.15
C SER A 95 3.46 5.03 7.25
N LEU A 96 2.92 4.59 8.38
CA LEU A 96 1.49 4.70 8.61
C LEU A 96 1.07 6.17 8.55
N GLY A 97 0.37 6.51 7.48
CA GLY A 97 -0.09 7.88 7.29
C GLY A 97 0.63 8.54 6.11
N ASP A 98 1.80 8.01 5.79
CA ASP A 98 2.59 8.54 4.69
C ASP A 98 1.80 8.38 3.39
N VAL A 99 2.16 9.22 2.42
CA VAL A 99 1.49 9.20 1.13
C VAL A 99 2.42 8.54 0.10
N LEU A 100 1.81 8.12 -1.01
CA LEU A 100 2.56 7.48 -2.07
C LEU A 100 1.96 7.88 -3.42
N TYR A 101 2.42 9.02 -3.92
CA TYR A 101 1.94 9.51 -5.20
C TYR A 101 2.27 8.55 -6.33
N LEU A 102 1.28 7.76 -6.71
CA LEU A 102 1.46 6.79 -7.78
C LEU A 102 2.35 7.38 -8.86
N VAL A 103 1.88 8.50 -9.42
CA VAL A 103 2.63 9.18 -10.47
C VAL A 103 2.16 10.64 -10.55
N ASN A 104 2.86 11.41 -11.36
CA ASN A 104 2.54 12.81 -11.55
C ASN A 104 2.14 13.41 -10.20
N GLY A 105 2.95 13.10 -9.19
CA GLY A 105 2.70 13.60 -7.85
C GLY A 105 1.20 13.65 -7.55
N LEU A 106 0.48 12.73 -8.17
CA LEU A 106 -0.96 12.66 -7.98
C LEU A 106 -1.33 11.27 -7.46
N TYR A 107 -2.63 11.02 -7.41
CA TYR A 107 -3.13 9.74 -6.93
C TYR A 107 -2.35 9.27 -5.70
N PRO A 108 -2.40 10.10 -4.64
CA PRO A 108 -1.70 9.79 -3.39
C PRO A 108 -2.44 8.69 -2.62
N LEU A 109 -1.66 7.73 -2.15
CA LEU A 109 -2.22 6.61 -1.40
C LEU A 109 -1.78 6.72 0.06
N THR A 110 -2.76 6.97 0.93
CA THR A 110 -2.48 7.11 2.35
C THR A 110 -2.48 5.73 3.02
N LEU A 111 -1.35 5.40 3.62
CA LEU A 111 -1.20 4.12 4.30
C LEU A 111 -1.94 4.18 5.64
N ARG A 112 -2.85 3.23 5.81
CA ARG A 112 -3.63 3.15 7.04
C ARG A 112 -3.45 1.79 7.70
N TRP A 113 -3.80 1.73 8.98
CA TRP A 113 -3.68 0.50 9.74
C TRP A 113 -4.99 0.28 10.49
N SER A 114 -5.54 -0.91 10.33
CA SER A 114 -6.78 -1.27 10.98
C SER A 114 -6.54 -1.53 12.48
N GLY A 115 -7.41 -0.97 13.30
CA GLY A 115 -7.30 -1.13 14.74
C GLY A 115 -8.18 -0.13 15.47
N PRO A 116 -8.39 -0.41 16.79
CA PRO A 116 -9.21 0.46 17.62
C PRO A 116 -8.46 1.75 17.97
N SER A 117 -9.22 2.83 18.09
CA SER A 117 -8.65 4.12 18.42
C SER A 117 -9.77 5.14 18.65
N SER A 118 -9.81 5.66 19.86
CA SER A 118 -10.82 6.65 20.23
C SER A 118 -10.35 7.45 21.45
N GLY A 119 -10.09 6.73 22.52
CA GLY A 119 -9.64 7.36 23.76
C GLY A 119 -8.12 7.24 23.90
N GLY A 1 -22.18 -31.34 9.81
CA GLY A 1 -21.99 -30.73 11.11
C GLY A 1 -20.51 -30.49 11.40
N SER A 2 -20.01 -31.19 12.40
CA SER A 2 -18.60 -31.06 12.78
C SER A 2 -18.32 -29.64 13.24
N SER A 3 -17.19 -29.47 13.91
CA SER A 3 -16.79 -28.17 14.39
C SER A 3 -15.26 -28.01 14.28
N GLY A 4 -14.56 -28.90 14.97
CA GLY A 4 -13.11 -28.87 14.97
C GLY A 4 -12.56 -27.83 15.94
N SER A 5 -11.28 -27.94 16.23
CA SER A 5 -10.64 -27.02 17.15
C SER A 5 -11.02 -25.58 16.81
N SER A 6 -10.85 -24.70 17.78
CA SER A 6 -11.17 -23.30 17.60
C SER A 6 -9.88 -22.47 17.61
N GLY A 7 -9.16 -22.56 18.72
CA GLY A 7 -7.93 -21.82 18.87
C GLY A 7 -7.69 -21.45 20.34
N MET A 8 -6.70 -20.59 20.53
CA MET A 8 -6.36 -20.14 21.88
C MET A 8 -6.23 -18.61 21.93
N SER A 9 -5.37 -18.10 21.07
CA SER A 9 -5.14 -16.67 21.01
C SER A 9 -5.95 -16.06 19.86
N GLN A 10 -7.06 -15.45 20.22
CA GLN A 10 -7.92 -14.82 19.23
C GLN A 10 -8.77 -13.72 19.88
N LEU A 11 -8.22 -12.52 19.88
CA LEU A 11 -8.91 -11.39 20.45
C LEU A 11 -10.10 -11.01 19.58
N GLY A 12 -9.80 -10.66 18.34
CA GLY A 12 -10.82 -10.28 17.39
C GLY A 12 -10.21 -9.65 16.13
N SER A 13 -9.48 -10.48 15.40
CA SER A 13 -8.84 -10.03 14.18
C SER A 13 -7.77 -8.98 14.50
N ARG A 14 -6.59 -9.18 13.91
CA ARG A 14 -5.49 -8.27 14.13
C ARG A 14 -5.55 -7.10 13.14
N GLY A 15 -4.62 -6.16 13.32
CA GLY A 15 -4.57 -5.00 12.46
C GLY A 15 -4.40 -5.41 11.00
N ARG A 16 -4.77 -4.49 10.11
CA ARG A 16 -4.66 -4.73 8.69
C ARG A 16 -4.28 -3.44 7.95
N LEU A 17 -3.27 -3.58 7.09
CA LEU A 17 -2.80 -2.44 6.32
C LEU A 17 -3.68 -2.26 5.07
N TRP A 18 -3.91 -1.00 4.72
CA TRP A 18 -4.72 -0.70 3.55
C TRP A 18 -4.53 0.79 3.22
N LEU A 19 -4.76 1.11 1.96
CA LEU A 19 -4.62 2.48 1.50
C LEU A 19 -5.97 3.20 1.61
N GLN A 20 -5.89 4.50 1.86
CA GLN A 20 -7.09 5.31 1.98
C GLN A 20 -7.11 6.38 0.90
N SER A 21 -7.87 6.12 -0.16
CA SER A 21 -7.98 7.06 -1.26
C SER A 21 -8.86 8.24 -0.85
N PRO A 22 -8.48 9.44 -1.35
CA PRO A 22 -9.21 10.65 -1.04
C PRO A 22 -10.52 10.72 -1.82
N THR A 23 -11.34 11.69 -1.47
CA THR A 23 -12.63 11.87 -2.14
C THR A 23 -13.34 10.52 -2.28
N GLY A 24 -13.19 9.69 -1.26
CA GLY A 24 -13.80 8.37 -1.26
C GLY A 24 -13.14 7.47 -2.30
N GLY A 25 -13.07 7.96 -3.52
CA GLY A 25 -12.46 7.20 -4.60
C GLY A 25 -12.80 5.72 -4.48
N PRO A 26 -11.78 4.87 -4.78
CA PRO A 26 -11.95 3.43 -4.72
C PRO A 26 -11.96 2.95 -3.26
N PRO A 27 -12.25 1.64 -3.09
CA PRO A 27 -12.29 1.04 -1.76
C PRO A 27 -10.89 0.84 -1.20
N PRO A 28 -10.83 0.56 0.12
CA PRO A 28 -9.56 0.35 0.80
C PRO A 28 -8.98 -1.02 0.45
N ILE A 29 -7.90 -1.00 -0.30
CA ILE A 29 -7.24 -2.23 -0.71
C ILE A 29 -6.40 -2.77 0.45
N PHE A 30 -6.76 -3.96 0.90
CA PHE A 30 -6.05 -4.59 2.01
C PHE A 30 -4.81 -5.32 1.50
N LEU A 31 -3.66 -4.73 1.77
CA LEU A 31 -2.40 -5.30 1.35
C LEU A 31 -2.23 -6.68 2.02
N PRO A 32 -1.37 -7.52 1.39
CA PRO A 32 -1.12 -8.86 1.90
C PRO A 32 -0.20 -8.80 3.13
N SER A 33 -0.59 -9.55 4.15
CA SER A 33 0.19 -9.59 5.38
C SER A 33 1.32 -10.62 5.25
N ASP A 34 1.06 -11.64 4.45
CA ASP A 34 2.04 -12.70 4.24
C ASP A 34 3.39 -12.06 3.89
N GLY A 35 3.32 -10.93 3.21
CA GLY A 35 4.52 -10.22 2.80
C GLY A 35 4.52 -9.96 1.30
N GLN A 36 3.56 -10.57 0.62
CA GLN A 36 3.44 -10.41 -0.82
C GLN A 36 3.59 -8.94 -1.22
N ALA A 37 3.68 -8.72 -2.52
CA ALA A 37 3.82 -7.37 -3.03
C ALA A 37 2.63 -7.05 -3.94
N LEU A 38 1.90 -6.01 -3.56
CA LEU A 38 0.75 -5.58 -4.33
C LEU A 38 1.18 -4.56 -5.38
N VAL A 39 1.31 -5.03 -6.61
CA VAL A 39 1.70 -4.18 -7.71
C VAL A 39 0.56 -3.21 -8.05
N LEU A 40 0.82 -1.93 -7.83
CA LEU A 40 -0.17 -0.90 -8.10
C LEU A 40 0.03 -0.36 -9.52
N GLY A 41 -0.89 0.49 -9.92
CA GLY A 41 -0.82 1.08 -11.25
C GLY A 41 -2.21 1.12 -11.90
N ARG A 42 -2.20 1.29 -13.21
CA ARG A 42 -3.45 1.35 -13.97
C ARG A 42 -4.35 0.18 -13.59
N GLY A 43 -5.65 0.44 -13.63
CA GLY A 43 -6.64 -0.58 -13.29
C GLY A 43 -7.65 -0.04 -12.29
N PRO A 44 -8.63 -0.93 -11.93
CA PRO A 44 -9.65 -0.55 -10.98
C PRO A 44 -9.12 -0.53 -9.56
N LEU A 45 -7.84 -0.87 -9.44
CA LEU A 45 -7.19 -0.88 -8.14
C LEU A 45 -7.23 0.52 -7.54
N THR A 46 -6.61 1.46 -8.23
CA THR A 46 -6.58 2.84 -7.78
C THR A 46 -7.41 3.73 -8.71
N GLN A 47 -8.05 3.08 -9.67
CA GLN A 47 -8.88 3.80 -10.63
C GLN A 47 -8.01 4.71 -11.49
N VAL A 48 -6.75 4.33 -11.63
CA VAL A 48 -5.81 5.11 -12.42
C VAL A 48 -5.93 4.68 -13.89
N THR A 49 -6.05 5.68 -14.75
CA THR A 49 -6.16 5.42 -16.17
C THR A 49 -4.96 6.02 -16.92
N ASP A 50 -4.44 7.10 -16.37
CA ASP A 50 -3.31 7.78 -16.97
C ASP A 50 -2.33 6.75 -17.51
N ARG A 51 -2.03 6.87 -18.79
CA ARG A 51 -1.10 5.94 -19.43
C ARG A 51 0.26 6.00 -18.75
N LYS A 52 0.57 7.16 -18.19
CA LYS A 52 1.84 7.35 -17.51
C LYS A 52 1.94 6.35 -16.36
N CYS A 53 0.80 5.79 -16.00
CA CYS A 53 0.75 4.82 -14.92
C CYS A 53 0.96 3.42 -15.51
N SER A 54 1.99 2.75 -15.02
CA SER A 54 2.31 1.42 -15.49
C SER A 54 1.73 0.37 -14.53
N ARG A 55 1.15 -0.66 -15.12
CA ARG A 55 0.56 -1.73 -14.33
C ARG A 55 1.43 -2.04 -13.11
N ASN A 56 2.73 -1.86 -13.29
CA ASN A 56 3.68 -2.11 -12.21
C ASN A 56 4.50 -0.85 -11.96
N GLN A 57 3.80 0.25 -11.72
CA GLN A 57 4.44 1.52 -11.47
C GLN A 57 5.24 1.46 -10.16
N VAL A 58 4.70 0.72 -9.21
CA VAL A 58 5.34 0.56 -7.92
C VAL A 58 4.89 -0.75 -7.28
N GLU A 59 5.71 -1.23 -6.36
CA GLU A 59 5.41 -2.48 -5.66
C GLU A 59 5.21 -2.21 -4.17
N LEU A 60 3.95 -2.22 -3.75
CA LEU A 60 3.61 -1.98 -2.36
C LEU A 60 3.66 -3.32 -1.59
N ILE A 61 4.21 -3.25 -0.40
CA ILE A 61 4.32 -4.43 0.45
C ILE A 61 3.92 -4.07 1.88
N ALA A 62 2.88 -4.75 2.35
CA ALA A 62 2.40 -4.51 3.70
C ALA A 62 3.36 -5.14 4.71
N ASP A 63 3.83 -4.32 5.63
CA ASP A 63 4.75 -4.79 6.65
C ASP A 63 4.14 -4.56 8.04
N PRO A 64 3.35 -5.57 8.50
CA PRO A 64 2.71 -5.48 9.80
C PRO A 64 3.72 -5.70 10.92
N GLU A 65 4.97 -5.90 10.53
CA GLU A 65 6.03 -6.13 11.50
C GLU A 65 6.26 -4.87 12.34
N SER A 66 6.32 -3.74 11.65
CA SER A 66 6.53 -2.47 12.32
C SER A 66 5.62 -1.40 11.71
N ARG A 67 4.48 -1.85 11.21
CA ARG A 67 3.53 -0.94 10.60
C ARG A 67 4.21 -0.10 9.52
N THR A 68 4.92 -0.79 8.64
CA THR A 68 5.63 -0.12 7.55
C THR A 68 5.20 -0.71 6.21
N VAL A 69 5.74 -0.13 5.15
CA VAL A 69 5.45 -0.58 3.81
C VAL A 69 6.64 -0.31 2.90
N ALA A 70 6.89 -1.24 2.00
CA ALA A 70 8.00 -1.12 1.06
C ALA A 70 7.45 -0.75 -0.32
N VAL A 71 8.15 0.17 -0.97
CA VAL A 71 7.75 0.62 -2.28
C VAL A 71 8.97 0.60 -3.22
N LYS A 72 8.79 -0.05 -4.36
CA LYS A 72 9.87 -0.15 -5.33
C LYS A 72 9.33 0.27 -6.70
N GLN A 73 9.99 1.27 -7.28
CA GLN A 73 9.60 1.77 -8.59
C GLN A 73 9.99 0.77 -9.68
N LEU A 74 8.97 0.31 -10.39
CA LEU A 74 9.19 -0.65 -11.46
C LEU A 74 8.68 -0.06 -12.78
N GLY A 75 8.34 1.22 -12.73
CA GLY A 75 7.84 1.91 -13.90
C GLY A 75 8.91 2.82 -14.51
N VAL A 76 8.45 3.89 -15.14
CA VAL A 76 9.35 4.84 -15.76
C VAL A 76 9.31 6.17 -15.00
N ASN A 77 8.08 6.65 -14.81
CA ASN A 77 7.88 7.90 -14.11
C ASN A 77 8.32 7.74 -12.65
N PRO A 78 8.96 8.82 -12.12
CA PRO A 78 9.43 8.81 -10.75
C PRO A 78 8.28 8.97 -9.76
N SER A 79 8.27 8.12 -8.75
CA SER A 79 7.23 8.15 -7.73
C SER A 79 7.72 8.94 -6.51
N THR A 80 6.76 9.40 -5.73
CA THR A 80 7.08 10.16 -4.53
C THR A 80 6.50 9.47 -3.30
N VAL A 81 7.40 8.93 -2.49
CA VAL A 81 7.00 8.23 -1.28
C VAL A 81 7.02 9.22 -0.11
N GLY A 82 5.96 10.00 -0.01
CA GLY A 82 5.84 10.98 1.05
C GLY A 82 6.22 12.39 0.55
N VAL A 83 7.47 12.76 0.80
CA VAL A 83 7.96 14.06 0.37
C VAL A 83 9.31 13.89 -0.30
N GLN A 84 9.59 12.66 -0.72
CA GLN A 84 10.85 12.36 -1.38
C GLN A 84 10.59 11.72 -2.75
N GLU A 85 11.40 12.12 -3.71
CA GLU A 85 11.28 11.60 -5.07
C GLU A 85 12.03 10.27 -5.20
N LEU A 86 11.44 9.36 -5.96
CA LEU A 86 12.04 8.06 -6.17
C LEU A 86 12.69 8.02 -7.56
N LYS A 87 13.21 6.85 -7.89
CA LYS A 87 13.87 6.66 -9.18
C LYS A 87 13.52 5.28 -9.72
N PRO A 88 13.92 5.04 -11.01
CA PRO A 88 13.67 3.77 -11.65
C PRO A 88 14.60 2.68 -11.12
N GLY A 89 14.02 1.75 -10.38
CA GLY A 89 14.78 0.66 -9.80
C GLY A 89 15.12 0.93 -8.34
N LEU A 90 14.61 2.07 -7.85
CA LEU A 90 14.85 2.45 -6.47
C LEU A 90 13.78 1.82 -5.58
N SER A 91 14.03 1.88 -4.28
CA SER A 91 13.10 1.33 -3.31
C SER A 91 13.08 2.19 -2.05
N GLY A 92 11.88 2.39 -1.53
CA GLY A 92 11.71 3.20 -0.33
C GLY A 92 10.74 2.52 0.64
N SER A 93 10.36 3.28 1.66
CA SER A 93 9.44 2.76 2.67
C SER A 93 8.35 3.80 2.96
N LEU A 94 7.21 3.29 3.41
CA LEU A 94 6.09 4.16 3.72
C LEU A 94 5.63 3.88 5.16
N SER A 95 5.46 4.96 5.92
CA SER A 95 5.03 4.84 7.30
C SER A 95 3.52 5.04 7.39
N LEU A 96 2.97 4.66 8.53
CA LEU A 96 1.54 4.80 8.76
C LEU A 96 1.15 6.27 8.67
N GLY A 97 0.51 6.62 7.56
CA GLY A 97 0.09 7.99 7.34
C GLY A 97 0.80 8.60 6.14
N ASP A 98 1.98 8.06 5.85
CA ASP A 98 2.77 8.55 4.72
C ASP A 98 1.96 8.39 3.44
N VAL A 99 2.26 9.25 2.48
CA VAL A 99 1.58 9.22 1.20
C VAL A 99 2.47 8.54 0.16
N LEU A 100 1.85 8.13 -0.93
CA LEU A 100 2.57 7.46 -2.00
C LEU A 100 1.97 7.87 -3.36
N TYR A 101 2.44 9.00 -3.86
CA TYR A 101 1.96 9.51 -5.13
C TYR A 101 2.25 8.52 -6.26
N LEU A 102 1.22 7.76 -6.62
CA LEU A 102 1.36 6.79 -7.69
C LEU A 102 2.26 7.35 -8.79
N VAL A 103 1.83 8.48 -9.34
CA VAL A 103 2.59 9.12 -10.39
C VAL A 103 2.12 10.58 -10.52
N ASN A 104 2.82 11.32 -11.37
CA ASN A 104 2.49 12.71 -11.61
C ASN A 104 2.19 13.39 -10.26
N GLY A 105 2.93 12.97 -9.25
CA GLY A 105 2.75 13.52 -7.92
C GLY A 105 1.27 13.58 -7.54
N LEU A 106 0.50 12.73 -8.20
CA LEU A 106 -0.94 12.68 -7.94
C LEU A 106 -1.31 11.28 -7.46
N TYR A 107 -2.61 11.05 -7.36
CA TYR A 107 -3.12 9.76 -6.91
C TYR A 107 -2.32 9.25 -5.71
N PRO A 108 -2.34 10.06 -4.61
CA PRO A 108 -1.63 9.71 -3.40
C PRO A 108 -2.36 8.61 -2.64
N LEU A 109 -1.59 7.61 -2.21
CA LEU A 109 -2.16 6.49 -1.47
C LEU A 109 -1.67 6.55 -0.02
N THR A 110 -2.57 6.98 0.86
CA THR A 110 -2.25 7.09 2.26
C THR A 110 -2.28 5.71 2.93
N LEU A 111 -1.22 5.40 3.65
CA LEU A 111 -1.11 4.12 4.33
C LEU A 111 -1.88 4.20 5.65
N ARG A 112 -2.71 3.19 5.87
CA ARG A 112 -3.51 3.13 7.08
C ARG A 112 -3.35 1.75 7.75
N TRP A 113 -3.79 1.69 8.99
CA TRP A 113 -3.72 0.44 9.74
C TRP A 113 -4.98 0.32 10.59
N SER A 114 -5.64 -0.82 10.44
CA SER A 114 -6.86 -1.07 11.19
C SER A 114 -6.54 -1.39 12.65
N GLY A 115 -7.47 -1.03 13.52
CA GLY A 115 -7.29 -1.28 14.95
C GLY A 115 -8.63 -1.22 15.68
N PRO A 116 -8.62 -1.72 16.94
CA PRO A 116 -9.82 -1.73 17.76
C PRO A 116 -10.13 -0.33 18.29
N SER A 117 -10.27 0.61 17.36
CA SER A 117 -10.57 1.98 17.73
C SER A 117 -9.72 2.40 18.93
N SER A 118 -8.53 2.90 18.63
CA SER A 118 -7.62 3.34 19.67
C SER A 118 -6.43 4.07 19.06
N GLY A 119 -6.13 5.23 19.62
CA GLY A 119 -5.01 6.04 19.14
C GLY A 119 -3.81 5.15 18.78
N GLY A 1 -23.05 -18.24 26.15
CA GLY A 1 -22.23 -17.80 27.27
C GLY A 1 -21.80 -18.98 28.13
N SER A 2 -20.49 -19.15 28.23
CA SER A 2 -19.94 -20.24 29.02
C SER A 2 -18.47 -19.94 29.37
N SER A 3 -17.68 -19.76 28.33
CA SER A 3 -16.26 -19.47 28.51
C SER A 3 -15.58 -20.62 29.24
N GLY A 4 -14.79 -21.38 28.49
CA GLY A 4 -14.09 -22.52 29.05
C GLY A 4 -12.76 -22.74 28.32
N SER A 5 -12.57 -23.97 27.86
CA SER A 5 -11.36 -24.33 27.16
C SER A 5 -11.68 -24.77 25.73
N SER A 6 -11.16 -24.02 24.78
CA SER A 6 -11.40 -24.32 23.38
C SER A 6 -10.63 -23.33 22.50
N GLY A 7 -10.59 -23.64 21.21
CA GLY A 7 -9.89 -22.80 20.25
C GLY A 7 -10.40 -21.36 20.32
N MET A 8 -11.40 -21.07 19.49
CA MET A 8 -11.99 -19.75 19.46
C MET A 8 -10.94 -18.69 19.08
N SER A 9 -11.43 -17.59 18.55
CA SER A 9 -10.55 -16.50 18.14
C SER A 9 -9.64 -16.96 17.00
N GLN A 10 -9.09 -15.98 16.30
CA GLN A 10 -8.21 -16.25 15.18
C GLN A 10 -6.89 -15.51 15.34
N LEU A 11 -5.88 -16.25 15.80
CA LEU A 11 -4.56 -15.67 16.02
C LEU A 11 -4.00 -15.21 14.67
N GLY A 12 -3.62 -13.93 14.63
CA GLY A 12 -3.07 -13.35 13.42
C GLY A 12 -2.22 -12.12 13.74
N SER A 13 -2.71 -10.98 13.28
CA SER A 13 -2.01 -9.72 13.51
C SER A 13 -2.88 -8.78 14.34
N ARG A 14 -2.28 -7.68 14.76
CA ARG A 14 -2.99 -6.70 15.57
C ARG A 14 -3.73 -5.71 14.66
N GLY A 15 -3.55 -5.89 13.36
CA GLY A 15 -4.19 -5.03 12.38
C GLY A 15 -3.75 -5.39 10.96
N ARG A 16 -4.35 -4.69 10.00
CA ARG A 16 -4.02 -4.93 8.60
C ARG A 16 -3.69 -3.61 7.91
N LEU A 17 -2.65 -3.66 7.09
CA LEU A 17 -2.23 -2.48 6.35
C LEU A 17 -3.06 -2.33 5.08
N TRP A 18 -3.35 -1.09 4.73
CA TRP A 18 -4.14 -0.80 3.55
C TRP A 18 -3.94 0.68 3.20
N LEU A 19 -4.32 1.02 1.98
CA LEU A 19 -4.19 2.38 1.50
C LEU A 19 -5.58 3.04 1.50
N GLN A 20 -5.59 4.33 1.78
CA GLN A 20 -6.82 5.09 1.80
C GLN A 20 -6.87 6.08 0.64
N SER A 21 -7.47 5.65 -0.45
CA SER A 21 -7.57 6.49 -1.63
C SER A 21 -8.51 7.66 -1.35
N PRO A 22 -8.14 8.84 -1.94
CA PRO A 22 -8.94 10.04 -1.75
C PRO A 22 -10.23 9.98 -2.59
N THR A 23 -11.15 10.86 -2.25
CA THR A 23 -12.42 10.92 -2.95
C THR A 23 -13.15 9.58 -2.87
N GLY A 24 -12.68 8.75 -1.94
CA GLY A 24 -13.27 7.44 -1.74
C GLY A 24 -12.99 6.52 -2.93
N GLY A 25 -13.35 7.00 -4.11
CA GLY A 25 -13.13 6.24 -5.33
C GLY A 25 -13.33 4.74 -5.07
N PRO A 26 -12.23 3.97 -5.32
CA PRO A 26 -12.27 2.52 -5.12
C PRO A 26 -12.24 2.18 -3.63
N PRO A 27 -12.43 0.86 -3.35
CA PRO A 27 -12.42 0.38 -1.98
C PRO A 27 -10.99 0.33 -1.43
N PRO A 28 -10.91 0.04 -0.10
CA PRO A 28 -9.61 -0.04 0.56
C PRO A 28 -8.89 -1.34 0.19
N ILE A 29 -7.74 -1.18 -0.43
CA ILE A 29 -6.94 -2.33 -0.84
C ILE A 29 -6.17 -2.87 0.37
N PHE A 30 -6.54 -4.07 0.79
CA PHE A 30 -5.89 -4.69 1.92
C PHE A 30 -4.65 -5.47 1.48
N LEU A 31 -3.49 -4.94 1.84
CA LEU A 31 -2.23 -5.57 1.49
C LEU A 31 -2.15 -6.95 2.15
N PRO A 32 -1.35 -7.85 1.51
CA PRO A 32 -1.19 -9.20 2.03
C PRO A 32 -0.28 -9.20 3.25
N SER A 33 -0.32 -10.31 3.99
CA SER A 33 0.49 -10.45 5.18
C SER A 33 1.64 -11.44 4.91
N ASP A 34 1.33 -12.45 4.10
CA ASP A 34 2.32 -13.46 3.76
C ASP A 34 3.65 -12.77 3.45
N GLY A 35 3.55 -11.53 2.98
CA GLY A 35 4.73 -10.76 2.64
C GLY A 35 4.79 -10.48 1.14
N GLN A 36 3.72 -10.88 0.45
CA GLN A 36 3.63 -10.68 -0.98
C GLN A 36 3.73 -9.19 -1.31
N ALA A 37 3.88 -8.92 -2.61
CA ALA A 37 4.00 -7.54 -3.06
C ALA A 37 2.79 -7.20 -3.94
N LEU A 38 2.02 -6.23 -3.48
CA LEU A 38 0.84 -5.79 -4.21
C LEU A 38 1.21 -4.66 -5.16
N VAL A 39 1.26 -5.00 -6.44
CA VAL A 39 1.60 -4.02 -7.47
C VAL A 39 0.42 -3.07 -7.67
N LEU A 40 0.74 -1.79 -7.74
CA LEU A 40 -0.28 -0.77 -7.93
C LEU A 40 -0.02 -0.04 -9.25
N GLY A 41 -1.05 0.66 -9.71
CA GLY A 41 -0.95 1.39 -10.96
C GLY A 41 -2.33 1.59 -11.59
N ARG A 42 -2.35 1.60 -12.92
CA ARG A 42 -3.59 1.79 -13.65
C ARG A 42 -4.52 0.60 -13.41
N GLY A 43 -5.80 0.91 -13.30
CA GLY A 43 -6.81 -0.12 -13.07
C GLY A 43 -7.87 0.36 -12.08
N PRO A 44 -8.77 -0.58 -11.71
CA PRO A 44 -9.85 -0.26 -10.78
C PRO A 44 -9.31 -0.16 -9.35
N LEU A 45 -8.06 -0.52 -9.19
CA LEU A 45 -7.42 -0.47 -7.89
C LEU A 45 -7.56 0.94 -7.31
N THR A 46 -6.97 1.89 -8.02
CA THR A 46 -7.02 3.28 -7.60
C THR A 46 -7.88 4.10 -8.56
N GLN A 47 -8.51 3.40 -9.49
CA GLN A 47 -9.36 4.05 -10.47
C GLN A 47 -8.53 4.96 -11.37
N VAL A 48 -7.22 4.75 -11.32
CA VAL A 48 -6.30 5.53 -12.13
C VAL A 48 -6.36 5.05 -13.58
N THR A 49 -6.44 6.01 -14.49
CA THR A 49 -6.51 5.70 -15.91
C THR A 49 -5.45 6.49 -16.68
N ASP A 50 -4.57 7.13 -15.93
CA ASP A 50 -3.51 7.91 -16.53
C ASP A 50 -2.51 6.99 -17.22
N ARG A 51 -2.24 7.31 -18.48
CA ARG A 51 -1.31 6.51 -19.26
C ARG A 51 0.06 6.46 -18.57
N LYS A 52 0.49 7.61 -18.10
CA LYS A 52 1.77 7.72 -17.43
C LYS A 52 1.87 6.63 -16.35
N CYS A 53 0.71 6.22 -15.87
CA CYS A 53 0.64 5.18 -14.84
C CYS A 53 0.88 3.83 -15.52
N SER A 54 1.59 2.98 -14.81
CA SER A 54 1.89 1.65 -15.32
C SER A 54 1.33 0.58 -14.39
N ARG A 55 0.67 -0.39 -14.98
CA ARG A 55 0.07 -1.48 -14.22
C ARG A 55 0.98 -1.86 -13.05
N ASN A 56 2.28 -1.73 -13.28
CA ASN A 56 3.26 -2.06 -12.27
C ASN A 56 4.19 -0.86 -12.06
N GLN A 57 3.59 0.23 -11.62
CA GLN A 57 4.35 1.46 -11.38
C GLN A 57 5.24 1.28 -10.15
N VAL A 58 4.64 0.82 -9.08
CA VAL A 58 5.37 0.60 -7.83
C VAL A 58 4.87 -0.69 -7.17
N GLU A 59 5.75 -1.28 -6.37
CA GLU A 59 5.41 -2.52 -5.69
C GLU A 59 5.22 -2.25 -4.19
N LEU A 60 3.99 -2.44 -3.74
CA LEU A 60 3.66 -2.21 -2.34
C LEU A 60 3.73 -3.55 -1.60
N ILE A 61 4.27 -3.49 -0.39
CA ILE A 61 4.39 -4.68 0.44
C ILE A 61 4.04 -4.34 1.89
N ALA A 62 3.03 -5.04 2.40
CA ALA A 62 2.58 -4.81 3.76
C ALA A 62 3.60 -5.42 4.74
N ASP A 63 4.01 -4.60 5.69
CA ASP A 63 4.98 -5.06 6.69
C ASP A 63 4.39 -4.84 8.08
N PRO A 64 3.65 -5.88 8.56
CA PRO A 64 3.03 -5.83 9.86
C PRO A 64 4.07 -6.03 10.97
N GLU A 65 5.31 -6.20 10.55
CA GLU A 65 6.40 -6.40 11.48
C GLU A 65 6.65 -5.14 12.29
N SER A 66 6.55 -4.01 11.61
CA SER A 66 6.77 -2.71 12.25
C SER A 66 5.80 -1.68 11.67
N ARG A 67 4.63 -2.17 11.27
CA ARG A 67 3.61 -1.29 10.70
C ARG A 67 4.23 -0.39 9.64
N THR A 68 4.80 -1.02 8.62
CA THR A 68 5.43 -0.28 7.53
C THR A 68 5.03 -0.88 6.19
N VAL A 69 5.50 -0.24 5.13
CA VAL A 69 5.20 -0.70 3.78
C VAL A 69 6.37 -0.33 2.85
N ALA A 70 6.86 -1.34 2.15
CA ALA A 70 7.96 -1.14 1.22
C ALA A 70 7.42 -0.75 -0.16
N VAL A 71 8.12 0.15 -0.81
CA VAL A 71 7.72 0.61 -2.13
C VAL A 71 8.91 0.49 -3.09
N LYS A 72 8.64 -0.14 -4.23
CA LYS A 72 9.66 -0.33 -5.24
C LYS A 72 9.12 0.09 -6.61
N GLN A 73 9.79 1.05 -7.21
CA GLN A 73 9.38 1.55 -8.52
C GLN A 73 9.84 0.58 -9.61
N LEU A 74 8.86 0.07 -10.35
CA LEU A 74 9.13 -0.87 -11.42
C LEU A 74 8.61 -0.28 -12.74
N GLY A 75 8.04 0.91 -12.65
CA GLY A 75 7.49 1.58 -13.82
C GLY A 75 8.59 2.36 -14.54
N VAL A 76 8.30 3.63 -14.80
CA VAL A 76 9.24 4.49 -15.49
C VAL A 76 9.27 5.86 -14.80
N ASN A 77 8.09 6.42 -14.62
CA ASN A 77 7.98 7.72 -13.99
C ASN A 77 8.39 7.60 -12.52
N PRO A 78 9.08 8.67 -12.03
CA PRO A 78 9.54 8.69 -10.65
C PRO A 78 8.38 8.95 -9.69
N SER A 79 8.22 8.05 -8.73
CA SER A 79 7.15 8.17 -7.75
C SER A 79 7.67 8.89 -6.50
N THR A 80 6.74 9.45 -5.74
CA THR A 80 7.09 10.16 -4.52
C THR A 80 6.48 9.46 -3.31
N VAL A 81 7.36 8.98 -2.44
CA VAL A 81 6.92 8.30 -1.24
C VAL A 81 6.95 9.27 -0.05
N GLY A 82 5.85 10.00 0.09
CA GLY A 82 5.73 10.97 1.15
C GLY A 82 6.14 12.37 0.68
N VAL A 83 7.40 12.69 0.91
CA VAL A 83 7.93 13.99 0.52
C VAL A 83 9.28 13.79 -0.18
N GLN A 84 9.53 12.55 -0.60
CA GLN A 84 10.76 12.22 -1.27
C GLN A 84 10.47 11.56 -2.63
N GLU A 85 11.28 11.93 -3.61
CA GLU A 85 11.12 11.38 -4.95
C GLU A 85 11.89 10.06 -5.08
N LEU A 86 11.34 9.17 -5.90
CA LEU A 86 11.95 7.88 -6.12
C LEU A 86 12.55 7.84 -7.53
N LYS A 87 13.00 6.65 -7.90
CA LYS A 87 13.61 6.46 -9.22
C LYS A 87 13.24 5.07 -9.74
N PRO A 88 13.60 4.84 -11.03
CA PRO A 88 13.31 3.57 -11.67
C PRO A 88 14.27 2.47 -11.16
N GLY A 89 13.70 1.52 -10.44
CA GLY A 89 14.49 0.42 -9.90
C GLY A 89 14.86 0.69 -8.44
N LEU A 90 14.41 1.83 -7.94
CA LEU A 90 14.68 2.20 -6.55
C LEU A 90 13.67 1.52 -5.64
N SER A 91 13.79 1.83 -4.35
CA SER A 91 12.91 1.25 -3.36
C SER A 91 12.90 2.12 -2.09
N GLY A 92 11.71 2.38 -1.60
CA GLY A 92 11.55 3.19 -0.41
C GLY A 92 10.61 2.52 0.60
N SER A 93 10.24 3.28 1.62
CA SER A 93 9.35 2.77 2.65
C SER A 93 8.23 3.77 2.92
N LEU A 94 7.10 3.24 3.35
CA LEU A 94 5.94 4.08 3.66
C LEU A 94 5.45 3.77 5.08
N SER A 95 5.28 4.83 5.85
CA SER A 95 4.83 4.68 7.22
C SER A 95 3.33 5.01 7.30
N LEU A 96 2.74 4.65 8.43
CA LEU A 96 1.33 4.89 8.65
C LEU A 96 1.04 6.40 8.56
N GLY A 97 0.47 6.80 7.43
CA GLY A 97 0.16 8.20 7.22
C GLY A 97 0.88 8.73 5.98
N ASP A 98 2.08 8.21 5.76
CA ASP A 98 2.88 8.63 4.62
C ASP A 98 2.03 8.55 3.35
N VAL A 99 2.42 9.35 2.37
CA VAL A 99 1.71 9.38 1.10
C VAL A 99 2.52 8.62 0.05
N LEU A 100 1.84 8.24 -1.03
CA LEU A 100 2.48 7.52 -2.11
C LEU A 100 1.90 7.99 -3.44
N TYR A 101 2.53 9.03 -3.98
CA TYR A 101 2.08 9.58 -5.26
C TYR A 101 2.28 8.57 -6.39
N LEU A 102 1.17 7.92 -6.74
CA LEU A 102 1.20 6.94 -7.81
C LEU A 102 2.20 7.38 -8.89
N VAL A 103 1.94 8.55 -9.44
CA VAL A 103 2.80 9.10 -10.47
C VAL A 103 2.47 10.59 -10.66
N ASN A 104 3.31 11.24 -11.47
CA ASN A 104 3.12 12.66 -11.75
C ASN A 104 2.72 13.37 -10.45
N GLY A 105 3.44 13.05 -9.40
CA GLY A 105 3.18 13.66 -8.09
C GLY A 105 1.67 13.85 -7.88
N LEU A 106 0.90 12.97 -8.50
CA LEU A 106 -0.55 13.04 -8.38
C LEU A 106 -1.07 11.70 -7.86
N TYR A 107 -2.39 11.56 -7.89
CA TYR A 107 -3.03 10.35 -7.44
C TYR A 107 -2.33 9.79 -6.19
N PRO A 108 -2.27 10.64 -5.13
CA PRO A 108 -1.64 10.25 -3.89
C PRO A 108 -2.52 9.28 -3.10
N LEU A 109 -1.95 8.76 -2.03
CA LEU A 109 -2.67 7.81 -1.19
C LEU A 109 -2.25 8.00 0.27
N THR A 110 -2.96 7.33 1.16
CA THR A 110 -2.67 7.42 2.58
C THR A 110 -2.60 6.02 3.19
N LEU A 111 -1.41 5.69 3.67
CA LEU A 111 -1.18 4.39 4.29
C LEU A 111 -1.92 4.33 5.64
N ARG A 112 -2.93 3.49 5.69
CA ARG A 112 -3.71 3.34 6.91
C ARG A 112 -3.54 1.93 7.47
N TRP A 113 -3.86 1.79 8.75
CA TRP A 113 -3.74 0.51 9.42
C TRP A 113 -5.05 0.26 10.19
N SER A 114 -5.52 -0.97 10.10
CA SER A 114 -6.75 -1.35 10.79
C SER A 114 -6.45 -1.71 12.24
N GLY A 115 -7.24 -1.13 13.13
CA GLY A 115 -7.07 -1.38 14.55
C GLY A 115 -8.19 -0.72 15.37
N PRO A 116 -7.81 -0.24 16.58
CA PRO A 116 -8.77 0.41 17.46
C PRO A 116 -9.09 1.83 16.96
N SER A 117 -10.08 1.90 16.07
CA SER A 117 -10.49 3.18 15.51
C SER A 117 -11.61 2.96 14.49
N SER A 118 -12.57 3.88 14.51
CA SER A 118 -13.70 3.80 13.59
C SER A 118 -14.51 2.53 13.88
N GLY A 119 -15.79 2.60 13.54
CA GLY A 119 -16.68 1.48 13.75
C GLY A 119 -17.76 1.82 14.78
N GLY A 1 -12.71 -31.80 36.63
CA GLY A 1 -12.61 -30.68 35.70
C GLY A 1 -13.78 -30.69 34.70
N SER A 2 -14.09 -29.52 34.18
CA SER A 2 -15.17 -29.39 33.22
C SER A 2 -14.91 -30.28 32.01
N SER A 3 -15.89 -30.33 31.13
CA SER A 3 -15.79 -31.13 29.93
C SER A 3 -14.38 -31.03 29.35
N GLY A 4 -14.01 -29.82 28.97
CA GLY A 4 -12.69 -29.57 28.41
C GLY A 4 -12.74 -28.44 27.37
N SER A 5 -12.68 -27.22 27.88
CA SER A 5 -12.73 -26.06 27.01
C SER A 5 -14.15 -25.82 26.50
N SER A 6 -14.58 -24.58 26.63
CA SER A 6 -15.92 -24.21 26.19
C SER A 6 -15.98 -22.72 25.87
N GLY A 7 -15.43 -22.37 24.71
CA GLY A 7 -15.41 -20.99 24.28
C GLY A 7 -13.97 -20.50 24.07
N MET A 8 -13.86 -19.36 23.42
CA MET A 8 -12.55 -18.77 23.15
C MET A 8 -12.69 -17.31 22.72
N SER A 9 -11.68 -16.52 23.10
CA SER A 9 -11.68 -15.11 22.74
C SER A 9 -10.27 -14.69 22.33
N GLN A 10 -10.20 -13.53 21.69
CA GLN A 10 -8.93 -12.99 21.24
C GLN A 10 -9.11 -11.58 20.67
N LEU A 11 -9.61 -10.70 21.53
CA LEU A 11 -9.84 -9.32 21.15
C LEU A 11 -8.55 -8.75 20.55
N GLY A 12 -8.67 -7.53 20.04
CA GLY A 12 -7.54 -6.86 19.42
C GLY A 12 -6.97 -7.69 18.27
N SER A 13 -5.93 -8.45 18.57
CA SER A 13 -5.28 -9.29 17.58
C SER A 13 -4.59 -8.41 16.53
N ARG A 14 -3.77 -9.06 15.72
CA ARG A 14 -3.05 -8.36 14.67
C ARG A 14 -4.01 -7.55 13.82
N GLY A 15 -3.45 -6.88 12.81
CA GLY A 15 -4.24 -6.05 11.92
C GLY A 15 -3.77 -6.20 10.48
N ARG A 16 -4.20 -5.27 9.64
CA ARG A 16 -3.84 -5.29 8.23
C ARG A 16 -3.75 -3.87 7.69
N LEU A 17 -2.74 -3.64 6.86
CA LEU A 17 -2.53 -2.33 6.27
C LEU A 17 -3.44 -2.18 5.05
N TRP A 18 -3.67 -0.93 4.68
CA TRP A 18 -4.52 -0.64 3.54
C TRP A 18 -4.34 0.84 3.18
N LEU A 19 -4.67 1.16 1.94
CA LEU A 19 -4.55 2.52 1.46
C LEU A 19 -5.90 3.22 1.55
N GLN A 20 -5.85 4.53 1.74
CA GLN A 20 -7.07 5.31 1.85
C GLN A 20 -7.09 6.42 0.79
N SER A 21 -7.98 6.25 -0.18
CA SER A 21 -8.11 7.21 -1.26
C SER A 21 -8.87 8.45 -0.77
N PRO A 22 -8.46 9.62 -1.31
CA PRO A 22 -9.09 10.88 -0.94
C PRO A 22 -10.47 11.01 -1.59
N THR A 23 -11.20 12.04 -1.16
CA THR A 23 -12.53 12.28 -1.69
C THR A 23 -13.29 10.97 -1.85
N GLY A 24 -13.08 10.09 -0.89
CA GLY A 24 -13.75 8.79 -0.91
C GLY A 24 -13.20 7.91 -2.04
N GLY A 25 -13.21 8.47 -3.24
CA GLY A 25 -12.71 7.76 -4.40
C GLY A 25 -13.07 6.27 -4.32
N PRO A 26 -12.10 5.42 -4.76
CA PRO A 26 -12.30 3.98 -4.74
C PRO A 26 -12.19 3.43 -3.31
N PRO A 27 -12.49 2.11 -3.19
CA PRO A 27 -12.43 1.45 -1.89
C PRO A 27 -10.98 1.20 -1.48
N PRO A 28 -10.79 0.96 -0.15
CA PRO A 28 -9.46 0.70 0.38
C PRO A 28 -9.00 -0.71 0.02
N ILE A 29 -7.77 -0.78 -0.47
CA ILE A 29 -7.19 -2.06 -0.86
C ILE A 29 -6.27 -2.56 0.26
N PHE A 30 -6.63 -3.71 0.81
CA PHE A 30 -5.84 -4.29 1.88
C PHE A 30 -4.67 -5.13 1.32
N LEU A 31 -3.47 -4.63 1.56
CA LEU A 31 -2.28 -5.32 1.08
C LEU A 31 -2.18 -6.69 1.75
N PRO A 32 -1.36 -7.57 1.14
CA PRO A 32 -1.17 -8.92 1.66
C PRO A 32 -0.28 -8.90 2.91
N SER A 33 -0.90 -9.23 4.03
CA SER A 33 -0.19 -9.26 5.29
C SER A 33 0.86 -10.37 5.28
N ASP A 34 0.58 -11.40 4.49
CA ASP A 34 1.49 -12.52 4.38
C ASP A 34 2.91 -12.02 4.16
N GLY A 35 2.99 -10.88 3.49
CA GLY A 35 4.29 -10.27 3.22
C GLY A 35 4.47 -10.05 1.71
N GLN A 36 3.53 -10.58 0.94
CA GLN A 36 3.59 -10.45 -0.50
C GLN A 36 3.72 -8.98 -0.90
N ALA A 37 3.81 -8.76 -2.20
CA ALA A 37 3.95 -7.41 -2.73
C ALA A 37 2.83 -7.14 -3.72
N LEU A 38 2.05 -6.10 -3.42
CA LEU A 38 0.93 -5.74 -4.27
C LEU A 38 1.40 -4.70 -5.30
N VAL A 39 1.11 -4.98 -6.56
CA VAL A 39 1.50 -4.09 -7.64
C VAL A 39 0.33 -3.18 -7.98
N LEU A 40 0.54 -1.89 -7.76
CA LEU A 40 -0.47 -0.89 -8.04
C LEU A 40 -0.19 -0.24 -9.39
N GLY A 41 -1.18 0.50 -9.88
CA GLY A 41 -1.05 1.18 -11.16
C GLY A 41 -2.40 1.27 -11.87
N ARG A 42 -2.32 1.38 -13.19
CA ARG A 42 -3.53 1.48 -14.00
C ARG A 42 -4.41 0.24 -13.79
N GLY A 43 -5.72 0.46 -13.92
CA GLY A 43 -6.67 -0.62 -13.74
C GLY A 43 -7.70 -0.28 -12.66
N PRO A 44 -8.50 -1.31 -12.29
CA PRO A 44 -9.53 -1.12 -11.28
C PRO A 44 -8.92 -1.05 -9.88
N LEU A 45 -7.59 -1.16 -9.85
CA LEU A 45 -6.87 -1.11 -8.59
C LEU A 45 -7.14 0.24 -7.89
N THR A 46 -6.74 1.30 -8.57
CA THR A 46 -6.92 2.63 -8.03
C THR A 46 -7.75 3.48 -9.01
N GLN A 47 -8.47 2.79 -9.88
CA GLN A 47 -9.30 3.46 -10.86
C GLN A 47 -8.47 4.43 -11.70
N VAL A 48 -7.17 4.17 -11.72
CA VAL A 48 -6.24 5.00 -12.48
C VAL A 48 -6.24 4.55 -13.94
N THR A 49 -6.38 5.52 -14.82
CA THR A 49 -6.38 5.23 -16.25
C THR A 49 -5.46 6.20 -16.99
N ASP A 50 -4.43 6.64 -16.29
CA ASP A 50 -3.47 7.57 -16.86
C ASP A 50 -2.37 6.77 -17.58
N ARG A 51 -2.06 7.20 -18.79
CA ARG A 51 -1.04 6.53 -19.58
C ARG A 51 0.30 6.56 -18.84
N LYS A 52 0.59 7.70 -18.22
CA LYS A 52 1.82 7.86 -17.48
C LYS A 52 1.93 6.75 -16.43
N CYS A 53 0.78 6.26 -16.01
CA CYS A 53 0.73 5.19 -15.03
C CYS A 53 1.05 3.87 -15.72
N SER A 54 1.38 2.87 -14.92
CA SER A 54 1.70 1.56 -15.44
C SER A 54 1.20 0.48 -14.49
N ARG A 55 0.66 -0.57 -15.07
CA ARG A 55 0.13 -1.68 -14.29
C ARG A 55 1.04 -1.95 -13.09
N ASN A 56 2.34 -1.81 -13.33
CA ASN A 56 3.31 -2.03 -12.27
C ASN A 56 4.17 -0.78 -12.09
N GLN A 57 3.52 0.30 -11.67
CA GLN A 57 4.19 1.56 -11.47
C GLN A 57 5.06 1.49 -10.21
N VAL A 58 4.55 0.80 -9.20
CA VAL A 58 5.27 0.65 -7.95
C VAL A 58 4.89 -0.68 -7.30
N GLU A 59 5.71 -1.10 -6.36
CA GLU A 59 5.47 -2.36 -5.66
C GLU A 59 5.27 -2.10 -4.15
N LEU A 60 4.04 -2.29 -3.71
CA LEU A 60 3.71 -2.09 -2.31
C LEU A 60 3.82 -3.41 -1.56
N ILE A 61 4.28 -3.32 -0.32
CA ILE A 61 4.43 -4.50 0.51
C ILE A 61 4.02 -4.17 1.94
N ALA A 62 3.00 -4.88 2.41
CA ALA A 62 2.49 -4.67 3.76
C ALA A 62 3.46 -5.29 4.76
N ASP A 63 3.82 -4.50 5.76
CA ASP A 63 4.74 -4.97 6.79
C ASP A 63 4.13 -4.72 8.16
N PRO A 64 3.30 -5.70 8.61
CA PRO A 64 2.65 -5.60 9.90
C PRO A 64 3.64 -5.86 11.04
N GLU A 65 4.88 -6.12 10.65
CA GLU A 65 5.92 -6.39 11.62
C GLU A 65 6.30 -5.11 12.37
N SER A 66 6.46 -4.04 11.60
CA SER A 66 6.82 -2.76 12.18
C SER A 66 5.92 -1.66 11.60
N ARG A 67 4.72 -2.05 11.25
CA ARG A 67 3.76 -1.11 10.68
C ARG A 67 4.42 -0.24 9.62
N THR A 68 5.01 -0.92 8.64
CA THR A 68 5.69 -0.22 7.56
C THR A 68 5.30 -0.82 6.21
N VAL A 69 5.81 -0.20 5.16
CA VAL A 69 5.53 -0.66 3.80
C VAL A 69 6.67 -0.24 2.88
N ALA A 70 7.04 -1.15 2.00
CA ALA A 70 8.12 -0.89 1.04
C ALA A 70 7.50 -0.54 -0.32
N VAL A 71 8.13 0.44 -0.97
CA VAL A 71 7.66 0.88 -2.28
C VAL A 71 8.81 0.79 -3.27
N LYS A 72 8.64 -0.10 -4.25
CA LYS A 72 9.66 -0.29 -5.28
C LYS A 72 9.08 0.14 -6.63
N GLN A 73 9.74 1.11 -7.24
CA GLN A 73 9.32 1.61 -8.53
C GLN A 73 9.69 0.62 -9.63
N LEU A 74 8.67 0.18 -10.36
CA LEU A 74 8.87 -0.77 -11.44
C LEU A 74 8.40 -0.14 -12.76
N GLY A 75 7.94 1.09 -12.66
CA GLY A 75 7.46 1.81 -13.82
C GLY A 75 8.58 2.66 -14.44
N VAL A 76 8.19 3.84 -14.90
CA VAL A 76 9.14 4.75 -15.51
C VAL A 76 9.10 6.09 -14.77
N ASN A 77 7.90 6.63 -14.64
CA ASN A 77 7.71 7.89 -13.95
C ASN A 77 8.19 7.76 -12.51
N PRO A 78 8.86 8.85 -12.03
CA PRO A 78 9.39 8.88 -10.68
C PRO A 78 8.25 9.07 -9.66
N SER A 79 8.14 8.11 -8.75
CA SER A 79 7.11 8.17 -7.73
C SER A 79 7.66 8.87 -6.49
N THR A 80 6.73 9.35 -5.67
CA THR A 80 7.10 10.05 -4.45
C THR A 80 6.52 9.34 -3.23
N VAL A 81 7.41 8.84 -2.39
CA VAL A 81 6.99 8.14 -1.19
C VAL A 81 6.98 9.11 0.00
N GLY A 82 5.92 9.90 0.07
CA GLY A 82 5.77 10.87 1.14
C GLY A 82 6.18 12.27 0.66
N VAL A 83 7.42 12.63 0.98
CA VAL A 83 7.94 13.93 0.59
C VAL A 83 9.30 13.74 -0.10
N GLN A 84 9.53 12.51 -0.55
CA GLN A 84 10.77 12.20 -1.23
C GLN A 84 10.49 11.58 -2.60
N GLU A 85 11.30 11.98 -3.58
CA GLU A 85 11.14 11.48 -4.93
C GLU A 85 11.93 10.18 -5.11
N LEU A 86 11.29 9.20 -5.73
CA LEU A 86 11.92 7.92 -5.97
C LEU A 86 12.52 7.90 -7.37
N LYS A 87 12.98 6.73 -7.77
CA LYS A 87 13.58 6.57 -9.09
C LYS A 87 13.20 5.19 -9.64
N PRO A 88 13.57 4.97 -10.94
CA PRO A 88 13.27 3.71 -11.59
C PRO A 88 14.22 2.61 -11.10
N GLY A 89 13.63 1.64 -10.43
CA GLY A 89 14.40 0.52 -9.91
C GLY A 89 14.80 0.76 -8.46
N LEU A 90 14.32 1.88 -7.92
CA LEU A 90 14.63 2.24 -6.56
C LEU A 90 13.62 1.57 -5.62
N SER A 91 13.78 1.84 -4.33
CA SER A 91 12.90 1.27 -3.33
C SER A 91 12.96 2.09 -2.05
N GLY A 92 11.79 2.41 -1.52
CA GLY A 92 11.70 3.18 -0.29
C GLY A 92 10.73 2.54 0.70
N SER A 93 10.41 3.29 1.74
CA SER A 93 9.51 2.80 2.77
C SER A 93 8.39 3.82 3.01
N LEU A 94 7.24 3.32 3.44
CA LEU A 94 6.11 4.17 3.71
C LEU A 94 5.62 3.93 5.15
N SER A 95 5.71 4.97 5.96
CA SER A 95 5.29 4.88 7.35
C SER A 95 3.79 5.21 7.46
N LEU A 96 3.17 4.63 8.47
CA LEU A 96 1.75 4.85 8.71
C LEU A 96 1.46 6.35 8.62
N GLY A 97 0.76 6.72 7.56
CA GLY A 97 0.39 8.11 7.35
C GLY A 97 1.08 8.67 6.10
N ASP A 98 2.23 8.10 5.78
CA ASP A 98 2.99 8.52 4.62
C ASP A 98 2.12 8.37 3.36
N VAL A 99 2.39 9.23 2.40
CA VAL A 99 1.64 9.21 1.16
C VAL A 99 2.47 8.50 0.08
N LEU A 100 1.79 8.09 -0.98
CA LEU A 100 2.45 7.40 -2.08
C LEU A 100 1.85 7.86 -3.40
N TYR A 101 2.35 8.98 -3.89
CA TYR A 101 1.88 9.53 -5.15
C TYR A 101 2.09 8.56 -6.30
N LEU A 102 1.03 7.85 -6.65
CA LEU A 102 1.08 6.88 -7.74
C LEU A 102 1.99 7.42 -8.84
N VAL A 103 1.61 8.59 -9.35
CA VAL A 103 2.37 9.22 -10.41
C VAL A 103 1.97 10.70 -10.52
N ASN A 104 2.69 11.41 -11.37
CA ASN A 104 2.42 12.82 -11.57
C ASN A 104 2.16 13.49 -10.22
N GLY A 105 2.89 13.03 -9.22
CA GLY A 105 2.74 13.56 -7.88
C GLY A 105 1.27 13.67 -7.48
N LEU A 106 0.45 12.87 -8.15
CA LEU A 106 -0.98 12.86 -7.88
C LEU A 106 -1.40 11.47 -7.42
N TYR A 107 -2.70 11.28 -7.31
CA TYR A 107 -3.25 10.01 -6.88
C TYR A 107 -2.45 9.44 -5.70
N PRO A 108 -2.45 10.22 -4.59
CA PRO A 108 -1.73 9.81 -3.39
C PRO A 108 -2.48 8.70 -2.66
N LEU A 109 -1.73 7.70 -2.23
CA LEU A 109 -2.31 6.57 -1.52
C LEU A 109 -1.77 6.55 -0.09
N THR A 110 -2.52 7.15 0.81
CA THR A 110 -2.13 7.20 2.21
C THR A 110 -2.17 5.80 2.83
N LEU A 111 -1.15 5.50 3.60
CA LEU A 111 -1.06 4.21 4.26
C LEU A 111 -1.83 4.25 5.57
N ARG A 112 -2.66 3.23 5.76
CA ARG A 112 -3.47 3.14 6.97
C ARG A 112 -3.38 1.74 7.56
N TRP A 113 -3.84 1.62 8.80
CA TRP A 113 -3.81 0.34 9.48
C TRP A 113 -5.24 0.04 9.99
N SER A 114 -5.58 -1.23 9.97
CA SER A 114 -6.89 -1.65 10.42
C SER A 114 -6.86 -1.97 11.92
N GLY A 115 -7.87 -1.47 12.62
CA GLY A 115 -7.96 -1.70 14.05
C GLY A 115 -9.04 -0.80 14.68
N PRO A 116 -9.06 -0.78 16.04
CA PRO A 116 -10.04 0.02 16.76
C PRO A 116 -9.66 1.50 16.71
N SER A 117 -10.32 2.21 15.81
CA SER A 117 -10.07 3.63 15.65
C SER A 117 -11.07 4.23 14.65
N SER A 118 -11.12 5.56 14.65
CA SER A 118 -12.02 6.26 13.75
C SER A 118 -13.47 5.93 14.09
N GLY A 119 -14.36 6.85 13.74
CA GLY A 119 -15.77 6.67 14.01
C GLY A 119 -16.42 7.98 14.44
N GLY A 1 -19.48 -2.61 2.74
CA GLY A 1 -18.14 -3.14 2.53
C GLY A 1 -17.73 -3.03 1.06
N SER A 2 -16.80 -3.89 0.68
CA SER A 2 -16.30 -3.90 -0.69
C SER A 2 -15.31 -5.03 -0.88
N SER A 3 -14.24 -5.00 -0.08
CA SER A 3 -13.21 -6.02 -0.15
C SER A 3 -13.57 -7.18 0.77
N GLY A 4 -12.90 -8.31 0.55
CA GLY A 4 -13.13 -9.49 1.35
C GLY A 4 -13.13 -9.16 2.84
N SER A 5 -14.18 -9.63 3.52
CA SER A 5 -14.31 -9.39 4.95
C SER A 5 -14.44 -10.73 5.69
N SER A 6 -13.57 -10.90 6.66
CA SER A 6 -13.57 -12.13 7.46
C SER A 6 -13.97 -11.81 8.89
N GLY A 7 -13.19 -10.93 9.52
CA GLY A 7 -13.44 -10.54 10.89
C GLY A 7 -13.45 -11.76 11.82
N MET A 8 -13.35 -11.47 13.11
CA MET A 8 -13.34 -12.53 14.10
C MET A 8 -13.76 -11.99 15.48
N SER A 9 -13.06 -10.97 15.93
CA SER A 9 -13.35 -10.36 17.21
C SER A 9 -12.30 -9.31 17.54
N GLN A 10 -12.76 -8.22 18.17
CA GLN A 10 -11.86 -7.15 18.54
C GLN A 10 -10.63 -7.69 19.25
N LEU A 11 -10.66 -7.66 20.57
CA LEU A 11 -9.56 -8.16 21.36
C LEU A 11 -9.00 -9.44 20.73
N GLY A 12 -7.72 -9.38 20.39
CA GLY A 12 -7.07 -10.53 19.77
C GLY A 12 -6.64 -10.21 18.34
N SER A 13 -7.62 -10.21 17.44
CA SER A 13 -7.37 -9.92 16.04
C SER A 13 -6.36 -8.78 15.93
N ARG A 14 -5.40 -8.97 15.03
CA ARG A 14 -4.37 -7.97 14.81
C ARG A 14 -4.83 -6.96 13.76
N GLY A 15 -4.21 -5.79 13.80
CA GLY A 15 -4.56 -4.73 12.87
C GLY A 15 -4.37 -5.19 11.42
N ARG A 16 -4.78 -4.33 10.50
CA ARG A 16 -4.67 -4.65 9.09
C ARG A 16 -4.27 -3.40 8.30
N LEU A 17 -3.24 -3.57 7.48
CA LEU A 17 -2.74 -2.46 6.67
C LEU A 17 -3.61 -2.33 5.43
N TRP A 18 -3.80 -1.08 5.01
CA TRP A 18 -4.62 -0.80 3.84
C TRP A 18 -4.37 0.66 3.43
N LEU A 19 -4.66 0.95 2.18
CA LEU A 19 -4.48 2.29 1.66
C LEU A 19 -5.82 3.02 1.66
N GLN A 20 -5.77 4.32 1.96
CA GLN A 20 -6.97 5.13 1.99
C GLN A 20 -6.96 6.14 0.84
N SER A 21 -7.73 5.81 -0.19
CA SER A 21 -7.82 6.67 -1.36
C SER A 21 -8.64 7.91 -1.03
N PRO A 22 -8.28 9.04 -1.71
CA PRO A 22 -8.96 10.30 -1.49
C PRO A 22 -10.34 10.30 -2.16
N THR A 23 -11.17 11.24 -1.74
CA THR A 23 -12.51 11.35 -2.30
C THR A 23 -12.48 11.14 -3.81
N GLY A 24 -13.62 10.74 -4.34
CA GLY A 24 -13.75 10.49 -5.77
C GLY A 24 -12.73 9.45 -6.23
N GLY A 25 -12.68 8.34 -5.51
CA GLY A 25 -11.75 7.28 -5.82
C GLY A 25 -12.30 5.92 -5.38
N PRO A 26 -11.44 4.88 -5.52
CA PRO A 26 -11.83 3.53 -5.13
C PRO A 26 -11.82 3.38 -3.61
N PRO A 27 -12.30 2.19 -3.15
CA PRO A 27 -12.34 1.90 -1.73
C PRO A 27 -10.94 1.59 -1.18
N PRO A 28 -10.87 1.44 0.17
CA PRO A 28 -9.61 1.14 0.82
C PRO A 28 -9.21 -0.32 0.60
N ILE A 29 -8.15 -0.51 -0.17
CA ILE A 29 -7.66 -1.85 -0.46
C ILE A 29 -6.76 -2.32 0.68
N PHE A 30 -6.83 -3.61 0.95
CA PHE A 30 -6.03 -4.19 2.01
C PHE A 30 -4.83 -4.96 1.44
N LEU A 31 -3.65 -4.40 1.65
CA LEU A 31 -2.43 -5.02 1.16
C LEU A 31 -2.28 -6.41 1.78
N PRO A 32 -1.46 -7.26 1.11
CA PRO A 32 -1.23 -8.62 1.58
C PRO A 32 -0.29 -8.62 2.79
N SER A 33 -0.77 -9.23 3.87
CA SER A 33 0.01 -9.31 5.09
C SER A 33 1.02 -10.45 5.00
N ASP A 34 0.65 -11.46 4.22
CA ASP A 34 1.51 -12.62 4.05
C ASP A 34 2.93 -12.14 3.71
N GLY A 35 3.01 -10.95 3.14
CA GLY A 35 4.28 -10.38 2.77
C GLY A 35 4.37 -10.12 1.26
N GLN A 36 3.37 -10.65 0.55
CA GLN A 36 3.32 -10.49 -0.89
C GLN A 36 3.55 -9.03 -1.27
N ALA A 37 3.61 -8.79 -2.58
CA ALA A 37 3.82 -7.44 -3.09
C ALA A 37 2.69 -7.08 -4.04
N LEU A 38 1.96 -6.03 -3.68
CA LEU A 38 0.85 -5.58 -4.50
C LEU A 38 1.34 -4.48 -5.45
N VAL A 39 1.45 -4.86 -6.71
CA VAL A 39 1.91 -3.93 -7.73
C VAL A 39 0.77 -2.97 -8.08
N LEU A 40 1.04 -1.68 -7.92
CA LEU A 40 0.05 -0.66 -8.21
C LEU A 40 0.29 -0.12 -9.62
N GLY A 41 -0.62 0.73 -10.06
CA GLY A 41 -0.52 1.33 -11.39
C GLY A 41 -1.90 1.52 -12.01
N ARG A 42 -1.92 1.56 -13.33
CA ARG A 42 -3.16 1.74 -14.06
C ARG A 42 -4.04 0.48 -13.93
N GLY A 43 -5.34 0.73 -13.75
CA GLY A 43 -6.28 -0.36 -13.61
C GLY A 43 -7.39 0.00 -12.62
N PRO A 44 -8.26 -1.00 -12.34
CA PRO A 44 -9.36 -0.80 -11.42
C PRO A 44 -8.86 -0.80 -9.97
N LEU A 45 -7.59 -1.12 -9.81
CA LEU A 45 -6.98 -1.15 -8.49
C LEU A 45 -7.17 0.21 -7.82
N THR A 46 -6.62 1.23 -8.46
CA THR A 46 -6.70 2.59 -7.94
C THR A 46 -7.57 3.45 -8.85
N GLN A 47 -8.17 2.80 -9.84
CA GLN A 47 -9.02 3.49 -10.79
C GLN A 47 -8.20 4.48 -11.62
N VAL A 48 -6.89 4.31 -11.56
CA VAL A 48 -5.98 5.18 -12.30
C VAL A 48 -6.00 4.79 -13.78
N THR A 49 -6.15 5.80 -14.62
CA THR A 49 -6.19 5.58 -16.05
C THR A 49 -5.24 6.55 -16.77
N ASP A 50 -4.21 6.95 -16.05
CA ASP A 50 -3.22 7.88 -16.60
C ASP A 50 -2.13 7.08 -17.31
N ARG A 51 -1.85 7.48 -18.54
CA ARG A 51 -0.82 6.82 -19.34
C ARG A 51 0.51 6.81 -18.58
N LYS A 52 0.84 7.96 -18.02
CA LYS A 52 2.07 8.09 -17.28
C LYS A 52 2.21 6.94 -16.29
N CYS A 53 1.06 6.45 -15.84
CA CYS A 53 1.03 5.34 -14.89
C CYS A 53 1.31 4.05 -15.66
N SER A 54 1.89 3.09 -14.96
CA SER A 54 2.21 1.81 -15.56
C SER A 54 1.63 0.68 -14.71
N ARG A 55 1.04 -0.29 -15.40
CA ARG A 55 0.44 -1.42 -14.74
C ARG A 55 1.31 -1.85 -13.55
N ASN A 56 2.60 -1.63 -13.69
CA ASN A 56 3.54 -1.99 -12.63
C ASN A 56 4.44 -0.79 -12.34
N GLN A 57 3.83 0.29 -11.90
CA GLN A 57 4.56 1.50 -11.58
C GLN A 57 5.47 1.27 -10.36
N VAL A 58 4.84 0.89 -9.26
CA VAL A 58 5.57 0.62 -8.03
C VAL A 58 5.03 -0.65 -7.38
N GLU A 59 5.82 -1.19 -6.45
CA GLU A 59 5.44 -2.40 -5.77
C GLU A 59 5.24 -2.12 -4.27
N LEU A 60 3.99 -2.25 -3.84
CA LEU A 60 3.65 -2.02 -2.45
C LEU A 60 3.69 -3.34 -1.69
N ILE A 61 4.23 -3.28 -0.48
CA ILE A 61 4.33 -4.46 0.36
C ILE A 61 4.00 -4.09 1.80
N ALA A 62 2.92 -4.68 2.30
CA ALA A 62 2.48 -4.42 3.66
C ALA A 62 3.41 -5.14 4.63
N ASP A 63 3.91 -4.38 5.60
CA ASP A 63 4.81 -4.93 6.60
C ASP A 63 4.23 -4.68 7.99
N PRO A 64 3.42 -5.67 8.46
CA PRO A 64 2.80 -5.58 9.77
C PRO A 64 3.81 -5.84 10.88
N GLU A 65 5.05 -6.09 10.46
CA GLU A 65 6.12 -6.36 11.41
C GLU A 65 6.49 -5.08 12.16
N SER A 66 6.54 -3.98 11.42
CA SER A 66 6.88 -2.69 12.00
C SER A 66 5.89 -1.63 11.53
N ARG A 67 4.71 -2.09 11.13
CA ARG A 67 3.67 -1.19 10.65
C ARG A 67 4.22 -0.29 9.54
N THR A 68 4.98 -0.89 8.65
CA THR A 68 5.57 -0.16 7.54
C THR A 68 5.21 -0.82 6.21
N VAL A 69 5.61 -0.16 5.13
CA VAL A 69 5.34 -0.67 3.79
C VAL A 69 6.53 -0.36 2.89
N ALA A 70 6.83 -1.30 2.00
CA ALA A 70 7.93 -1.14 1.08
C ALA A 70 7.39 -0.67 -0.28
N VAL A 71 8.18 0.17 -0.93
CA VAL A 71 7.79 0.69 -2.24
C VAL A 71 8.99 0.64 -3.18
N LYS A 72 8.90 -0.22 -4.18
CA LYS A 72 9.96 -0.37 -5.15
C LYS A 72 9.48 0.12 -6.52
N GLN A 73 10.25 1.03 -7.09
CA GLN A 73 9.92 1.59 -8.40
C GLN A 73 10.15 0.55 -9.49
N LEU A 74 9.11 0.30 -10.26
CA LEU A 74 9.19 -0.66 -11.35
C LEU A 74 8.80 0.01 -12.67
N GLY A 75 8.38 1.27 -12.54
CA GLY A 75 7.98 2.03 -13.71
C GLY A 75 9.16 2.86 -14.25
N VAL A 76 8.82 3.99 -14.85
CA VAL A 76 9.83 4.87 -15.41
C VAL A 76 9.79 6.21 -14.69
N ASN A 77 8.58 6.74 -14.55
CA ASN A 77 8.39 8.02 -13.89
C ASN A 77 8.77 7.87 -12.41
N PRO A 78 9.43 8.93 -11.87
CA PRO A 78 9.84 8.93 -10.48
C PRO A 78 8.64 9.17 -9.55
N SER A 79 8.35 8.17 -8.74
CA SER A 79 7.24 8.25 -7.81
C SER A 79 7.70 8.92 -6.51
N THR A 80 6.75 9.60 -5.87
CA THR A 80 7.04 10.29 -4.62
C THR A 80 6.54 9.48 -3.43
N VAL A 81 7.48 9.06 -2.59
CA VAL A 81 7.14 8.28 -1.42
C VAL A 81 7.11 9.20 -0.19
N GLY A 82 6.05 9.98 -0.10
CA GLY A 82 5.89 10.91 1.01
C GLY A 82 6.44 12.29 0.66
N VAL A 83 7.68 12.51 1.06
CA VAL A 83 8.34 13.79 0.80
C VAL A 83 9.65 13.54 0.04
N GLN A 84 9.78 12.32 -0.47
CA GLN A 84 10.96 11.94 -1.21
C GLN A 84 10.57 11.42 -2.60
N GLU A 85 11.39 11.77 -3.58
CA GLU A 85 11.15 11.33 -4.95
C GLU A 85 11.97 10.09 -5.27
N LEU A 86 11.27 9.05 -5.69
CA LEU A 86 11.93 7.79 -6.03
C LEU A 86 12.49 7.89 -7.45
N LYS A 87 12.96 6.76 -7.94
CA LYS A 87 13.54 6.70 -9.27
C LYS A 87 13.30 5.31 -9.87
N PRO A 88 13.62 5.19 -11.19
CA PRO A 88 13.44 3.93 -11.88
C PRO A 88 14.52 2.92 -11.49
N GLY A 89 14.24 2.19 -10.42
CA GLY A 89 15.18 1.20 -9.93
C GLY A 89 15.49 1.43 -8.44
N LEU A 90 14.86 2.45 -7.89
CA LEU A 90 15.06 2.78 -6.49
C LEU A 90 14.06 2.00 -5.63
N SER A 91 14.12 2.26 -4.33
CA SER A 91 13.23 1.59 -3.39
C SER A 91 13.09 2.41 -2.12
N GLY A 92 11.85 2.55 -1.67
CA GLY A 92 11.56 3.31 -0.47
C GLY A 92 10.56 2.58 0.42
N SER A 93 10.17 3.25 1.49
CA SER A 93 9.22 2.68 2.43
C SER A 93 8.14 3.71 2.77
N LEU A 94 6.97 3.20 3.13
CA LEU A 94 5.85 4.04 3.50
C LEU A 94 5.53 3.85 4.97
N SER A 95 5.11 4.95 5.60
CA SER A 95 4.76 4.92 7.01
C SER A 95 3.25 5.12 7.18
N LEU A 96 2.80 4.92 8.41
CA LEU A 96 1.39 5.08 8.71
C LEU A 96 1.00 6.56 8.59
N GLY A 97 0.12 6.83 7.64
CA GLY A 97 -0.33 8.19 7.41
C GLY A 97 0.40 8.82 6.22
N ASP A 98 1.54 8.23 5.89
CA ASP A 98 2.34 8.72 4.78
C ASP A 98 1.56 8.56 3.48
N VAL A 99 1.96 9.34 2.48
CA VAL A 99 1.31 9.30 1.19
C VAL A 99 2.26 8.69 0.16
N LEU A 100 1.67 8.06 -0.84
CA LEU A 100 2.45 7.44 -1.90
C LEU A 100 1.89 7.85 -3.26
N TYR A 101 2.33 9.01 -3.72
CA TYR A 101 1.89 9.53 -5.01
C TYR A 101 2.25 8.57 -6.14
N LEU A 102 1.27 7.77 -6.53
CA LEU A 102 1.47 6.82 -7.61
C LEU A 102 2.41 7.41 -8.66
N VAL A 103 1.99 8.55 -9.20
CA VAL A 103 2.78 9.23 -10.21
C VAL A 103 2.27 10.67 -10.37
N ASN A 104 2.98 11.43 -11.18
CA ASN A 104 2.62 12.82 -11.42
C ASN A 104 2.23 13.48 -10.09
N GLY A 105 2.91 13.05 -9.04
CA GLY A 105 2.65 13.59 -7.71
C GLY A 105 1.15 13.58 -7.40
N LEU A 106 0.43 12.73 -8.12
CA LEU A 106 -1.01 12.61 -7.93
C LEU A 106 -1.34 11.18 -7.52
N TYR A 107 -2.64 10.90 -7.49
CA TYR A 107 -3.11 9.58 -7.11
C TYR A 107 -2.34 9.05 -5.90
N PRO A 108 -2.47 9.80 -4.77
CA PRO A 108 -1.80 9.41 -3.54
C PRO A 108 -2.50 8.23 -2.88
N LEU A 109 -1.70 7.38 -2.25
CA LEU A 109 -2.23 6.20 -1.58
C LEU A 109 -1.81 6.24 -0.10
N THR A 110 -2.58 6.99 0.67
CA THR A 110 -2.31 7.11 2.09
C THR A 110 -2.38 5.75 2.77
N LEU A 111 -1.38 5.49 3.62
CA LEU A 111 -1.32 4.23 4.34
C LEU A 111 -2.10 4.34 5.65
N ARG A 112 -2.79 3.27 5.99
CA ARG A 112 -3.58 3.24 7.21
C ARG A 112 -3.53 1.85 7.85
N TRP A 113 -3.63 1.83 9.17
CA TRP A 113 -3.60 0.59 9.90
C TRP A 113 -4.85 0.52 10.79
N SER A 114 -5.51 -0.63 10.74
CA SER A 114 -6.72 -0.82 11.54
C SER A 114 -6.34 -1.20 12.97
N GLY A 115 -7.14 -0.73 13.91
CA GLY A 115 -6.91 -1.00 15.32
C GLY A 115 -8.18 -0.77 16.14
N PRO A 116 -7.97 -0.39 17.42
CA PRO A 116 -9.08 -0.14 18.32
C PRO A 116 -9.75 1.19 18.00
N SER A 117 -10.52 1.19 16.92
CA SER A 117 -11.22 2.39 16.49
C SER A 117 -12.58 2.02 15.89
N SER A 118 -12.52 1.19 14.86
CA SER A 118 -13.74 0.75 14.19
C SER A 118 -14.07 -0.69 14.60
N GLY A 119 -15.34 -1.02 14.51
CA GLY A 119 -15.80 -2.36 14.87
C GLY A 119 -17.30 -2.36 15.16
N GLY A 1 8.43 -40.54 6.20
CA GLY A 1 8.10 -39.67 5.10
C GLY A 1 6.58 -39.57 4.92
N SER A 2 6.04 -38.45 5.37
CA SER A 2 4.61 -38.23 5.27
C SER A 2 4.29 -36.75 5.51
N SER A 3 3.49 -36.19 4.62
CA SER A 3 3.11 -34.79 4.73
C SER A 3 1.59 -34.67 4.85
N GLY A 4 1.15 -34.28 6.04
CA GLY A 4 -0.27 -34.12 6.31
C GLY A 4 -0.50 -33.08 7.40
N SER A 5 -0.47 -31.82 6.99
CA SER A 5 -0.68 -30.72 7.92
C SER A 5 -2.18 -30.44 8.07
N SER A 6 -2.62 -30.44 9.32
CA SER A 6 -4.02 -30.20 9.62
C SER A 6 -4.18 -29.71 11.06
N GLY A 7 -4.16 -28.39 11.19
CA GLY A 7 -4.29 -27.78 12.51
C GLY A 7 -4.99 -26.42 12.41
N MET A 8 -6.31 -26.46 12.51
CA MET A 8 -7.10 -25.25 12.44
C MET A 8 -7.09 -24.50 13.79
N SER A 9 -6.41 -23.37 13.79
CA SER A 9 -6.31 -22.56 14.99
C SER A 9 -5.68 -21.21 14.66
N GLN A 10 -6.44 -20.15 14.90
CA GLN A 10 -5.96 -18.81 14.63
C GLN A 10 -7.03 -17.77 15.03
N LEU A 11 -6.60 -16.82 15.85
CA LEU A 11 -7.50 -15.78 16.31
C LEU A 11 -7.75 -14.78 15.18
N GLY A 12 -6.64 -14.20 14.71
CA GLY A 12 -6.72 -13.23 13.63
C GLY A 12 -5.50 -12.30 13.64
N SER A 13 -5.73 -11.08 13.19
CA SER A 13 -4.67 -10.09 13.14
C SER A 13 -5.01 -8.90 14.05
N ARG A 14 -3.96 -8.27 14.56
CA ARG A 14 -4.14 -7.13 15.44
C ARG A 14 -4.41 -5.87 14.63
N GLY A 15 -4.33 -6.02 13.31
CA GLY A 15 -4.57 -4.91 12.42
C GLY A 15 -4.41 -5.33 10.95
N ARG A 16 -4.67 -4.39 10.06
CA ARG A 16 -4.55 -4.66 8.64
C ARG A 16 -4.15 -3.38 7.89
N LEU A 17 -3.13 -3.52 7.06
CA LEU A 17 -2.64 -2.39 6.28
C LEU A 17 -3.49 -2.24 5.01
N TRP A 18 -3.78 -0.99 4.68
CA TRP A 18 -4.57 -0.70 3.50
C TRP A 18 -4.42 0.79 3.18
N LEU A 19 -4.54 1.10 1.89
CA LEU A 19 -4.42 2.47 1.44
C LEU A 19 -5.80 3.14 1.49
N GLN A 20 -5.79 4.43 1.80
CA GLN A 20 -7.01 5.20 1.87
C GLN A 20 -6.96 6.39 0.91
N SER A 21 -7.66 6.24 -0.20
CA SER A 21 -7.70 7.29 -1.21
C SER A 21 -8.84 8.26 -0.91
N PRO A 22 -8.52 9.59 -0.96
CA PRO A 22 -9.51 10.62 -0.70
C PRO A 22 -10.46 10.77 -1.88
N THR A 23 -11.75 10.62 -1.59
CA THR A 23 -12.77 10.74 -2.61
C THR A 23 -12.24 10.22 -3.96
N GLY A 24 -11.45 9.16 -3.87
CA GLY A 24 -10.88 8.55 -5.06
C GLY A 24 -11.95 7.82 -5.88
N GLY A 25 -12.65 6.92 -5.19
CA GLY A 25 -13.70 6.15 -5.83
C GLY A 25 -13.58 4.66 -5.49
N PRO A 26 -12.33 4.14 -5.62
CA PRO A 26 -12.08 2.74 -5.32
C PRO A 26 -12.05 2.50 -3.81
N PRO A 27 -12.36 1.22 -3.43
CA PRO A 27 -12.37 0.85 -2.03
C PRO A 27 -10.95 0.71 -1.48
N PRO A 28 -10.87 0.50 -0.15
CA PRO A 28 -9.58 0.35 0.51
C PRO A 28 -8.97 -1.02 0.22
N ILE A 29 -7.88 -1.01 -0.52
CA ILE A 29 -7.19 -2.24 -0.88
C ILE A 29 -6.40 -2.75 0.33
N PHE A 30 -6.71 -3.98 0.72
CA PHE A 30 -6.03 -4.59 1.86
C PHE A 30 -4.79 -5.36 1.41
N LEU A 31 -3.64 -4.76 1.65
CA LEU A 31 -2.38 -5.37 1.27
C LEU A 31 -2.29 -6.77 1.91
N PRO A 32 -1.37 -7.59 1.35
CA PRO A 32 -1.18 -8.95 1.84
C PRO A 32 -0.42 -8.94 3.16
N SER A 33 -0.37 -10.10 3.80
CA SER A 33 0.31 -10.25 5.06
C SER A 33 1.53 -11.17 4.90
N ASP A 34 1.43 -12.03 3.90
CA ASP A 34 2.51 -12.98 3.62
C ASP A 34 3.67 -12.24 2.95
N GLY A 35 4.12 -11.19 3.61
CA GLY A 35 5.22 -10.39 3.08
C GLY A 35 5.20 -10.36 1.55
N GLN A 36 3.98 -10.30 1.02
CA GLN A 36 3.80 -10.26 -0.43
C GLN A 36 3.95 -8.83 -0.94
N ALA A 37 3.89 -8.70 -2.26
CA ALA A 37 4.01 -7.40 -2.89
C ALA A 37 2.81 -7.17 -3.81
N LEU A 38 2.09 -6.10 -3.52
CA LEU A 38 0.91 -5.74 -4.31
C LEU A 38 1.29 -4.64 -5.30
N VAL A 39 1.36 -5.03 -6.56
CA VAL A 39 1.69 -4.08 -7.62
C VAL A 39 0.50 -3.17 -7.87
N LEU A 40 0.79 -1.86 -7.88
CA LEU A 40 -0.25 -0.87 -8.10
C LEU A 40 -0.04 -0.23 -9.48
N GLY A 41 -1.01 0.59 -9.87
CA GLY A 41 -0.93 1.26 -11.15
C GLY A 41 -2.32 1.34 -11.80
N ARG A 42 -2.32 1.46 -13.12
CA ARG A 42 -3.56 1.54 -13.87
C ARG A 42 -4.45 0.34 -13.56
N GLY A 43 -5.75 0.57 -13.60
CA GLY A 43 -6.71 -0.48 -13.33
C GLY A 43 -7.77 -0.01 -12.32
N PRO A 44 -8.69 -0.96 -11.98
CA PRO A 44 -9.75 -0.65 -11.03
C PRO A 44 -9.21 -0.61 -9.60
N LEU A 45 -7.94 -0.97 -9.47
CA LEU A 45 -7.30 -0.98 -8.16
C LEU A 45 -7.43 0.40 -7.52
N THR A 46 -6.84 1.39 -8.20
CA THR A 46 -6.90 2.75 -7.70
C THR A 46 -7.73 3.63 -8.64
N GLN A 47 -8.41 2.97 -9.56
CA GLN A 47 -9.26 3.66 -10.52
C GLN A 47 -8.41 4.62 -11.36
N VAL A 48 -7.13 4.30 -11.44
CA VAL A 48 -6.20 5.12 -12.22
C VAL A 48 -6.26 4.69 -13.69
N THR A 49 -6.49 5.68 -14.55
CA THR A 49 -6.57 5.42 -15.97
C THR A 49 -5.54 6.27 -16.73
N ASP A 50 -4.69 6.94 -15.96
CA ASP A 50 -3.66 7.78 -16.54
C ASP A 50 -2.61 6.90 -17.23
N ARG A 51 -2.25 7.30 -18.44
CA ARG A 51 -1.27 6.56 -19.21
C ARG A 51 0.09 6.63 -18.53
N LYS A 52 0.34 7.76 -17.88
CA LYS A 52 1.60 7.97 -17.18
C LYS A 52 1.76 6.90 -16.10
N CYS A 53 0.66 6.24 -15.79
CA CYS A 53 0.66 5.20 -14.78
C CYS A 53 0.85 3.85 -15.49
N SER A 54 1.69 3.01 -14.89
CA SER A 54 1.96 1.71 -15.44
C SER A 54 1.43 0.62 -14.50
N ARG A 55 0.88 -0.43 -15.10
CA ARG A 55 0.32 -1.53 -14.34
C ARG A 55 1.21 -1.83 -13.12
N ASN A 56 2.51 -1.87 -13.37
CA ASN A 56 3.47 -2.14 -12.31
C ASN A 56 4.32 -0.90 -12.08
N GLN A 57 3.64 0.19 -11.73
CA GLN A 57 4.32 1.45 -11.48
C GLN A 57 5.23 1.32 -10.25
N VAL A 58 4.63 0.86 -9.16
CA VAL A 58 5.37 0.68 -7.93
C VAL A 58 4.91 -0.61 -7.23
N GLU A 59 5.77 -1.11 -6.35
CA GLU A 59 5.46 -2.33 -5.64
C GLU A 59 5.25 -2.03 -4.15
N LEU A 60 4.04 -2.31 -3.68
CA LEU A 60 3.70 -2.08 -2.29
C LEU A 60 3.71 -3.42 -1.54
N ILE A 61 4.37 -3.39 -0.38
CA ILE A 61 4.45 -4.59 0.44
C ILE A 61 4.05 -4.25 1.87
N ALA A 62 3.03 -4.94 2.35
CA ALA A 62 2.54 -4.71 3.70
C ALA A 62 3.50 -5.34 4.70
N ASP A 63 3.80 -4.59 5.75
CA ASP A 63 4.71 -5.05 6.78
C ASP A 63 4.08 -4.81 8.16
N PRO A 64 3.24 -5.79 8.58
CA PRO A 64 2.56 -5.70 9.87
C PRO A 64 3.53 -6.00 11.01
N GLU A 65 4.77 -6.26 10.64
CA GLU A 65 5.80 -6.56 11.62
C GLU A 65 6.23 -5.28 12.34
N SER A 66 6.15 -4.18 11.61
CA SER A 66 6.53 -2.89 12.17
C SER A 66 5.60 -1.79 11.65
N ARG A 67 4.47 -2.24 11.11
CA ARG A 67 3.48 -1.31 10.58
C ARG A 67 4.13 -0.40 9.53
N THR A 68 4.85 -1.03 8.61
CA THR A 68 5.53 -0.29 7.55
C THR A 68 5.11 -0.84 6.19
N VAL A 69 5.63 -0.19 5.15
CA VAL A 69 5.32 -0.60 3.79
C VAL A 69 6.47 -0.19 2.87
N ALA A 70 6.91 -1.13 2.05
CA ALA A 70 7.99 -0.88 1.12
C ALA A 70 7.42 -0.46 -0.23
N VAL A 71 8.12 0.45 -0.89
CA VAL A 71 7.69 0.94 -2.19
C VAL A 71 8.85 0.82 -3.18
N LYS A 72 8.64 -0.01 -4.20
CA LYS A 72 9.65 -0.20 -5.21
C LYS A 72 9.06 0.14 -6.59
N GLN A 73 9.70 1.11 -7.24
CA GLN A 73 9.26 1.54 -8.55
C GLN A 73 9.74 0.57 -9.63
N LEU A 74 8.79 -0.04 -10.32
CA LEU A 74 9.11 -0.98 -11.37
C LEU A 74 8.64 -0.44 -12.71
N GLY A 75 8.16 0.81 -12.68
CA GLY A 75 7.67 1.46 -13.88
C GLY A 75 8.75 2.36 -14.48
N VAL A 76 8.29 3.47 -15.05
CA VAL A 76 9.21 4.43 -15.67
C VAL A 76 9.08 5.77 -14.97
N ASN A 77 7.84 6.21 -14.82
CA ASN A 77 7.57 7.49 -14.16
C ASN A 77 8.07 7.42 -12.72
N PRO A 78 8.72 8.54 -12.29
CA PRO A 78 9.24 8.62 -10.94
C PRO A 78 8.11 8.85 -9.93
N SER A 79 8.08 7.97 -8.92
CA SER A 79 7.08 8.05 -7.89
C SER A 79 7.64 8.79 -6.66
N THR A 80 6.73 9.30 -5.85
CA THR A 80 7.12 10.01 -4.65
C THR A 80 6.55 9.32 -3.41
N VAL A 81 7.45 8.98 -2.49
CA VAL A 81 7.05 8.31 -1.26
C VAL A 81 7.08 9.32 -0.11
N GLY A 82 5.99 10.07 0.00
CA GLY A 82 5.88 11.07 1.06
C GLY A 82 6.30 12.44 0.54
N VAL A 83 7.56 12.78 0.81
CA VAL A 83 8.09 14.07 0.39
C VAL A 83 9.42 13.84 -0.33
N GLN A 84 9.65 12.59 -0.72
CA GLN A 84 10.88 12.23 -1.41
C GLN A 84 10.55 11.54 -2.74
N GLU A 85 11.30 11.93 -3.77
CA GLU A 85 11.09 11.37 -5.09
C GLU A 85 11.87 10.05 -5.22
N LEU A 86 11.28 9.12 -5.97
CA LEU A 86 11.90 7.83 -6.18
C LEU A 86 12.47 7.78 -7.59
N LYS A 87 12.94 6.59 -7.96
CA LYS A 87 13.51 6.39 -9.29
C LYS A 87 13.11 5.01 -9.81
N PRO A 88 13.46 4.75 -11.10
CA PRO A 88 13.14 3.48 -11.72
C PRO A 88 14.09 2.38 -11.22
N GLY A 89 13.50 1.42 -10.51
CA GLY A 89 14.26 0.32 -9.98
C GLY A 89 14.69 0.59 -8.53
N LEU A 90 14.26 1.74 -8.03
CA LEU A 90 14.58 2.14 -6.67
C LEU A 90 13.58 1.49 -5.71
N SER A 91 13.77 1.77 -4.43
CA SER A 91 12.89 1.23 -3.40
C SER A 91 12.94 2.11 -2.16
N GLY A 92 11.76 2.39 -1.62
CA GLY A 92 11.66 3.22 -0.43
C GLY A 92 10.75 2.57 0.62
N SER A 93 10.39 3.36 1.61
CA SER A 93 9.53 2.86 2.68
C SER A 93 8.41 3.87 2.96
N LEU A 94 7.31 3.36 3.47
CA LEU A 94 6.16 4.20 3.78
C LEU A 94 5.68 3.91 5.20
N SER A 95 5.53 4.98 5.97
CA SER A 95 5.08 4.85 7.35
C SER A 95 3.59 5.13 7.45
N LEU A 96 3.00 4.66 8.54
CA LEU A 96 1.57 4.85 8.75
C LEU A 96 1.23 6.34 8.63
N GLY A 97 0.56 6.67 7.54
CA GLY A 97 0.18 8.05 7.28
C GLY A 97 0.87 8.59 6.04
N ASP A 98 2.12 8.20 5.87
CA ASP A 98 2.90 8.63 4.72
C ASP A 98 2.07 8.44 3.45
N VAL A 99 2.33 9.32 2.48
CA VAL A 99 1.62 9.26 1.22
C VAL A 99 2.50 8.56 0.18
N LEU A 100 1.87 8.17 -0.91
CA LEU A 100 2.58 7.49 -1.99
C LEU A 100 1.98 7.91 -3.33
N TYR A 101 2.46 9.03 -3.85
CA TYR A 101 1.98 9.55 -5.12
C TYR A 101 2.26 8.56 -6.24
N LEU A 102 1.22 7.81 -6.61
CA LEU A 102 1.34 6.83 -7.67
C LEU A 102 2.24 7.38 -8.78
N VAL A 103 1.84 8.52 -9.31
CA VAL A 103 2.59 9.16 -10.38
C VAL A 103 2.13 10.61 -10.52
N ASN A 104 2.85 11.35 -11.36
CA ASN A 104 2.52 12.75 -11.59
C ASN A 104 2.25 13.43 -10.25
N GLY A 105 2.99 13.00 -9.24
CA GLY A 105 2.82 13.56 -7.91
C GLY A 105 1.35 13.65 -7.52
N LEU A 106 0.54 12.83 -8.18
CA LEU A 106 -0.89 12.81 -7.92
C LEU A 106 -1.28 11.42 -7.42
N TYR A 107 -2.59 11.21 -7.33
CA TYR A 107 -3.11 9.93 -6.86
C TYR A 107 -2.33 9.43 -5.64
N PRO A 108 -2.36 10.27 -4.56
CA PRO A 108 -1.66 9.92 -3.33
C PRO A 108 -2.41 8.84 -2.57
N LEU A 109 -1.67 7.83 -2.14
CA LEU A 109 -2.24 6.72 -1.40
C LEU A 109 -1.75 6.78 0.05
N THR A 110 -2.67 7.09 0.95
CA THR A 110 -2.34 7.18 2.35
C THR A 110 -2.33 5.79 2.99
N LEU A 111 -1.25 5.51 3.70
CA LEU A 111 -1.10 4.22 4.36
C LEU A 111 -1.89 4.23 5.68
N ARG A 112 -2.82 3.29 5.78
CA ARG A 112 -3.63 3.18 6.99
C ARG A 112 -3.46 1.81 7.62
N TRP A 113 -3.84 1.72 8.88
CA TRP A 113 -3.73 0.48 9.62
C TRP A 113 -5.06 0.24 10.36
N SER A 114 -5.58 -0.96 10.21
CA SER A 114 -6.83 -1.32 10.86
C SER A 114 -6.59 -1.62 12.34
N GLY A 115 -7.55 -1.22 13.15
CA GLY A 115 -7.46 -1.44 14.59
C GLY A 115 -8.84 -1.50 15.23
N PRO A 116 -8.98 -2.39 16.24
CA PRO A 116 -10.24 -2.56 16.94
C PRO A 116 -10.49 -1.39 17.89
N SER A 117 -11.75 -1.00 17.98
CA SER A 117 -12.14 0.10 18.86
C SER A 117 -13.66 0.18 18.96
N SER A 118 -14.28 0.50 17.84
CA SER A 118 -15.73 0.60 17.79
C SER A 118 -16.19 1.75 18.69
N GLY A 119 -16.73 2.77 18.04
CA GLY A 119 -17.23 3.94 18.76
C GLY A 119 -16.89 5.23 18.00
N GLY A 1 13.69 -20.38 0.66
CA GLY A 1 12.72 -21.18 1.40
C GLY A 1 11.31 -20.97 0.84
N SER A 2 10.61 -22.08 0.67
CA SER A 2 9.25 -22.03 0.15
C SER A 2 8.25 -22.33 1.28
N SER A 3 7.93 -21.28 2.02
CA SER A 3 6.99 -21.40 3.12
C SER A 3 5.56 -21.25 2.60
N GLY A 4 4.72 -22.21 2.99
CA GLY A 4 3.33 -22.20 2.58
C GLY A 4 2.49 -23.14 3.43
N SER A 5 1.67 -22.56 4.30
CA SER A 5 0.82 -23.34 5.17
C SER A 5 -0.27 -24.02 4.36
N SER A 6 -0.53 -25.28 4.71
CA SER A 6 -1.54 -26.06 4.03
C SER A 6 -2.19 -27.05 5.00
N GLY A 7 -3.42 -26.73 5.36
CA GLY A 7 -4.16 -27.59 6.28
C GLY A 7 -4.92 -26.75 7.32
N MET A 8 -4.55 -26.94 8.58
CA MET A 8 -5.17 -26.22 9.67
C MET A 8 -4.97 -24.71 9.50
N SER A 9 -6.09 -23.98 9.53
CA SER A 9 -6.05 -22.54 9.39
C SER A 9 -5.79 -21.89 10.75
N GLN A 10 -4.81 -21.00 10.76
CA GLN A 10 -4.45 -20.30 11.98
C GLN A 10 -5.45 -19.17 12.26
N LEU A 11 -6.58 -19.56 12.84
CA LEU A 11 -7.62 -18.59 13.16
C LEU A 11 -7.06 -17.56 14.14
N GLY A 12 -6.93 -16.34 13.65
CA GLY A 12 -6.41 -15.25 14.46
C GLY A 12 -5.74 -14.19 13.60
N SER A 13 -6.53 -13.59 12.72
CA SER A 13 -6.03 -12.56 11.83
C SER A 13 -5.63 -11.32 12.64
N ARG A 14 -4.42 -10.85 12.39
CA ARG A 14 -3.91 -9.67 13.07
C ARG A 14 -3.99 -8.45 12.17
N GLY A 15 -3.75 -7.30 12.77
CA GLY A 15 -3.78 -6.05 12.03
C GLY A 15 -3.20 -6.22 10.62
N ARG A 16 -3.59 -5.32 9.74
CA ARG A 16 -3.12 -5.37 8.36
C ARG A 16 -3.08 -3.96 7.76
N LEU A 17 -2.02 -3.70 7.01
CA LEU A 17 -1.87 -2.39 6.38
C LEU A 17 -2.74 -2.34 5.12
N TRP A 18 -3.09 -1.12 4.75
CA TRP A 18 -3.92 -0.90 3.58
C TRP A 18 -3.79 0.56 3.17
N LEU A 19 -4.15 0.84 1.91
CA LEU A 19 -4.08 2.19 1.40
C LEU A 19 -5.47 2.82 1.47
N GLN A 20 -5.48 4.10 1.83
CA GLN A 20 -6.73 4.84 1.94
C GLN A 20 -6.85 5.85 0.79
N SER A 21 -7.56 5.43 -0.24
CA SER A 21 -7.77 6.27 -1.41
C SER A 21 -8.64 7.48 -1.02
N PRO A 22 -8.35 8.63 -1.69
CA PRO A 22 -9.10 9.85 -1.43
C PRO A 22 -10.49 9.79 -2.08
N THR A 23 -11.36 10.66 -1.60
CA THR A 23 -12.72 10.72 -2.12
C THR A 23 -12.71 10.57 -3.64
N GLY A 24 -13.88 10.25 -4.18
CA GLY A 24 -14.02 10.08 -5.61
C GLY A 24 -12.98 9.09 -6.15
N GLY A 25 -12.70 8.07 -5.35
CA GLY A 25 -11.73 7.06 -5.73
C GLY A 25 -12.22 5.66 -5.35
N PRO A 26 -11.32 4.66 -5.54
CA PRO A 26 -11.65 3.28 -5.21
C PRO A 26 -11.63 3.05 -3.71
N PRO A 27 -12.06 1.82 -3.31
CA PRO A 27 -12.09 1.47 -1.89
C PRO A 27 -10.69 1.19 -1.37
N PRO A 28 -10.61 0.97 -0.02
CA PRO A 28 -9.34 0.70 0.62
C PRO A 28 -8.87 -0.74 0.32
N ILE A 29 -7.75 -0.83 -0.37
CA ILE A 29 -7.19 -2.13 -0.71
C ILE A 29 -6.27 -2.60 0.41
N PHE A 30 -6.34 -3.90 0.69
CA PHE A 30 -5.52 -4.48 1.73
C PHE A 30 -4.40 -5.34 1.13
N LEU A 31 -3.17 -5.00 1.51
CA LEU A 31 -2.02 -5.72 1.02
C LEU A 31 -1.88 -7.04 1.78
N PRO A 32 -1.06 -7.96 1.20
CA PRO A 32 -0.84 -9.26 1.82
C PRO A 32 0.08 -9.14 3.03
N SER A 33 -0.14 -10.01 4.00
CA SER A 33 0.65 -10.01 5.21
C SER A 33 1.81 -11.00 5.07
N ASP A 34 1.53 -12.10 4.37
CA ASP A 34 2.54 -13.12 4.15
C ASP A 34 3.87 -12.46 3.77
N GLY A 35 3.75 -11.33 3.08
CA GLY A 35 4.92 -10.59 2.65
C GLY A 35 4.87 -10.30 1.14
N GLN A 36 3.82 -10.80 0.52
CA GLN A 36 3.64 -10.60 -0.91
C GLN A 36 3.73 -9.11 -1.25
N ALA A 37 3.73 -8.83 -2.55
CA ALA A 37 3.81 -7.46 -3.02
C ALA A 37 2.61 -7.17 -3.93
N LEU A 38 1.88 -6.12 -3.57
CA LEU A 38 0.72 -5.73 -4.34
C LEU A 38 1.10 -4.60 -5.30
N VAL A 39 1.19 -4.94 -6.58
CA VAL A 39 1.55 -3.97 -7.59
C VAL A 39 0.39 -3.01 -7.79
N LEU A 40 0.72 -1.72 -7.81
CA LEU A 40 -0.30 -0.69 -8.00
C LEU A 40 0.03 0.12 -9.25
N GLY A 41 -1.00 0.70 -9.84
CA GLY A 41 -0.84 1.50 -11.04
C GLY A 41 -2.17 1.69 -11.76
N ARG A 42 -2.10 1.68 -13.09
CA ARG A 42 -3.29 1.84 -13.90
C ARG A 42 -4.24 0.66 -13.70
N GLY A 43 -5.52 0.98 -13.67
CA GLY A 43 -6.54 -0.05 -13.49
C GLY A 43 -7.54 0.36 -12.41
N PRO A 44 -8.41 -0.62 -12.03
CA PRO A 44 -9.42 -0.37 -11.02
C PRO A 44 -8.79 -0.35 -9.61
N LEU A 45 -7.49 -0.58 -9.58
CA LEU A 45 -6.75 -0.59 -8.32
C LEU A 45 -6.91 0.76 -7.65
N THR A 46 -6.41 1.78 -8.32
CA THR A 46 -6.49 3.14 -7.79
C THR A 46 -7.29 4.04 -8.73
N GLN A 47 -7.97 3.39 -9.67
CA GLN A 47 -8.78 4.12 -10.63
C GLN A 47 -7.90 4.98 -11.54
N VAL A 48 -6.60 4.73 -11.45
CA VAL A 48 -5.64 5.46 -12.24
C VAL A 48 -5.73 5.01 -13.70
N THR A 49 -5.91 5.97 -14.59
CA THR A 49 -6.01 5.68 -16.00
C THR A 49 -5.13 6.62 -16.81
N ASP A 50 -3.95 6.90 -16.26
CA ASP A 50 -3.00 7.78 -16.91
C ASP A 50 -1.89 6.96 -17.55
N ARG A 51 -1.62 7.25 -18.81
CA ARG A 51 -0.58 6.54 -19.55
C ARG A 51 0.75 6.62 -18.79
N LYS A 52 1.01 7.79 -18.24
CA LYS A 52 2.24 8.01 -17.49
C LYS A 52 2.39 6.92 -16.43
N CYS A 53 1.25 6.45 -15.95
CA CYS A 53 1.23 5.41 -14.93
C CYS A 53 1.52 4.07 -15.62
N SER A 54 1.66 3.05 -14.79
CA SER A 54 1.94 1.71 -15.30
C SER A 54 1.39 0.66 -14.33
N ARG A 55 0.76 -0.35 -14.90
CA ARG A 55 0.19 -1.43 -14.10
C ARG A 55 1.10 -1.75 -12.92
N ASN A 56 2.40 -1.58 -13.14
CA ASN A 56 3.38 -1.84 -12.10
C ASN A 56 4.21 -0.59 -11.86
N GLN A 57 3.52 0.48 -11.47
CA GLN A 57 4.18 1.74 -11.20
C GLN A 57 5.04 1.63 -9.94
N VAL A 58 4.53 0.87 -8.98
CA VAL A 58 5.23 0.67 -7.73
C VAL A 58 4.88 -0.69 -7.15
N GLU A 59 5.63 -1.08 -6.12
CA GLU A 59 5.39 -2.37 -5.48
C GLU A 59 5.14 -2.17 -3.98
N LEU A 60 3.86 -2.20 -3.62
CA LEU A 60 3.48 -2.03 -2.23
C LEU A 60 3.59 -3.38 -1.50
N ILE A 61 4.17 -3.31 -0.31
CA ILE A 61 4.35 -4.51 0.49
C ILE A 61 3.96 -4.20 1.94
N ALA A 62 2.97 -4.93 2.43
CA ALA A 62 2.51 -4.75 3.80
C ALA A 62 3.52 -5.35 4.76
N ASP A 63 4.13 -4.49 5.56
CA ASP A 63 5.12 -4.92 6.53
C ASP A 63 4.61 -4.61 7.94
N PRO A 64 3.82 -5.58 8.49
CA PRO A 64 3.27 -5.43 9.82
C PRO A 64 4.35 -5.65 10.89
N GLU A 65 5.55 -5.93 10.42
CA GLU A 65 6.67 -6.17 11.31
C GLU A 65 6.63 -5.19 12.48
N SER A 66 6.08 -4.02 12.21
CA SER A 66 5.97 -2.98 13.23
C SER A 66 4.94 -1.93 12.80
N ARG A 67 5.06 -1.50 11.55
CA ARG A 67 4.15 -0.50 11.02
C ARG A 67 4.81 0.27 9.88
N THR A 68 5.01 -0.43 8.76
CA THR A 68 5.63 0.18 7.60
C THR A 68 5.20 -0.54 6.32
N VAL A 69 5.68 -0.03 5.21
CA VAL A 69 5.35 -0.61 3.92
C VAL A 69 6.46 -0.28 2.91
N ALA A 70 6.80 -1.28 2.10
CA ALA A 70 7.83 -1.10 1.10
C ALA A 70 7.20 -0.63 -0.20
N VAL A 71 7.94 0.20 -0.92
CA VAL A 71 7.47 0.72 -2.19
C VAL A 71 8.61 0.69 -3.22
N LYS A 72 8.53 -0.28 -4.11
CA LYS A 72 9.53 -0.44 -5.14
C LYS A 72 8.94 0.00 -6.49
N GLN A 73 9.62 0.95 -7.11
CA GLN A 73 9.19 1.46 -8.40
C GLN A 73 9.60 0.50 -9.52
N LEU A 74 8.61 -0.18 -10.06
CA LEU A 74 8.86 -1.13 -11.14
C LEU A 74 8.51 -0.48 -12.48
N GLY A 75 8.02 0.76 -12.40
CA GLY A 75 7.66 1.50 -13.59
C GLY A 75 8.85 2.27 -14.15
N VAL A 76 8.56 3.47 -14.64
CA VAL A 76 9.60 4.32 -15.20
C VAL A 76 9.56 5.68 -14.51
N ASN A 77 8.38 6.27 -14.52
CA ASN A 77 8.19 7.58 -13.90
C ASN A 77 8.58 7.51 -12.42
N PRO A 78 9.21 8.60 -11.94
CA PRO A 78 9.65 8.68 -10.56
C PRO A 78 8.47 8.91 -9.63
N SER A 79 8.35 8.03 -8.64
CA SER A 79 7.27 8.13 -7.67
C SER A 79 7.76 8.82 -6.40
N THR A 80 6.81 9.37 -5.65
CA THR A 80 7.14 10.07 -4.43
C THR A 80 6.50 9.35 -3.23
N VAL A 81 7.35 8.68 -2.46
CA VAL A 81 6.89 7.96 -1.29
C VAL A 81 6.90 8.89 -0.07
N GLY A 82 5.94 9.79 -0.05
CA GLY A 82 5.82 10.74 1.04
C GLY A 82 6.25 12.15 0.60
N VAL A 83 7.49 12.48 0.90
CA VAL A 83 8.03 13.78 0.54
C VAL A 83 9.40 13.58 -0.12
N GLN A 84 9.64 12.36 -0.57
CA GLN A 84 10.89 12.04 -1.23
C GLN A 84 10.62 11.43 -2.61
N GLU A 85 11.45 11.81 -3.56
CA GLU A 85 11.33 11.31 -4.92
C GLU A 85 12.07 9.99 -5.07
N LEU A 86 11.41 9.05 -5.74
CA LEU A 86 12.00 7.74 -5.97
C LEU A 86 12.57 7.68 -7.39
N LYS A 87 13.00 6.49 -7.76
CA LYS A 87 13.57 6.27 -9.09
C LYS A 87 13.10 4.93 -9.64
N PRO A 88 13.38 4.71 -10.95
CA PRO A 88 13.00 3.47 -11.60
C PRO A 88 13.91 2.33 -11.18
N GLY A 89 13.43 1.54 -10.22
CA GLY A 89 14.19 0.41 -9.72
C GLY A 89 14.61 0.63 -8.26
N LEU A 90 14.16 1.75 -7.72
CA LEU A 90 14.48 2.08 -6.34
C LEU A 90 13.43 1.45 -5.41
N SER A 91 13.63 1.67 -4.12
CA SER A 91 12.72 1.13 -3.13
C SER A 91 12.82 1.95 -1.83
N GLY A 92 11.65 2.26 -1.28
CA GLY A 92 11.60 3.03 -0.05
C GLY A 92 10.58 2.43 0.93
N SER A 93 10.28 3.19 1.96
CA SER A 93 9.34 2.74 2.98
C SER A 93 8.24 3.79 3.16
N LEU A 94 7.02 3.28 3.40
CA LEU A 94 5.88 4.16 3.59
C LEU A 94 5.32 3.95 4.99
N SER A 95 5.32 5.02 5.77
CA SER A 95 4.81 4.97 7.13
C SER A 95 3.31 5.21 7.14
N LEU A 96 2.69 4.87 8.27
CA LEU A 96 1.25 5.05 8.41
C LEU A 96 0.92 6.53 8.37
N GLY A 97 0.31 6.94 7.26
CA GLY A 97 -0.08 8.33 7.09
C GLY A 97 0.63 8.94 5.87
N ASP A 98 1.82 8.43 5.59
CA ASP A 98 2.59 8.91 4.46
C ASP A 98 1.74 8.85 3.19
N VAL A 99 2.28 9.42 2.12
CA VAL A 99 1.57 9.45 0.85
C VAL A 99 2.43 8.76 -0.21
N LEU A 100 1.75 8.17 -1.17
CA LEU A 100 2.44 7.48 -2.25
C LEU A 100 1.90 7.96 -3.60
N TYR A 101 2.50 9.05 -4.08
CA TYR A 101 2.09 9.63 -5.34
C TYR A 101 2.31 8.64 -6.49
N LEU A 102 1.26 7.94 -6.85
CA LEU A 102 1.32 6.97 -7.92
C LEU A 102 2.33 7.45 -8.98
N VAL A 103 2.05 8.63 -9.52
CA VAL A 103 2.91 9.20 -10.54
C VAL A 103 2.57 10.69 -10.70
N ASN A 104 3.40 11.37 -11.46
CA ASN A 104 3.20 12.80 -11.71
C ASN A 104 2.79 13.48 -10.40
N GLY A 105 3.46 13.10 -9.33
CA GLY A 105 3.18 13.67 -8.02
C GLY A 105 1.67 13.83 -7.82
N LEU A 106 0.91 13.00 -8.52
CA LEU A 106 -0.54 13.05 -8.43
C LEU A 106 -1.06 11.70 -7.93
N TYR A 107 -2.38 11.54 -7.99
CA TYR A 107 -3.01 10.31 -7.54
C TYR A 107 -2.31 9.76 -6.30
N PRO A 108 -2.28 10.59 -5.23
CA PRO A 108 -1.66 10.20 -3.98
C PRO A 108 -2.53 9.19 -3.23
N LEU A 109 -2.03 8.79 -2.06
CA LEU A 109 -2.75 7.84 -1.22
C LEU A 109 -2.38 8.06 0.24
N THR A 110 -3.08 7.35 1.11
CA THR A 110 -2.84 7.46 2.54
C THR A 110 -2.75 6.07 3.17
N LEU A 111 -1.52 5.66 3.45
CA LEU A 111 -1.28 4.36 4.06
C LEU A 111 -1.99 4.29 5.41
N ARG A 112 -2.73 3.21 5.60
CA ARG A 112 -3.47 3.01 6.83
C ARG A 112 -3.25 1.59 7.36
N TRP A 113 -3.67 1.38 8.60
CA TRP A 113 -3.53 0.08 9.23
C TRP A 113 -4.88 -0.30 9.84
N SER A 114 -5.12 -1.60 9.89
CA SER A 114 -6.36 -2.11 10.44
C SER A 114 -6.13 -2.65 11.86
N GLY A 115 -6.94 -2.16 12.79
CA GLY A 115 -6.83 -2.57 14.17
C GLY A 115 -8.02 -3.46 14.58
N PRO A 116 -8.31 -3.45 15.89
CA PRO A 116 -9.42 -4.24 16.42
C PRO A 116 -10.76 -3.61 16.07
N SER A 117 -11.31 -4.04 14.95
CA SER A 117 -12.59 -3.52 14.50
C SER A 117 -13.02 -4.23 13.20
N SER A 118 -14.26 -4.68 13.19
CA SER A 118 -14.80 -5.37 12.03
C SER A 118 -16.29 -5.06 11.88
N GLY A 119 -16.63 -4.51 10.73
CA GLY A 119 -18.00 -4.16 10.44
C GLY A 119 -18.18 -2.65 10.29
#